data_8CFR
#
_entry.id   8CFR
#
_cell.length_a   91.208
_cell.length_b   101.490
_cell.length_c   110.704
_cell.angle_alpha   90.00
_cell.angle_beta   114.42
_cell.angle_gamma   90.00
#
_symmetry.space_group_name_H-M   'P 1 21 1'
#
loop_
_entity.id
_entity.type
_entity.pdbx_description
1 polymer Adenosylhomocysteinase
2 non-polymer NICOTINAMIDE-ADENINE-DINUCLEOTIDE
3 non-polymer ADENINE
4 non-polymer 3-ethoxybenzene-1-carboximidamide
5 non-polymer 'POTASSIUM ION'
6 non-polymer 'PHOSPHATE ION'
7 non-polymer 'DIMETHYL SULFOXIDE'
8 water water
#
_entity_poly.entity_id   1
_entity_poly.type   'polypeptide(L)'
_entity_poly.pdbx_seq_one_letter_code
;SNAMSAVMTPAGFTDYKVADITLAAWGRRELIIAESEMPALMGLRRKYAGQQPLKGAKILGCIHMTIQTGVLIETLVALG
AEVRWSSCNIFSTQDQAAAAIAAAGIPVFAWKGETEEEYEWCIEQTILKDGQPWDANMVLDDGGDLTEILHKKYPQMLER
IHGITEETTTGVHRLLDMLKNGTLKVPAINVNDSVTKSKNDNKYGCRHSLNDAIKRGTDHLLSGKQALVIGYGDVGKGSS
QSLRQEGMIVKVAEVDPICAMQACMDGFEVVSPYKNGINDGTEASIDAALLGKIDLIVTTTGNVNVCDANMLKALKKRAV
VCNIGHFDNEIDTAFMRKNWAWEEVKPQVHKIHRTGKDGFDAHNDDYLILLAEGRLVNLGNATGHPSRIMDGSFANQVLA
QIHLFEQKYADLPAAEKAKRLSVEVLPKKLDEEVALEMVKGFGGVVTQLTPKQAEYIGVSVEGPFKPDTYRY
;
_entity_poly.pdbx_strand_id   A,B,C,D
#
# COMPACT_ATOMS: atom_id res chain seq x y z
N ALA A 11 10.55 -45.58 -23.28
CA ALA A 11 10.53 -46.30 -24.54
C ALA A 11 9.26 -47.14 -24.65
N GLY A 12 8.42 -46.81 -25.62
CA GLY A 12 7.17 -47.51 -25.83
C GLY A 12 6.01 -47.04 -24.97
N PHE A 13 6.19 -46.02 -24.14
CA PHE A 13 5.08 -45.57 -23.30
C PHE A 13 4.09 -44.76 -24.13
N THR A 14 2.83 -45.20 -24.16
CA THR A 14 1.80 -44.55 -24.94
C THR A 14 0.54 -44.22 -24.15
N ASP A 15 0.57 -44.36 -22.82
CA ASP A 15 -0.65 -44.38 -22.01
C ASP A 15 -0.96 -42.96 -21.52
N TYR A 16 -1.41 -42.13 -22.45
CA TYR A 16 -1.55 -40.70 -22.17
C TYR A 16 -2.25 -40.02 -23.34
N LYS A 17 -2.77 -38.82 -23.07
CA LYS A 17 -3.27 -37.93 -24.12
C LYS A 17 -2.91 -36.50 -23.75
N VAL A 18 -2.01 -35.89 -24.52
CA VAL A 18 -1.58 -34.52 -24.32
C VAL A 18 -1.60 -33.80 -25.68
N ALA A 19 -1.53 -32.47 -25.62
CA ALA A 19 -1.59 -31.68 -26.85
C ALA A 19 -0.42 -31.97 -27.77
N ASP A 20 0.79 -31.99 -27.21
CA ASP A 20 1.97 -32.01 -28.06
C ASP A 20 3.13 -32.50 -27.20
N ILE A 21 3.45 -33.79 -27.35
CA ILE A 21 4.52 -34.41 -26.60
C ILE A 21 5.87 -33.73 -26.85
N THR A 22 6.03 -33.00 -27.97
CA THR A 22 7.33 -32.37 -28.24
C THR A 22 7.59 -31.20 -27.30
N LEU A 23 6.59 -30.73 -26.56
CA LEU A 23 6.74 -29.71 -25.53
C LEU A 23 7.41 -30.22 -24.26
N ALA A 24 7.83 -31.49 -24.22
CA ALA A 24 8.26 -32.09 -22.96
C ALA A 24 9.61 -31.55 -22.49
N ALA A 25 10.56 -31.36 -23.42
CA ALA A 25 11.83 -30.78 -23.01
C ALA A 25 11.63 -29.40 -22.39
N TRP A 26 10.76 -28.57 -22.97
CA TRP A 26 10.42 -27.29 -22.35
C TRP A 26 9.81 -27.47 -20.97
N GLY A 27 8.76 -28.30 -20.88
CA GLY A 27 8.15 -28.57 -19.58
C GLY A 27 9.14 -29.05 -18.54
N ARG A 28 10.09 -29.92 -18.96
CA ARG A 28 11.10 -30.39 -18.03
C ARG A 28 11.98 -29.24 -17.54
N ARG A 29 12.39 -28.34 -18.43
CA ARG A 29 13.17 -27.19 -17.99
C ARG A 29 12.41 -26.41 -16.92
N GLU A 30 11.10 -26.23 -17.12
CA GLU A 30 10.32 -25.45 -16.17
C GLU A 30 10.10 -26.20 -14.89
N LEU A 31 10.06 -27.55 -14.94
CA LEU A 31 9.91 -28.31 -13.70
C LEU A 31 11.15 -28.23 -12.85
N ILE A 32 12.32 -28.30 -13.49
CA ILE A 32 13.60 -28.16 -12.80
C ILE A 32 13.73 -26.81 -12.12
N ILE A 33 13.22 -25.75 -12.77
CA ILE A 33 13.17 -24.44 -12.12
C ILE A 33 12.19 -24.47 -10.96
N ALA A 34 10.98 -24.95 -11.22
CA ALA A 34 9.93 -24.93 -10.20
C ALA A 34 10.34 -25.71 -8.96
N GLU A 35 11.07 -26.81 -9.16
CA GLU A 35 11.60 -27.54 -8.03
C GLU A 35 12.40 -26.65 -7.11
N SER A 36 13.23 -25.77 -7.68
CA SER A 36 13.98 -24.84 -6.84
C SER A 36 13.08 -23.84 -6.14
N GLU A 37 11.83 -23.71 -6.58
CA GLU A 37 10.88 -22.81 -5.98
C GLU A 37 9.96 -23.50 -5.01
N MET A 38 10.15 -24.80 -4.78
CA MET A 38 9.21 -25.58 -3.98
C MET A 38 9.95 -26.33 -2.88
N PRO A 39 10.52 -25.62 -1.89
CA PRO A 39 11.35 -26.29 -0.88
C PRO A 39 10.60 -27.25 0.04
N ALA A 40 9.32 -27.02 0.33
CA ALA A 40 8.61 -27.97 1.19
C ALA A 40 8.33 -29.28 0.47
N LEU A 41 7.74 -29.21 -0.72
CA LEU A 41 7.58 -30.39 -1.57
C LEU A 41 8.91 -31.10 -1.79
N MET A 42 9.96 -30.34 -2.14
N MET A 42 9.98 -30.35 -2.08
CA MET A 42 11.28 -30.93 -2.31
CA MET A 42 11.26 -31.00 -2.32
C MET A 42 11.80 -31.56 -1.02
C MET A 42 11.89 -31.51 -1.03
N GLY A 43 11.62 -30.86 0.10
CA GLY A 43 12.09 -31.40 1.36
C GLY A 43 11.42 -32.73 1.69
N LEU A 44 10.13 -32.85 1.38
CA LEU A 44 9.42 -34.11 1.60
C LEU A 44 10.02 -35.22 0.74
N ARG A 45 10.36 -34.89 -0.50
CA ARG A 45 11.03 -35.83 -1.40
C ARG A 45 12.30 -36.35 -0.77
N ARG A 46 13.15 -35.46 -0.26
CA ARG A 46 14.40 -35.91 0.34
C ARG A 46 14.15 -36.67 1.63
N LYS A 47 13.21 -36.19 2.45
CA LYS A 47 12.99 -36.81 3.75
C LYS A 47 12.39 -38.20 3.62
N TYR A 48 11.54 -38.43 2.62
CA TYR A 48 10.78 -39.66 2.57
C TYR A 48 11.21 -40.62 1.46
N ALA A 49 12.19 -40.23 0.64
CA ALA A 49 12.56 -41.09 -0.49
C ALA A 49 13.01 -42.46 -0.01
N GLY A 50 13.80 -42.51 1.08
CA GLY A 50 14.30 -43.78 1.56
C GLY A 50 13.21 -44.67 2.15
N GLN A 51 12.19 -44.08 2.75
CA GLN A 51 11.16 -44.88 3.40
C GLN A 51 10.15 -45.42 2.40
N GLN A 52 10.01 -44.75 1.26
CA GLN A 52 9.02 -45.11 0.24
C GLN A 52 7.60 -45.24 0.82
N PRO A 53 7.10 -44.21 1.52
CA PRO A 53 5.81 -44.36 2.21
C PRO A 53 4.64 -44.57 1.28
N LEU A 54 4.76 -44.24 0.00
CA LEU A 54 3.69 -44.38 -0.97
C LEU A 54 3.89 -45.59 -1.89
N LYS A 55 4.89 -46.42 -1.62
CA LYS A 55 5.06 -47.69 -2.31
C LYS A 55 3.78 -48.52 -2.21
N GLY A 56 3.22 -48.88 -3.35
CA GLY A 56 1.96 -49.59 -3.40
C GLY A 56 0.77 -48.69 -3.53
N ALA A 57 0.96 -47.38 -3.40
CA ALA A 57 -0.11 -46.43 -3.61
C ALA A 57 -0.38 -46.30 -5.09
N LYS A 58 -1.66 -46.19 -5.45
CA LYS A 58 -2.06 -46.01 -6.83
C LYS A 58 -3.12 -44.92 -6.83
N ILE A 59 -2.70 -43.73 -7.26
CA ILE A 59 -3.44 -42.50 -7.01
C ILE A 59 -4.12 -42.07 -8.30
N LEU A 60 -5.43 -41.93 -8.24
CA LEU A 60 -6.17 -41.15 -9.21
C LEU A 60 -6.06 -39.68 -8.83
N GLY A 61 -5.46 -38.89 -9.72
CA GLY A 61 -5.24 -37.48 -9.47
C GLY A 61 -6.02 -36.66 -10.49
N CYS A 62 -6.77 -35.67 -9.99
CA CYS A 62 -7.55 -34.76 -10.83
C CYS A 62 -7.33 -33.34 -10.35
N ILE A 63 -6.29 -32.70 -10.86
CA ILE A 63 -6.04 -31.31 -10.55
C ILE A 63 -5.29 -30.67 -11.71
N HIS A 64 -5.62 -29.40 -11.99
CA HIS A 64 -4.96 -28.54 -12.97
C HIS A 64 -3.57 -29.01 -13.32
N MET A 65 -3.38 -29.46 -14.58
CA MET A 65 -2.13 -30.08 -14.99
C MET A 65 -1.13 -28.98 -15.36
N THR A 66 -0.70 -28.26 -14.32
CA THR A 66 0.30 -27.21 -14.41
C THR A 66 1.69 -27.75 -14.09
N ILE A 67 2.67 -26.86 -14.24
CA ILE A 67 4.04 -27.16 -13.84
C ILE A 67 4.12 -27.48 -12.35
N GLN A 68 3.30 -26.80 -11.56
CA GLN A 68 3.30 -27.03 -10.12
C GLN A 68 2.72 -28.40 -9.80
N THR A 69 1.64 -28.77 -10.49
CA THR A 69 1.12 -30.12 -10.34
C THR A 69 2.14 -31.16 -10.80
N GLY A 70 2.95 -30.83 -11.81
CA GLY A 70 4.00 -31.75 -12.21
C GLY A 70 4.95 -32.10 -11.07
N VAL A 71 5.33 -31.11 -10.26
CA VAL A 71 6.27 -31.35 -9.17
C VAL A 71 5.59 -32.19 -8.09
N LEU A 72 4.31 -31.93 -7.84
CA LEU A 72 3.49 -32.79 -6.98
C LEU A 72 3.48 -34.23 -7.50
N ILE A 73 2.98 -34.43 -8.73
CA ILE A 73 2.99 -35.77 -9.34
C ILE A 73 4.34 -36.44 -9.11
N GLU A 74 5.41 -35.76 -9.50
CA GLU A 74 6.69 -36.43 -9.42
C GLU A 74 7.16 -36.59 -7.99
N THR A 75 6.60 -35.82 -7.04
CA THR A 75 6.93 -36.10 -5.65
C THR A 75 6.24 -37.37 -5.20
N LEU A 76 4.93 -37.49 -5.46
CA LEU A 76 4.23 -38.73 -5.13
C LEU A 76 4.95 -39.94 -5.74
N VAL A 77 5.28 -39.88 -7.04
CA VAL A 77 5.99 -40.98 -7.69
C VAL A 77 7.31 -41.27 -6.99
N ALA A 78 8.07 -40.22 -6.68
CA ALA A 78 9.39 -40.40 -6.07
C ALA A 78 9.28 -41.06 -4.71
N LEU A 79 8.15 -40.90 -4.05
CA LEU A 79 7.89 -41.51 -2.74
C LEU A 79 7.29 -42.90 -2.86
N GLY A 80 7.07 -43.40 -4.08
CA GLY A 80 6.68 -44.78 -4.31
C GLY A 80 5.39 -44.97 -5.06
N ALA A 81 4.59 -43.92 -5.26
CA ALA A 81 3.27 -44.08 -5.88
C ALA A 81 3.36 -44.29 -7.39
N GLU A 82 2.34 -44.96 -7.94
CA GLU A 82 1.95 -44.82 -9.33
C GLU A 82 0.69 -43.98 -9.36
N VAL A 83 0.51 -43.21 -10.44
CA VAL A 83 -0.59 -42.27 -10.55
C VAL A 83 -1.15 -42.34 -11.96
N ARG A 84 -2.40 -41.94 -12.10
CA ARG A 84 -3.01 -41.64 -13.40
C ARG A 84 -3.71 -40.29 -13.28
N TRP A 85 -3.41 -39.36 -14.18
CA TRP A 85 -3.68 -37.96 -13.93
C TRP A 85 -4.58 -37.34 -14.98
N SER A 86 -5.46 -36.45 -14.50
CA SER A 86 -6.26 -35.57 -15.34
C SER A 86 -6.32 -34.20 -14.69
N SER A 87 -6.64 -33.20 -15.51
CA SER A 87 -6.82 -31.85 -15.01
C SER A 87 -8.25 -31.70 -14.49
N CYS A 88 -8.43 -30.76 -13.56
CA CYS A 88 -9.76 -30.50 -13.04
C CYS A 88 -10.40 -29.28 -13.68
N ASN A 89 -9.82 -28.77 -14.76
CA ASN A 89 -10.46 -27.70 -15.52
C ASN A 89 -10.05 -27.84 -16.97
N ILE A 90 -10.99 -27.51 -17.87
CA ILE A 90 -10.77 -27.63 -19.31
C ILE A 90 -9.72 -26.66 -19.82
N PHE A 91 -9.45 -25.57 -19.10
CA PHE A 91 -8.56 -24.53 -19.58
C PHE A 91 -7.29 -24.39 -18.76
N SER A 92 -7.09 -25.21 -17.73
CA SER A 92 -6.03 -24.90 -16.77
C SER A 92 -4.73 -25.64 -17.02
N THR A 93 -4.76 -26.69 -17.83
CA THR A 93 -3.52 -27.39 -18.16
C THR A 93 -2.49 -26.44 -18.79
N GLN A 94 -1.24 -26.58 -18.40
CA GLN A 94 -0.13 -26.08 -19.20
C GLN A 94 0.40 -27.24 -20.04
N ASP A 95 0.27 -27.14 -21.36
CA ASP A 95 0.57 -28.27 -22.21
C ASP A 95 2.02 -28.74 -22.07
N GLN A 96 2.95 -27.83 -21.78
CA GLN A 96 4.33 -28.30 -21.61
C GLN A 96 4.47 -29.12 -20.33
N ALA A 97 3.67 -28.83 -19.31
CA ALA A 97 3.73 -29.62 -18.08
C ALA A 97 3.14 -31.01 -18.31
N ALA A 98 1.98 -31.06 -18.97
CA ALA A 98 1.38 -32.32 -19.34
C ALA A 98 2.33 -33.15 -20.21
N ALA A 99 3.05 -32.50 -21.12
CA ALA A 99 3.91 -33.26 -22.01
C ALA A 99 5.12 -33.79 -21.26
N ALA A 100 5.66 -33.00 -20.32
CA ALA A 100 6.80 -33.47 -19.55
C ALA A 100 6.41 -34.69 -18.71
N ILE A 101 5.23 -34.66 -18.13
CA ILE A 101 4.78 -35.77 -17.31
C ILE A 101 4.56 -37.00 -18.17
N ALA A 102 3.94 -36.83 -19.34
CA ALA A 102 3.77 -37.96 -20.26
C ALA A 102 5.12 -38.56 -20.66
N ALA A 103 6.09 -37.70 -21.00
CA ALA A 103 7.39 -38.20 -21.42
C ALA A 103 8.14 -38.91 -20.29
N ALA A 104 7.80 -38.63 -19.03
CA ALA A 104 8.41 -39.31 -17.91
C ALA A 104 7.76 -40.66 -17.63
N GLY A 105 6.82 -41.08 -18.47
CA GLY A 105 6.23 -42.39 -18.33
C GLY A 105 5.04 -42.43 -17.41
N ILE A 106 4.42 -41.29 -17.14
CA ILE A 106 3.33 -41.18 -16.18
C ILE A 106 2.04 -40.97 -16.95
N PRO A 107 0.98 -41.75 -16.72
CA PRO A 107 -0.26 -41.56 -17.50
C PRO A 107 -0.93 -40.24 -17.12
N VAL A 108 -1.17 -39.41 -18.14
CA VAL A 108 -1.79 -38.09 -17.95
C VAL A 108 -2.65 -37.81 -19.18
N PHE A 109 -3.83 -37.25 -18.92
CA PHE A 109 -4.84 -37.05 -19.95
C PHE A 109 -5.27 -35.62 -19.73
N ALA A 110 -4.60 -34.69 -20.45
CA ALA A 110 -4.79 -33.30 -20.11
C ALA A 110 -4.26 -32.39 -21.19
N TRP A 111 -5.07 -31.40 -21.57
CA TRP A 111 -4.58 -30.35 -22.44
C TRP A 111 -5.40 -29.10 -22.25
N LYS A 112 -4.78 -27.95 -22.58
CA LYS A 112 -5.49 -26.69 -22.47
C LYS A 112 -6.54 -26.57 -23.56
N GLY A 113 -7.76 -26.19 -23.18
CA GLY A 113 -8.81 -26.05 -24.17
C GLY A 113 -9.64 -27.28 -24.45
N GLU A 114 -9.77 -28.21 -23.49
CA GLU A 114 -10.67 -29.33 -23.66
C GLU A 114 -12.11 -28.85 -23.80
N THR A 115 -12.92 -29.60 -24.54
CA THR A 115 -14.36 -29.49 -24.40
C THR A 115 -14.81 -30.21 -23.13
N GLU A 116 -16.08 -29.98 -22.76
CA GLU A 116 -16.64 -30.65 -21.58
C GLU A 116 -16.66 -32.16 -21.76
N GLU A 117 -16.98 -32.63 -22.97
CA GLU A 117 -16.96 -34.06 -23.27
C GLU A 117 -15.56 -34.63 -23.11
N GLU A 118 -14.57 -33.95 -23.68
CA GLU A 118 -13.18 -34.38 -23.51
C GLU A 118 -12.74 -34.33 -22.06
N TYR A 119 -13.26 -33.36 -21.31
CA TYR A 119 -12.94 -33.26 -19.90
C TYR A 119 -13.40 -34.51 -19.15
N GLU A 120 -14.66 -34.89 -19.35
CA GLU A 120 -15.18 -36.11 -18.73
C GLU A 120 -14.39 -37.33 -19.19
N TRP A 121 -14.06 -37.38 -20.49
CA TRP A 121 -13.28 -38.49 -21.02
C TRP A 121 -11.92 -38.61 -20.35
N CYS A 122 -11.25 -37.47 -20.11
CA CYS A 122 -9.91 -37.51 -19.52
C CYS A 122 -9.96 -38.10 -18.11
N ILE A 123 -10.96 -37.73 -17.33
CA ILE A 123 -11.06 -38.31 -15.99
C ILE A 123 -11.26 -39.82 -16.08
N GLU A 124 -12.13 -40.25 -17.01
CA GLU A 124 -12.37 -41.68 -17.20
C GLU A 124 -11.12 -42.42 -17.61
N GLN A 125 -10.22 -41.78 -18.35
CA GLN A 125 -8.98 -42.45 -18.69
C GLN A 125 -8.08 -42.64 -17.47
N THR A 126 -8.19 -41.82 -16.43
CA THR A 126 -7.44 -42.12 -15.22
C THR A 126 -8.04 -43.34 -14.51
N ILE A 127 -9.37 -43.42 -14.51
CA ILE A 127 -10.09 -44.45 -13.78
C ILE A 127 -9.92 -45.81 -14.45
N LEU A 128 -10.03 -45.85 -15.77
CA LEU A 128 -9.91 -47.11 -16.51
C LEU A 128 -8.48 -47.27 -17.00
N LYS A 129 -7.94 -48.48 -16.87
CA LYS A 129 -6.68 -48.80 -17.54
C LYS A 129 -6.95 -50.02 -18.40
N ASP A 130 -6.68 -49.91 -19.70
CA ASP A 130 -7.01 -50.94 -20.68
C ASP A 130 -8.50 -51.30 -20.61
N GLY A 131 -9.35 -50.29 -20.50
CA GLY A 131 -10.77 -50.54 -20.53
C GLY A 131 -11.38 -51.08 -19.25
N GLN A 132 -10.57 -51.41 -18.25
CA GLN A 132 -11.00 -51.97 -16.97
C GLN A 132 -10.69 -51.01 -15.84
N PRO A 133 -11.47 -51.02 -14.77
CA PRO A 133 -11.13 -50.19 -13.61
C PRO A 133 -9.67 -50.40 -13.21
N TRP A 134 -8.93 -49.31 -13.12
CA TRP A 134 -7.57 -49.38 -12.60
C TRP A 134 -7.59 -49.80 -11.13
N ASP A 135 -6.55 -50.51 -10.70
CA ASP A 135 -6.46 -50.91 -9.30
C ASP A 135 -6.07 -49.71 -8.44
N ALA A 136 -6.87 -48.66 -8.54
CA ALA A 136 -6.59 -47.48 -7.74
C ALA A 136 -6.84 -47.77 -6.26
N ASN A 137 -6.14 -47.03 -5.40
CA ASN A 137 -6.44 -47.12 -3.99
C ASN A 137 -6.33 -45.78 -3.29
N MET A 138 -6.02 -44.69 -4.02
CA MET A 138 -5.94 -43.36 -3.44
C MET A 138 -6.53 -42.37 -4.43
N VAL A 139 -7.11 -41.29 -3.91
CA VAL A 139 -7.68 -40.25 -4.76
C VAL A 139 -7.15 -38.90 -4.32
N LEU A 140 -6.69 -38.11 -5.29
CA LEU A 140 -6.33 -36.72 -5.07
C LEU A 140 -7.20 -35.87 -6.00
N ASP A 141 -8.00 -34.99 -5.43
CA ASP A 141 -9.03 -34.30 -6.19
C ASP A 141 -8.98 -32.80 -5.87
N ASP A 142 -9.52 -32.01 -6.78
CA ASP A 142 -9.53 -30.55 -6.69
C ASP A 142 -10.89 -30.15 -7.25
N GLY A 143 -11.86 -29.89 -6.39
CA GLY A 143 -13.18 -29.55 -6.87
C GLY A 143 -14.21 -30.66 -6.78
N GLY A 144 -13.77 -31.90 -6.58
CA GLY A 144 -14.68 -33.02 -6.38
C GLY A 144 -15.26 -33.69 -7.62
N ASP A 145 -14.80 -33.33 -8.81
CA ASP A 145 -15.37 -33.93 -10.02
C ASP A 145 -15.02 -35.41 -10.10
N LEU A 146 -13.76 -35.76 -9.86
CA LEU A 146 -13.35 -37.16 -9.87
C LEU A 146 -14.03 -37.93 -8.74
N THR A 147 -14.05 -37.34 -7.53
CA THR A 147 -14.74 -37.94 -6.40
C THR A 147 -16.18 -38.28 -6.77
N GLU A 148 -16.87 -37.34 -7.41
CA GLU A 148 -18.27 -37.55 -7.75
C GLU A 148 -18.43 -38.68 -8.77
N ILE A 149 -17.55 -38.75 -9.77
CA ILE A 149 -17.65 -39.81 -10.78
C ILE A 149 -17.46 -41.17 -10.13
N LEU A 150 -16.46 -41.31 -9.26
CA LEU A 150 -16.24 -42.57 -8.57
C LEU A 150 -17.46 -42.97 -7.75
N HIS A 151 -18.09 -42.02 -7.06
CA HIS A 151 -19.25 -42.39 -6.24
C HIS A 151 -20.43 -42.76 -7.10
N LYS A 152 -20.65 -42.04 -8.19
CA LYS A 152 -21.86 -42.24 -8.97
C LYS A 152 -21.71 -43.39 -9.94
N LYS A 153 -20.51 -43.60 -10.48
CA LYS A 153 -20.34 -44.56 -11.57
C LYS A 153 -19.44 -45.72 -11.22
N TYR A 154 -18.54 -45.60 -10.23
CA TYR A 154 -17.60 -46.67 -9.90
C TYR A 154 -17.55 -47.01 -8.42
N PRO A 155 -18.70 -47.22 -7.77
CA PRO A 155 -18.65 -47.55 -6.33
C PRO A 155 -17.77 -48.75 -6.02
N GLN A 156 -17.68 -49.74 -6.91
CA GLN A 156 -16.85 -50.91 -6.61
C GLN A 156 -15.38 -50.53 -6.51
N MET A 157 -14.95 -49.48 -7.22
CA MET A 157 -13.57 -49.03 -7.07
C MET A 157 -13.33 -48.41 -5.71
N LEU A 158 -14.33 -47.71 -5.17
CA LEU A 158 -14.14 -47.05 -3.88
C LEU A 158 -13.98 -48.05 -2.74
N GLU A 159 -14.51 -49.28 -2.89
CA GLU A 159 -14.29 -50.29 -1.86
C GLU A 159 -12.81 -50.48 -1.56
N ARG A 160 -11.96 -50.31 -2.56
CA ARG A 160 -10.52 -50.54 -2.44
C ARG A 160 -9.73 -49.25 -2.32
N ILE A 161 -10.39 -48.10 -2.22
CA ILE A 161 -9.72 -46.81 -2.08
C ILE A 161 -9.64 -46.44 -0.60
N HIS A 162 -8.42 -46.08 -0.15
CA HIS A 162 -8.18 -45.75 1.25
C HIS A 162 -8.56 -44.34 1.64
N GLY A 163 -8.69 -43.42 0.69
CA GLY A 163 -9.01 -42.06 1.06
C GLY A 163 -9.00 -41.13 -0.13
N ILE A 164 -9.49 -39.91 0.12
CA ILE A 164 -9.47 -38.80 -0.84
C ILE A 164 -8.78 -37.63 -0.16
N THR A 165 -7.84 -37.00 -0.85
CA THR A 165 -7.24 -35.74 -0.38
C THR A 165 -7.74 -34.64 -1.28
N GLU A 166 -8.64 -33.81 -0.76
CA GLU A 166 -9.35 -32.81 -1.54
C GLU A 166 -8.71 -31.44 -1.37
N GLU A 167 -8.50 -30.75 -2.49
CA GLU A 167 -7.68 -29.54 -2.59
C GLU A 167 -8.40 -28.27 -2.21
N THR A 168 -9.67 -28.12 -2.55
CA THR A 168 -10.22 -26.78 -2.61
C THR A 168 -11.54 -26.69 -1.87
N THR A 169 -11.91 -25.45 -1.54
CA THR A 169 -13.09 -25.21 -0.70
C THR A 169 -14.31 -25.87 -1.30
N THR A 170 -14.52 -25.69 -2.62
CA THR A 170 -15.68 -26.28 -3.27
C THR A 170 -15.65 -27.80 -3.17
N GLY A 171 -14.48 -28.39 -3.29
CA GLY A 171 -14.39 -29.84 -3.15
C GLY A 171 -14.74 -30.30 -1.76
N VAL A 172 -14.31 -29.56 -0.75
CA VAL A 172 -14.62 -29.91 0.63
C VAL A 172 -16.13 -29.81 0.89
N HIS A 173 -16.75 -28.73 0.44
CA HIS A 173 -18.19 -28.62 0.61
C HIS A 173 -18.92 -29.83 0.02
N ARG A 174 -18.49 -30.32 -1.15
CA ARG A 174 -19.19 -31.47 -1.73
C ARG A 174 -18.93 -32.73 -0.93
N LEU A 175 -17.73 -32.89 -0.38
CA LEU A 175 -17.46 -34.03 0.50
C LEU A 175 -18.35 -33.99 1.71
N LEU A 176 -18.49 -32.81 2.32
CA LEU A 176 -19.30 -32.69 3.52
C LEU A 176 -20.76 -32.94 3.22
N ASP A 177 -21.23 -32.51 2.04
CA ASP A 177 -22.58 -32.86 1.65
C ASP A 177 -22.75 -34.37 1.59
N MET A 178 -21.79 -35.07 0.97
CA MET A 178 -21.88 -36.53 0.95
C MET A 178 -21.87 -37.10 2.36
N LEU A 179 -20.99 -36.60 3.22
CA LEU A 179 -20.90 -37.11 4.58
C LEU A 179 -22.21 -36.94 5.33
N LYS A 180 -22.78 -35.73 5.32
CA LYS A 180 -24.04 -35.55 6.03
C LYS A 180 -25.13 -36.43 5.45
N ASN A 181 -25.03 -36.78 4.17
CA ASN A 181 -26.03 -37.65 3.53
C ASN A 181 -25.74 -39.13 3.66
N GLY A 182 -24.63 -39.52 4.29
CA GLY A 182 -24.25 -40.91 4.34
C GLY A 182 -23.85 -41.49 3.00
N THR A 183 -23.51 -40.67 2.02
CA THR A 183 -23.10 -41.17 0.73
C THR A 183 -21.59 -41.19 0.55
N LEU A 184 -20.83 -40.56 1.45
CA LEU A 184 -19.38 -40.57 1.34
C LEU A 184 -18.86 -41.96 1.63
N LYS A 185 -18.12 -42.55 0.68
CA LYS A 185 -17.75 -43.96 0.83
C LYS A 185 -16.36 -44.17 1.42
N VAL A 186 -15.48 -43.18 1.35
CA VAL A 186 -14.11 -43.30 1.87
C VAL A 186 -13.77 -42.02 2.61
N PRO A 187 -12.82 -42.09 3.53
CA PRO A 187 -12.50 -40.90 4.34
C PRO A 187 -11.73 -39.89 3.51
N ALA A 188 -11.83 -38.61 3.89
CA ALA A 188 -11.12 -37.57 3.16
C ALA A 188 -10.22 -36.78 4.11
N ILE A 189 -9.14 -36.24 3.58
CA ILE A 189 -8.44 -35.16 4.24
C ILE A 189 -8.73 -33.89 3.45
N ASN A 190 -9.25 -32.89 4.16
CA ASN A 190 -9.47 -31.53 3.68
C ASN A 190 -8.12 -30.85 3.70
N VAL A 191 -7.43 -30.86 2.56
CA VAL A 191 -6.16 -30.18 2.46
C VAL A 191 -6.36 -28.66 2.45
N ASN A 192 -7.52 -28.20 1.95
CA ASN A 192 -7.77 -26.76 1.81
C ASN A 192 -7.63 -26.05 3.15
N ASP A 193 -7.99 -26.72 4.24
CA ASP A 193 -8.09 -26.06 5.54
C ASP A 193 -6.75 -25.94 6.27
N SER A 194 -5.65 -26.52 5.77
CA SER A 194 -4.35 -26.16 6.34
C SER A 194 -4.15 -24.64 6.16
N VAL A 195 -3.48 -24.01 7.12
CA VAL A 195 -3.21 -22.58 6.93
C VAL A 195 -2.23 -22.37 5.79
N THR A 196 -1.25 -23.29 5.63
CA THR A 196 -0.32 -23.28 4.48
C THR A 196 -0.96 -23.68 3.18
N LYS A 197 -2.29 -23.82 3.20
CA LYS A 197 -3.08 -23.94 1.98
C LYS A 197 -4.07 -22.78 1.93
N SER A 198 -5.12 -22.78 2.76
CA SER A 198 -6.14 -21.74 2.71
C SER A 198 -5.57 -20.32 2.72
N LYS A 199 -4.72 -19.99 3.69
CA LYS A 199 -4.29 -18.59 3.82
C LYS A 199 -2.97 -18.32 3.12
N ASN A 200 -2.68 -19.06 2.06
CA ASN A 200 -1.45 -18.99 1.31
C ASN A 200 -1.83 -19.11 -0.16
N ASP A 201 -2.47 -20.23 -0.48
CA ASP A 201 -2.92 -20.52 -1.84
C ASP A 201 -4.14 -19.68 -2.18
N ASN A 202 -5.20 -19.85 -1.40
CA ASN A 202 -6.47 -19.24 -1.73
C ASN A 202 -6.35 -17.73 -1.78
N LYS A 203 -5.60 -17.14 -0.85
CA LYS A 203 -5.53 -15.68 -0.76
C LYS A 203 -4.36 -15.16 -1.58
N TYR A 204 -3.13 -15.51 -1.17
CA TYR A 204 -1.96 -14.93 -1.80
C TYR A 204 -1.76 -15.45 -3.21
N GLY A 205 -2.18 -16.67 -3.49
CA GLY A 205 -2.08 -17.16 -4.86
C GLY A 205 -2.94 -16.35 -5.79
N CYS A 206 -4.14 -16.02 -5.35
CA CYS A 206 -5.02 -15.19 -6.17
C CYS A 206 -4.52 -13.75 -6.25
N ARG A 207 -3.87 -13.26 -5.19
CA ARG A 207 -3.25 -11.94 -5.25
C ARG A 207 -2.25 -11.86 -6.40
N HIS A 208 -1.39 -12.87 -6.49
CA HIS A 208 -0.40 -12.95 -7.54
C HIS A 208 -1.05 -13.12 -8.91
N SER A 209 -1.94 -14.09 -9.04
CA SER A 209 -2.30 -14.59 -10.36
C SER A 209 -3.55 -13.94 -10.95
N LEU A 210 -4.34 -13.20 -10.16
CA LEU A 210 -5.54 -12.57 -10.73
C LEU A 210 -5.18 -11.42 -11.67
N ASN A 211 -4.51 -10.38 -11.15
CA ASN A 211 -4.11 -9.31 -12.06
CA ASN A 211 -4.08 -9.31 -12.04
C ASN A 211 -3.20 -9.86 -13.15
N ASP A 212 -2.47 -10.94 -12.85
CA ASP A 212 -1.68 -11.62 -13.89
C ASP A 212 -2.58 -12.05 -15.05
N ALA A 213 -3.65 -12.81 -14.77
CA ALA A 213 -4.50 -13.30 -15.86
C ALA A 213 -5.19 -12.16 -16.59
N ILE A 214 -5.59 -11.12 -15.87
CA ILE A 214 -6.29 -10.02 -16.50
C ILE A 214 -5.36 -9.27 -17.44
N LYS A 215 -4.09 -9.12 -17.07
CA LYS A 215 -3.13 -8.47 -17.95
C LYS A 215 -2.88 -9.30 -19.20
N ARG A 216 -2.71 -10.61 -19.03
CA ARG A 216 -2.43 -11.46 -20.19
C ARG A 216 -3.61 -11.47 -21.14
N GLY A 217 -4.82 -11.46 -20.60
CA GLY A 217 -6.04 -11.55 -21.38
C GLY A 217 -6.43 -10.28 -22.11
N THR A 218 -6.26 -9.14 -21.45
CA THR A 218 -6.73 -7.87 -21.99
C THR A 218 -5.62 -6.85 -22.16
N ASP A 219 -4.51 -6.99 -21.43
CA ASP A 219 -3.49 -5.95 -21.34
C ASP A 219 -4.09 -4.60 -20.94
N HIS A 220 -5.19 -4.61 -20.19
CA HIS A 220 -5.82 -3.36 -19.73
C HIS A 220 -5.04 -2.75 -18.57
N LEU A 221 -4.89 -1.43 -18.61
CA LEU A 221 -4.48 -0.70 -17.43
C LEU A 221 -5.51 -0.93 -16.34
N LEU A 222 -5.04 -1.23 -15.13
CA LEU A 222 -5.98 -1.37 -14.03
C LEU A 222 -6.02 -0.15 -13.13
N SER A 223 -4.88 0.54 -12.97
CA SER A 223 -4.83 1.71 -12.09
C SER A 223 -5.86 2.76 -12.49
N GLY A 224 -6.52 3.34 -11.49
CA GLY A 224 -7.54 4.35 -11.72
C GLY A 224 -8.89 3.84 -12.14
N LYS A 225 -9.05 2.54 -12.35
CA LYS A 225 -10.30 2.01 -12.90
C LYS A 225 -11.09 1.33 -11.80
N GLN A 226 -12.39 1.15 -12.04
CA GLN A 226 -13.33 0.70 -11.02
C GLN A 226 -13.54 -0.82 -11.12
N ALA A 227 -13.27 -1.53 -10.04
CA ALA A 227 -13.48 -2.97 -9.91
C ALA A 227 -14.55 -3.28 -8.85
N LEU A 228 -15.34 -4.33 -9.11
CA LEU A 228 -16.30 -4.88 -8.16
C LEU A 228 -15.96 -6.35 -7.97
N VAL A 229 -15.56 -6.71 -6.75
CA VAL A 229 -15.22 -8.08 -6.42
C VAL A 229 -16.41 -8.67 -5.68
N ILE A 230 -16.96 -9.76 -6.20
CA ILE A 230 -18.08 -10.42 -5.55
C ILE A 230 -17.51 -11.46 -4.61
N GLY A 231 -17.55 -11.18 -3.32
CA GLY A 231 -17.05 -12.16 -2.37
C GLY A 231 -15.80 -11.64 -1.69
N TYR A 232 -15.66 -11.97 -0.41
CA TYR A 232 -14.51 -11.52 0.38
C TYR A 232 -14.09 -12.62 1.36
N GLY A 233 -14.21 -13.88 0.91
CA GLY A 233 -13.54 -15.01 1.55
C GLY A 233 -12.06 -14.95 1.29
N ASP A 234 -11.38 -16.09 1.39
CA ASP A 234 -9.95 -16.10 1.14
C ASP A 234 -9.61 -15.66 -0.29
N VAL A 235 -10.32 -16.20 -1.26
CA VAL A 235 -10.07 -15.86 -2.65
C VAL A 235 -10.44 -14.41 -2.91
N GLY A 236 -11.62 -14.00 -2.40
CA GLY A 236 -12.03 -12.62 -2.54
C GLY A 236 -11.05 -11.65 -1.91
N LYS A 237 -10.55 -11.97 -0.72
CA LYS A 237 -9.55 -11.10 -0.09
C LYS A 237 -8.33 -10.95 -0.99
N GLY A 238 -7.78 -12.08 -1.46
CA GLY A 238 -6.58 -12.01 -2.28
C GLY A 238 -6.83 -11.33 -3.61
N SER A 239 -8.00 -11.58 -4.19
CA SER A 239 -8.38 -10.96 -5.46
C SER A 239 -8.53 -9.45 -5.32
N SER A 240 -9.23 -9.02 -4.25
CA SER A 240 -9.30 -7.60 -3.96
C SER A 240 -7.92 -6.99 -3.84
N GLN A 241 -7.01 -7.64 -3.11
CA GLN A 241 -5.66 -7.10 -3.00
C GLN A 241 -4.96 -7.07 -4.35
N SER A 242 -5.17 -8.12 -5.17
CA SER A 242 -4.59 -8.18 -6.52
C SER A 242 -4.91 -6.93 -7.32
N LEU A 243 -6.16 -6.48 -7.24
CA LEU A 243 -6.60 -5.32 -7.98
C LEU A 243 -6.23 -4.02 -7.27
N ARG A 244 -6.41 -3.96 -5.93
CA ARG A 244 -6.09 -2.73 -5.23
C ARG A 244 -4.60 -2.41 -5.33
N GLN A 245 -3.73 -3.42 -5.23
CA GLN A 245 -2.32 -3.10 -5.31
C GLN A 245 -1.93 -2.58 -6.70
N GLU A 246 -2.76 -2.82 -7.71
CA GLU A 246 -2.53 -2.28 -9.05
C GLU A 246 -3.11 -0.88 -9.22
N GLY A 247 -3.81 -0.37 -8.20
CA GLY A 247 -4.35 0.97 -8.24
C GLY A 247 -5.80 1.04 -8.63
N MET A 248 -6.48 -0.10 -8.71
CA MET A 248 -7.92 -0.07 -8.95
C MET A 248 -8.63 0.52 -7.75
N ILE A 249 -9.79 1.13 -8.01
CA ILE A 249 -10.73 1.47 -6.97
C ILE A 249 -11.64 0.26 -6.81
N VAL A 250 -11.42 -0.52 -5.75
CA VAL A 250 -12.08 -1.81 -5.60
C VAL A 250 -13.25 -1.67 -4.64
N LYS A 251 -14.45 -2.03 -5.09
CA LYS A 251 -15.60 -2.22 -4.23
C LYS A 251 -15.84 -3.71 -4.03
N VAL A 252 -16.35 -4.08 -2.85
CA VAL A 252 -16.50 -5.48 -2.45
C VAL A 252 -17.97 -5.73 -2.09
N ALA A 253 -18.52 -6.85 -2.58
CA ALA A 253 -19.84 -7.32 -2.21
C ALA A 253 -19.70 -8.59 -1.40
N GLU A 254 -20.57 -8.75 -0.39
CA GLU A 254 -20.49 -9.92 0.47
C GLU A 254 -21.88 -10.22 1.01
N VAL A 255 -22.14 -11.49 1.29
CA VAL A 255 -23.32 -11.83 2.06
C VAL A 255 -22.96 -12.09 3.52
N ASP A 256 -21.69 -12.29 3.81
CA ASP A 256 -21.26 -12.56 5.18
C ASP A 256 -20.85 -11.24 5.81
N PRO A 257 -21.61 -10.71 6.77
CA PRO A 257 -21.25 -9.41 7.36
C PRO A 257 -19.87 -9.41 8.01
N ILE A 258 -19.44 -10.53 8.60
CA ILE A 258 -18.09 -10.57 9.15
C ILE A 258 -17.07 -10.34 8.04
N CYS A 259 -17.26 -11.00 6.89
CA CYS A 259 -16.35 -10.77 5.77
C CYS A 259 -16.47 -9.35 5.25
N ALA A 260 -17.70 -8.82 5.16
CA ALA A 260 -17.86 -7.42 4.77
C ALA A 260 -17.12 -6.49 5.73
N MET A 261 -17.18 -6.78 7.02
N MET A 261 -17.18 -6.78 7.02
CA MET A 261 -16.52 -5.93 8.02
CA MET A 261 -16.51 -5.92 8.00
C MET A 261 -15.02 -5.91 7.79
C MET A 261 -15.02 -5.89 7.77
N GLN A 262 -14.44 -7.07 7.51
CA GLN A 262 -13.03 -7.12 7.14
C GLN A 262 -12.74 -6.27 5.91
N ALA A 263 -13.63 -6.30 4.90
CA ALA A 263 -13.39 -5.53 3.69
C ALA A 263 -13.41 -4.04 3.99
N CYS A 264 -14.38 -3.59 4.80
CA CYS A 264 -14.39 -2.22 5.28
C CYS A 264 -13.08 -1.88 5.95
N MET A 265 -12.70 -2.65 6.98
CA MET A 265 -11.49 -2.35 7.72
C MET A 265 -10.26 -2.41 6.84
N ASP A 266 -10.27 -3.26 5.80
CA ASP A 266 -9.15 -3.31 4.87
C ASP A 266 -9.12 -2.12 3.91
N GLY A 267 -10.07 -1.18 4.01
CA GLY A 267 -10.03 -0.01 3.15
C GLY A 267 -10.89 -0.08 1.91
N PHE A 268 -11.84 -1.01 1.85
CA PHE A 268 -12.71 -1.19 0.70
C PHE A 268 -14.12 -0.71 1.02
N GLU A 269 -14.78 -0.18 0.00
CA GLU A 269 -16.19 0.17 0.08
C GLU A 269 -17.02 -1.08 -0.23
N VAL A 270 -17.94 -1.40 0.66
CA VAL A 270 -18.76 -2.59 0.52
C VAL A 270 -20.09 -2.17 -0.07
N VAL A 271 -20.41 -2.74 -1.23
CA VAL A 271 -21.60 -2.39 -2.00
C VAL A 271 -22.30 -3.67 -2.40
N SER A 272 -23.58 -3.53 -2.79
CA SER A 272 -24.30 -4.67 -3.32
C SER A 272 -24.75 -4.39 -4.74
N PRO A 273 -24.80 -5.42 -5.60
CA PRO A 273 -25.34 -5.22 -6.95
C PRO A 273 -26.80 -4.86 -6.94
N TYR A 274 -27.48 -5.02 -5.80
CA TYR A 274 -28.92 -4.82 -5.70
C TYR A 274 -29.22 -3.74 -4.69
N LYS A 275 -30.23 -2.93 -4.99
CA LYS A 275 -30.64 -1.88 -4.06
C LYS A 275 -30.96 -2.50 -2.71
N ASN A 276 -30.27 -2.01 -1.68
CA ASN A 276 -30.42 -2.48 -0.31
C ASN A 276 -30.07 -3.95 -0.17
N GLY A 277 -29.30 -4.46 -1.13
CA GLY A 277 -28.85 -5.85 -1.14
C GLY A 277 -29.92 -6.89 -1.35
N ILE A 278 -31.07 -6.53 -1.90
CA ILE A 278 -32.19 -7.45 -2.00
C ILE A 278 -32.28 -7.93 -3.45
N ASN A 279 -31.86 -9.18 -3.68
CA ASN A 279 -31.80 -9.78 -5.01
C ASN A 279 -33.11 -10.51 -5.25
N ASP A 280 -34.04 -9.87 -5.96
CA ASP A 280 -35.38 -10.41 -6.21
C ASP A 280 -35.61 -10.82 -7.67
N GLY A 281 -34.55 -10.96 -8.46
CA GLY A 281 -34.69 -11.42 -9.83
C GLY A 281 -35.14 -10.39 -10.84
N THR A 282 -35.44 -9.17 -10.43
CA THR A 282 -35.96 -8.16 -11.33
C THR A 282 -34.85 -7.20 -11.76
N GLU A 283 -34.91 -6.74 -13.01
CA GLU A 283 -33.98 -5.72 -13.46
C GLU A 283 -34.05 -4.50 -12.56
N ALA A 284 -35.25 -4.18 -12.06
CA ALA A 284 -35.43 -3.00 -11.24
C ALA A 284 -34.64 -3.05 -9.94
N SER A 285 -34.24 -4.24 -9.49
CA SER A 285 -33.46 -4.36 -8.27
C SER A 285 -32.00 -4.02 -8.46
N ILE A 286 -31.50 -4.08 -9.70
CA ILE A 286 -30.09 -3.79 -9.96
C ILE A 286 -29.81 -2.32 -9.65
N ASP A 287 -28.69 -2.08 -8.96
CA ASP A 287 -28.14 -0.73 -8.80
C ASP A 287 -27.40 -0.37 -10.09
N ALA A 288 -28.15 0.19 -11.05
CA ALA A 288 -27.61 0.43 -12.39
C ALA A 288 -26.58 1.55 -12.42
N ALA A 289 -26.71 2.53 -11.52
CA ALA A 289 -25.68 3.55 -11.42
C ALA A 289 -24.34 2.93 -11.04
N LEU A 290 -24.37 2.01 -10.08
CA LEU A 290 -23.15 1.35 -9.64
C LEU A 290 -22.55 0.51 -10.76
N LEU A 291 -23.35 -0.40 -11.32
CA LEU A 291 -22.83 -1.33 -12.32
C LEU A 291 -22.38 -0.61 -13.59
N GLY A 292 -23.03 0.50 -13.92
CA GLY A 292 -22.63 1.30 -15.06
C GLY A 292 -21.34 2.07 -14.87
N LYS A 293 -20.69 1.92 -13.71
CA LYS A 293 -19.40 2.56 -13.45
C LYS A 293 -18.28 1.54 -13.33
N ILE A 294 -18.62 0.25 -13.30
CA ILE A 294 -17.66 -0.82 -13.02
C ILE A 294 -16.93 -1.20 -14.29
N ASP A 295 -15.61 -1.20 -14.24
CA ASP A 295 -14.79 -1.58 -15.38
C ASP A 295 -14.42 -3.05 -15.36
N LEU A 296 -14.62 -3.74 -14.24
CA LEU A 296 -14.10 -5.09 -14.03
C LEU A 296 -14.90 -5.70 -12.89
N ILE A 297 -15.55 -6.82 -13.15
CA ILE A 297 -16.18 -7.59 -12.10
C ILE A 297 -15.50 -8.95 -12.02
N VAL A 298 -15.26 -9.41 -10.79
CA VAL A 298 -14.57 -10.66 -10.51
C VAL A 298 -15.41 -11.40 -9.47
N THR A 299 -15.83 -12.63 -9.79
CA THR A 299 -16.59 -13.45 -8.84
C THR A 299 -15.63 -14.37 -8.11
N THR A 300 -15.83 -14.50 -6.78
CA THR A 300 -14.88 -15.26 -5.99
C THR A 300 -15.56 -16.19 -4.97
N THR A 301 -16.83 -16.52 -5.16
CA THR A 301 -17.68 -16.97 -4.06
C THR A 301 -17.76 -18.48 -3.88
N GLY A 302 -17.58 -19.27 -4.94
CA GLY A 302 -17.96 -20.68 -4.89
C GLY A 302 -19.45 -20.90 -4.96
N ASN A 303 -20.22 -19.86 -5.22
CA ASN A 303 -21.66 -19.87 -5.20
C ASN A 303 -22.16 -19.85 -6.63
N VAL A 304 -23.48 -19.70 -6.78
CA VAL A 304 -24.13 -19.81 -8.08
C VAL A 304 -24.73 -18.45 -8.44
N ASN A 305 -24.49 -18.02 -9.67
CA ASN A 305 -25.15 -16.87 -10.25
C ASN A 305 -25.00 -15.62 -9.38
N VAL A 306 -23.77 -15.33 -8.97
CA VAL A 306 -23.47 -14.10 -8.23
C VAL A 306 -23.15 -12.93 -9.16
N CYS A 307 -22.87 -13.20 -10.44
CA CYS A 307 -22.86 -12.20 -11.48
C CYS A 307 -23.92 -12.65 -12.47
N ASP A 308 -25.14 -12.16 -12.32
CA ASP A 308 -26.30 -12.71 -12.97
C ASP A 308 -26.63 -11.94 -14.26
N ALA A 309 -27.69 -12.37 -14.94
CA ALA A 309 -28.01 -11.80 -16.24
C ALA A 309 -28.28 -10.30 -16.14
N ASN A 310 -29.11 -9.91 -15.17
CA ASN A 310 -29.47 -8.50 -15.02
C ASN A 310 -28.27 -7.65 -14.68
N MET A 311 -27.36 -8.18 -13.86
CA MET A 311 -26.09 -7.52 -13.64
C MET A 311 -25.32 -7.34 -14.95
N LEU A 312 -25.20 -8.43 -15.72
CA LEU A 312 -24.52 -8.38 -17.02
C LEU A 312 -25.16 -7.35 -17.94
N LYS A 313 -26.49 -7.27 -17.93
CA LYS A 313 -27.16 -6.25 -18.72
C LYS A 313 -26.77 -4.85 -18.28
N ALA A 314 -26.54 -4.66 -16.98
CA ALA A 314 -26.34 -3.31 -16.48
C ALA A 314 -24.88 -2.89 -16.48
N LEU A 315 -23.96 -3.83 -16.64
CA LEU A 315 -22.55 -3.48 -16.58
C LEU A 315 -22.23 -2.40 -17.60
N LYS A 316 -21.34 -1.50 -17.20
CA LYS A 316 -20.77 -0.48 -18.07
C LYS A 316 -20.24 -1.10 -19.37
N LYS A 317 -20.36 -0.38 -20.48
CA LYS A 317 -19.90 -0.92 -21.75
C LYS A 317 -18.41 -1.23 -21.70
N ARG A 318 -18.04 -2.38 -22.27
CA ARG A 318 -16.65 -2.83 -22.40
C ARG A 318 -16.03 -3.20 -21.07
N ALA A 319 -16.83 -3.36 -20.02
CA ALA A 319 -16.31 -3.92 -18.77
C ALA A 319 -15.80 -5.35 -19.00
N VAL A 320 -14.81 -5.73 -18.19
CA VAL A 320 -14.25 -7.09 -18.15
C VAL A 320 -14.99 -7.90 -17.10
N VAL A 321 -15.34 -9.13 -17.47
CA VAL A 321 -16.09 -10.05 -16.62
C VAL A 321 -15.26 -11.30 -16.45
N CYS A 322 -15.02 -11.70 -15.19
CA CYS A 322 -14.25 -12.92 -14.98
C CYS A 322 -14.59 -13.55 -13.63
N ASN A 323 -14.16 -14.80 -13.50
CA ASN A 323 -14.48 -15.61 -12.35
C ASN A 323 -13.23 -16.32 -11.90
N ILE A 324 -12.91 -16.20 -10.61
CA ILE A 324 -11.76 -16.93 -10.09
C ILE A 324 -12.22 -18.01 -9.11
N GLY A 325 -13.52 -18.21 -8.98
CA GLY A 325 -14.05 -19.36 -8.24
C GLY A 325 -13.84 -20.65 -9.05
N HIS A 326 -14.14 -21.79 -8.40
CA HIS A 326 -13.78 -23.07 -8.99
C HIS A 326 -14.63 -23.37 -10.23
N PHE A 327 -15.91 -22.98 -10.24
CA PHE A 327 -16.84 -23.40 -11.29
C PHE A 327 -17.42 -22.20 -12.00
N ASP A 328 -17.74 -22.37 -13.30
CA ASP A 328 -18.06 -21.19 -14.09
C ASP A 328 -19.49 -20.71 -13.88
N ASN A 329 -20.30 -21.41 -13.11
CA ASN A 329 -21.67 -20.95 -12.92
C ASN A 329 -21.74 -19.76 -11.97
N GLU A 330 -20.60 -19.24 -11.54
CA GLU A 330 -20.64 -18.01 -10.78
C GLU A 330 -21.18 -16.86 -11.63
N ILE A 331 -20.84 -16.85 -12.92
CA ILE A 331 -21.40 -15.90 -13.86
C ILE A 331 -22.49 -16.64 -14.64
N ASP A 332 -23.52 -15.91 -15.08
CA ASP A 332 -24.54 -16.50 -15.95
C ASP A 332 -24.08 -16.43 -17.41
N THR A 333 -23.08 -17.27 -17.72
CA THR A 333 -22.62 -17.40 -19.10
C THR A 333 -23.63 -18.10 -19.99
N ALA A 334 -24.46 -18.98 -19.41
CA ALA A 334 -25.54 -19.58 -20.18
C ALA A 334 -26.43 -18.51 -20.79
N PHE A 335 -26.86 -17.54 -19.96
CA PHE A 335 -27.69 -16.46 -20.44
C PHE A 335 -27.01 -15.69 -21.57
N MET A 336 -25.70 -15.52 -21.48
CA MET A 336 -24.98 -14.76 -22.49
C MET A 336 -24.84 -15.56 -23.80
N ARG A 337 -24.57 -16.87 -23.69
CA ARG A 337 -24.58 -17.73 -24.87
C ARG A 337 -25.94 -17.71 -25.54
N LYS A 338 -27.01 -17.72 -24.73
CA LYS A 338 -28.35 -17.80 -25.29
C LYS A 338 -28.78 -16.49 -25.96
N ASN A 339 -28.34 -15.34 -25.43
CA ASN A 339 -28.91 -14.07 -25.88
C ASN A 339 -27.96 -13.20 -26.70
N TRP A 340 -26.64 -13.40 -26.61
CA TRP A 340 -25.68 -12.44 -27.13
C TRP A 340 -24.68 -13.13 -28.05
N ALA A 341 -24.13 -12.35 -28.98
CA ALA A 341 -23.13 -12.87 -29.92
C ALA A 341 -21.75 -12.84 -29.29
N TRP A 342 -21.02 -13.95 -29.44
CA TRP A 342 -19.66 -14.08 -28.94
C TRP A 342 -18.66 -13.89 -30.06
N GLU A 343 -17.70 -12.99 -29.86
CA GLU A 343 -16.60 -12.78 -30.79
C GLU A 343 -15.31 -13.12 -30.06
N GLU A 344 -14.63 -14.14 -30.53
CA GLU A 344 -13.35 -14.49 -29.92
C GLU A 344 -12.33 -13.43 -30.25
N VAL A 345 -11.67 -12.89 -29.24
CA VAL A 345 -10.50 -12.06 -29.46
C VAL A 345 -9.28 -12.93 -29.70
N LYS A 346 -9.09 -13.87 -28.80
CA LYS A 346 -8.04 -14.87 -28.83
C LYS A 346 -8.49 -15.95 -27.87
N PRO A 347 -7.79 -17.09 -27.82
CA PRO A 347 -8.20 -18.13 -26.86
C PRO A 347 -8.40 -17.55 -25.46
N GLN A 348 -9.52 -17.92 -24.85
CA GLN A 348 -9.91 -17.54 -23.49
C GLN A 348 -10.24 -16.07 -23.35
N VAL A 349 -10.47 -15.35 -24.45
CA VAL A 349 -10.88 -13.96 -24.40
C VAL A 349 -11.96 -13.73 -25.45
N HIS A 350 -13.17 -13.42 -25.00
CA HIS A 350 -14.28 -13.18 -25.89
C HIS A 350 -14.90 -11.82 -25.63
N LYS A 351 -15.26 -11.12 -26.70
CA LYS A 351 -16.14 -9.99 -26.60
C LYS A 351 -17.55 -10.52 -26.75
N ILE A 352 -18.43 -10.06 -25.87
CA ILE A 352 -19.80 -10.54 -25.83
C ILE A 352 -20.70 -9.35 -26.12
N HIS A 353 -21.24 -9.31 -27.34
CA HIS A 353 -21.97 -8.14 -27.82
C HIS A 353 -23.41 -8.22 -27.36
N ARG A 354 -23.86 -7.19 -26.64
CA ARG A 354 -25.19 -7.17 -26.06
C ARG A 354 -26.24 -6.66 -27.04
N THR A 355 -25.84 -6.41 -28.29
CA THR A 355 -26.75 -5.94 -29.33
C THR A 355 -27.70 -7.04 -29.81
N GLY A 356 -27.40 -8.29 -29.56
CA GLY A 356 -28.22 -9.38 -30.04
C GLY A 356 -27.39 -10.63 -30.25
N LYS A 357 -28.06 -11.67 -30.73
CA LYS A 357 -27.45 -12.99 -30.85
C LYS A 357 -26.85 -13.22 -32.23
N ASP A 358 -27.64 -12.97 -33.28
CA ASP A 358 -27.30 -13.43 -34.63
C ASP A 358 -25.88 -13.11 -35.05
N GLY A 359 -25.60 -11.85 -35.33
CA GLY A 359 -24.24 -11.47 -35.64
C GLY A 359 -23.82 -10.28 -34.80
N PHE A 360 -22.71 -9.66 -35.14
CA PHE A 360 -22.33 -8.44 -34.43
C PHE A 360 -21.65 -7.49 -35.39
N ASP A 361 -21.79 -6.21 -35.09
CA ASP A 361 -20.96 -5.19 -35.72
C ASP A 361 -19.54 -5.30 -35.17
N ALA A 362 -18.56 -5.40 -36.07
CA ALA A 362 -17.17 -5.53 -35.62
C ALA A 362 -16.73 -4.32 -34.80
N HIS A 363 -17.34 -3.16 -35.03
CA HIS A 363 -17.06 -1.92 -34.29
C HIS A 363 -18.17 -1.57 -33.31
N ASN A 364 -18.96 -2.55 -32.89
CA ASN A 364 -19.95 -2.32 -31.84
C ASN A 364 -19.24 -1.92 -30.55
N ASP A 365 -19.74 -0.88 -29.89
CA ASP A 365 -19.17 -0.46 -28.62
C ASP A 365 -19.82 -1.15 -27.42
N ASP A 366 -20.97 -1.80 -27.60
CA ASP A 366 -21.70 -2.38 -26.46
C ASP A 366 -21.38 -3.86 -26.37
N TYR A 367 -20.24 -4.17 -25.77
CA TYR A 367 -19.87 -5.55 -25.50
C TYR A 367 -19.24 -5.61 -24.13
N LEU A 368 -19.21 -6.82 -23.55
CA LEU A 368 -18.38 -7.11 -22.40
C LEU A 368 -17.23 -8.00 -22.83
N ILE A 369 -16.16 -7.99 -22.06
CA ILE A 369 -15.03 -8.88 -22.33
C ILE A 369 -15.06 -9.98 -21.26
N LEU A 370 -15.33 -11.20 -21.69
CA LEU A 370 -15.38 -12.35 -20.79
C LEU A 370 -14.06 -13.08 -20.88
N LEU A 371 -13.44 -13.37 -19.74
CA LEU A 371 -12.20 -14.09 -19.73
C LEU A 371 -12.47 -15.56 -19.39
N ALA A 372 -11.71 -16.44 -20.06
CA ALA A 372 -11.68 -17.89 -19.81
C ALA A 372 -13.05 -18.53 -19.92
N GLU A 373 -13.96 -17.89 -20.64
CA GLU A 373 -15.37 -18.30 -20.74
C GLU A 373 -15.98 -18.55 -19.36
N GLY A 374 -15.54 -17.76 -18.38
CA GLY A 374 -16.10 -17.83 -17.06
C GLY A 374 -15.47 -18.86 -16.18
N ARG A 375 -14.55 -19.66 -16.73
CA ARG A 375 -13.79 -20.62 -15.95
C ARG A 375 -12.72 -19.90 -15.16
N LEU A 376 -12.13 -20.61 -14.19
CA LEU A 376 -11.13 -20.00 -13.31
C LEU A 376 -10.14 -19.15 -14.10
N VAL A 377 -10.17 -17.83 -13.89
CA VAL A 377 -9.44 -16.92 -14.77
C VAL A 377 -7.92 -17.01 -14.56
N ASN A 378 -7.46 -17.24 -13.33
CA ASN A 378 -6.02 -17.28 -13.09
C ASN A 378 -5.37 -18.46 -13.82
N LEU A 379 -6.03 -19.62 -13.87
CA LEU A 379 -5.46 -20.75 -14.60
C LEU A 379 -5.79 -20.68 -16.08
N GLY A 380 -6.93 -20.11 -16.43
CA GLY A 380 -7.34 -20.07 -17.81
C GLY A 380 -6.55 -19.08 -18.65
N ASN A 381 -6.29 -17.89 -18.11
CA ASN A 381 -5.61 -16.83 -18.86
C ASN A 381 -4.18 -16.58 -18.42
N ALA A 382 -3.72 -17.22 -17.35
CA ALA A 382 -2.30 -17.19 -17.02
C ALA A 382 -1.91 -18.60 -16.58
N THR A 383 -1.10 -18.75 -15.53
CA THR A 383 -0.65 -20.07 -15.14
C THR A 383 -1.05 -20.40 -13.70
N GLY A 384 -2.11 -19.77 -13.20
CA GLY A 384 -2.51 -19.99 -11.82
C GLY A 384 -1.47 -19.48 -10.85
N HIS A 385 -1.50 -20.06 -9.64
CA HIS A 385 -0.61 -19.63 -8.57
C HIS A 385 0.83 -20.00 -8.90
N PRO A 386 1.78 -19.27 -8.36
CA PRO A 386 3.19 -19.60 -8.57
C PRO A 386 3.67 -20.78 -7.71
N SER A 387 4.80 -21.33 -8.16
CA SER A 387 5.33 -22.53 -7.54
C SER A 387 5.58 -22.34 -6.05
N ARG A 388 6.16 -21.21 -5.64
CA ARG A 388 6.50 -21.03 -4.23
C ARG A 388 5.26 -21.02 -3.36
N ILE A 389 4.11 -20.61 -3.90
CA ILE A 389 2.86 -20.71 -3.16
C ILE A 389 2.30 -22.13 -3.23
N MET A 390 2.32 -22.74 -4.43
CA MET A 390 1.76 -24.08 -4.56
C MET A 390 2.57 -25.07 -3.77
N ASP A 391 3.84 -24.73 -3.49
CA ASP A 391 4.67 -25.55 -2.60
C ASP A 391 3.92 -25.92 -1.32
N GLY A 392 3.27 -24.92 -0.69
CA GLY A 392 2.57 -25.18 0.56
C GLY A 392 1.38 -26.10 0.38
N SER A 393 0.48 -25.77 -0.55
CA SER A 393 -0.65 -26.64 -0.82
C SER A 393 -0.20 -28.06 -1.13
N PHE A 394 0.81 -28.19 -1.97
CA PHE A 394 1.15 -29.53 -2.45
C PHE A 394 2.01 -30.30 -1.45
N ALA A 395 2.74 -29.62 -0.56
CA ALA A 395 3.32 -30.38 0.56
C ALA A 395 2.22 -30.93 1.47
N ASN A 396 1.15 -30.17 1.66
CA ASN A 396 0.02 -30.69 2.41
C ASN A 396 -0.59 -31.89 1.73
N GLN A 397 -0.74 -31.82 0.40
CA GLN A 397 -1.27 -32.96 -0.37
C GLN A 397 -0.47 -34.22 -0.14
N VAL A 398 0.86 -34.11 -0.26
CA VAL A 398 1.70 -35.28 -0.08
C VAL A 398 1.53 -35.85 1.33
N LEU A 399 1.62 -34.99 2.36
CA LEU A 399 1.42 -35.46 3.73
C LEU A 399 0.05 -36.12 3.90
N ALA A 400 -0.98 -35.56 3.24
CA ALA A 400 -2.30 -36.14 3.38
C ALA A 400 -2.37 -37.50 2.68
N GLN A 401 -1.75 -37.61 1.50
CA GLN A 401 -1.70 -38.90 0.81
C GLN A 401 -0.98 -39.90 1.69
N ILE A 402 0.17 -39.51 2.25
CA ILE A 402 0.91 -40.42 3.11
C ILE A 402 0.04 -40.87 4.27
N HIS A 403 -0.69 -39.95 4.89
CA HIS A 403 -1.46 -40.33 6.07
C HIS A 403 -2.59 -41.29 5.72
N LEU A 404 -3.43 -40.94 4.74
CA LEU A 404 -4.57 -41.81 4.41
C LEU A 404 -4.10 -43.15 3.83
N PHE A 405 -3.01 -43.16 3.07
CA PHE A 405 -2.57 -44.42 2.50
C PHE A 405 -2.10 -45.36 3.59
N GLU A 406 -1.33 -44.84 4.55
CA GLU A 406 -0.83 -45.63 5.66
C GLU A 406 -1.96 -46.09 6.59
N GLN A 407 -3.05 -45.32 6.66
CA GLN A 407 -4.19 -45.78 7.46
C GLN A 407 -4.94 -46.96 6.85
N LYS A 408 -4.87 -47.15 5.52
CA LYS A 408 -5.40 -48.37 4.88
C LYS A 408 -6.89 -48.63 5.23
N TYR A 409 -7.70 -47.57 5.12
CA TYR A 409 -9.13 -47.68 5.42
C TYR A 409 -9.82 -48.83 4.68
N ALA A 410 -9.47 -49.04 3.41
CA ALA A 410 -10.19 -50.04 2.62
C ALA A 410 -10.02 -51.43 3.16
N ASP A 411 -8.88 -51.69 3.82
CA ASP A 411 -8.63 -52.97 4.45
C ASP A 411 -9.24 -53.10 5.83
N LEU A 412 -9.86 -52.04 6.37
CA LEU A 412 -10.35 -52.16 7.74
C LEU A 412 -11.68 -52.94 7.79
N PRO A 413 -11.95 -53.63 8.89
CA PRO A 413 -13.27 -54.25 9.05
C PRO A 413 -14.36 -53.18 9.00
N ALA A 414 -15.59 -53.61 8.64
CA ALA A 414 -16.71 -52.66 8.51
C ALA A 414 -16.87 -51.80 9.75
N ALA A 415 -16.76 -52.41 10.94
CA ALA A 415 -16.96 -51.68 12.18
C ALA A 415 -15.91 -50.58 12.32
N GLU A 416 -14.66 -50.88 11.98
CA GLU A 416 -13.60 -49.87 12.12
C GLU A 416 -13.70 -48.81 11.03
N LYS A 417 -14.09 -49.20 9.81
CA LYS A 417 -14.37 -48.18 8.79
C LYS A 417 -15.33 -47.15 9.35
N ALA A 418 -16.40 -47.62 9.99
CA ALA A 418 -17.47 -46.74 10.41
C ALA A 418 -16.95 -45.67 11.36
N LYS A 419 -15.99 -46.04 12.22
CA LYS A 419 -15.39 -45.07 13.13
C LYS A 419 -14.45 -44.11 12.42
N ARG A 420 -13.94 -44.48 11.24
CA ARG A 420 -12.94 -43.66 10.59
C ARG A 420 -13.46 -42.90 9.39
N LEU A 421 -14.73 -43.06 9.02
CA LEU A 421 -15.32 -42.40 7.85
C LEU A 421 -15.59 -40.94 8.21
N SER A 422 -14.65 -40.06 7.89
CA SER A 422 -14.82 -38.66 8.23
C SER A 422 -14.05 -37.81 7.24
N VAL A 423 -14.26 -36.50 7.35
CA VAL A 423 -13.43 -35.53 6.65
C VAL A 423 -12.61 -34.81 7.71
N GLU A 424 -11.29 -34.95 7.63
CA GLU A 424 -10.37 -34.45 8.62
C GLU A 424 -9.36 -33.51 7.97
N VAL A 425 -8.70 -32.74 8.82
CA VAL A 425 -7.62 -31.84 8.41
C VAL A 425 -6.32 -32.41 8.95
N LEU A 426 -5.22 -31.95 8.38
CA LEU A 426 -3.91 -32.36 8.87
C LEU A 426 -3.65 -31.75 10.24
N PRO A 427 -2.93 -32.45 11.11
CA PRO A 427 -2.58 -31.89 12.43
C PRO A 427 -1.81 -30.59 12.28
N LYS A 428 -2.08 -29.65 13.19
CA LYS A 428 -1.39 -28.35 13.16
C LYS A 428 0.12 -28.52 13.14
N LYS A 429 0.66 -29.54 13.83
CA LYS A 429 2.11 -29.70 13.82
C LYS A 429 2.65 -29.77 12.40
N LEU A 430 1.96 -30.52 11.53
CA LEU A 430 2.42 -30.68 10.15
C LEU A 430 2.27 -29.38 9.37
N ASP A 431 1.09 -28.75 9.48
CA ASP A 431 0.88 -27.41 8.93
C ASP A 431 2.06 -26.49 9.28
N GLU A 432 2.46 -26.48 10.55
CA GLU A 432 3.60 -25.68 11.00
C GLU A 432 4.90 -26.12 10.34
N GLU A 433 5.10 -27.44 10.21
CA GLU A 433 6.34 -27.93 9.61
C GLU A 433 6.42 -27.53 8.14
N VAL A 434 5.30 -27.56 7.43
CA VAL A 434 5.29 -27.06 6.05
C VAL A 434 5.60 -25.55 6.04
N ALA A 435 4.91 -24.80 6.89
CA ALA A 435 5.15 -23.36 6.99
C ALA A 435 6.63 -23.06 7.21
N LEU A 436 7.29 -23.83 8.07
CA LEU A 436 8.69 -23.54 8.36
C LEU A 436 9.56 -23.68 7.11
N GLU A 437 9.36 -24.77 6.34
CA GLU A 437 10.10 -24.93 5.09
C GLU A 437 9.83 -23.78 4.13
N MET A 438 8.57 -23.32 4.04
CA MET A 438 8.29 -22.17 3.18
C MET A 438 9.05 -20.94 3.66
N VAL A 439 9.01 -20.67 4.98
CA VAL A 439 9.71 -19.51 5.52
C VAL A 439 11.19 -19.60 5.21
N LYS A 440 11.76 -20.79 5.40
CA LYS A 440 13.16 -20.99 5.05
C LYS A 440 13.42 -20.72 3.57
N GLY A 441 12.42 -20.92 2.72
CA GLY A 441 12.61 -20.66 1.29
C GLY A 441 12.67 -19.18 0.96
N PHE A 442 12.17 -18.33 1.84
CA PHE A 442 12.36 -16.90 1.71
C PHE A 442 13.65 -16.42 2.39
N GLY A 443 14.42 -17.31 2.98
CA GLY A 443 15.48 -16.89 3.88
C GLY A 443 15.01 -16.37 5.22
N GLY A 444 13.75 -16.57 5.59
CA GLY A 444 13.30 -16.17 6.91
C GLY A 444 13.92 -17.00 8.01
N VAL A 445 14.04 -16.42 9.19
CA VAL A 445 14.63 -17.07 10.34
C VAL A 445 13.62 -17.06 11.47
N VAL A 446 13.03 -18.21 11.76
CA VAL A 446 12.08 -18.34 12.87
C VAL A 446 12.86 -18.38 14.17
N THR A 447 12.33 -17.69 15.21
CA THR A 447 12.99 -17.69 16.52
C THR A 447 12.53 -18.92 17.33
N GLN A 448 13.43 -19.49 18.12
CA GLN A 448 13.08 -20.58 19.02
C GLN A 448 12.75 -20.03 20.39
N LEU A 449 11.61 -20.42 20.94
CA LEU A 449 11.34 -20.07 22.33
C LEU A 449 12.42 -20.65 23.22
N THR A 450 12.85 -19.88 24.22
CA THR A 450 13.59 -20.46 25.34
C THR A 450 12.62 -21.38 26.07
N PRO A 451 13.11 -22.28 26.94
CA PRO A 451 12.14 -23.07 27.74
C PRO A 451 11.19 -22.21 28.61
N LYS A 452 11.66 -21.05 29.11
CA LYS A 452 10.82 -20.23 29.98
C LYS A 452 9.64 -19.59 29.23
N GLN A 453 9.84 -19.16 27.97
CA GLN A 453 8.76 -18.48 27.25
C GLN A 453 7.66 -19.44 26.84
N ALA A 454 8.04 -20.64 26.39
CA ALA A 454 7.09 -21.70 26.05
C ALA A 454 6.22 -22.06 27.24
N GLU A 455 6.84 -22.22 28.41
CA GLU A 455 6.08 -22.33 29.65
C GLU A 455 5.15 -21.15 29.85
N TYR A 456 5.64 -19.94 29.58
CA TYR A 456 4.87 -18.75 29.89
C TYR A 456 3.59 -18.71 29.09
N ILE A 457 3.67 -19.07 27.81
CA ILE A 457 2.50 -19.06 26.95
C ILE A 457 1.86 -20.44 26.81
N GLY A 458 2.45 -21.47 27.42
CA GLY A 458 1.83 -22.77 27.53
C GLY A 458 1.96 -23.63 26.29
N VAL A 459 3.13 -23.65 25.66
CA VAL A 459 3.36 -24.43 24.45
C VAL A 459 4.70 -25.13 24.60
N SER A 460 4.90 -26.17 23.78
CA SER A 460 6.21 -26.78 23.69
C SER A 460 7.11 -25.92 22.82
N VAL A 461 8.42 -26.00 23.09
CA VAL A 461 9.38 -25.28 22.25
C VAL A 461 9.27 -25.73 20.81
N GLU A 462 8.86 -26.96 20.57
CA GLU A 462 8.81 -27.41 19.19
C GLU A 462 7.43 -27.23 18.55
N GLY A 463 6.46 -26.67 19.29
CA GLY A 463 5.13 -26.50 18.75
C GLY A 463 4.25 -27.73 18.97
N PRO A 464 2.98 -27.67 18.58
CA PRO A 464 2.30 -26.53 17.94
C PRO A 464 2.25 -25.30 18.84
N PHE A 465 2.11 -24.15 18.20
CA PHE A 465 2.23 -22.86 18.89
C PHE A 465 0.89 -22.22 19.19
N LYS A 466 -0.19 -22.76 18.66
CA LYS A 466 -1.53 -22.19 18.71
C LYS A 466 -2.52 -23.33 18.91
N PRO A 467 -3.59 -23.10 19.65
CA PRO A 467 -4.67 -24.08 19.68
C PRO A 467 -5.31 -24.19 18.30
N ASP A 468 -6.07 -25.25 18.12
CA ASP A 468 -6.71 -25.49 16.82
C ASP A 468 -7.75 -24.43 16.53
N THR A 469 -8.28 -23.77 17.56
CA THR A 469 -9.26 -22.69 17.41
C THR A 469 -8.67 -21.40 16.87
N TYR A 470 -7.35 -21.28 16.86
CA TYR A 470 -6.69 -20.05 16.44
C TYR A 470 -6.92 -19.76 14.95
N ARG A 471 -7.30 -18.52 14.63
CA ARG A 471 -7.71 -18.19 13.26
C ARG A 471 -6.59 -17.57 12.41
N TYR A 472 -5.49 -17.13 13.01
CA TYR A 472 -4.40 -16.49 12.26
C TYR A 472 -4.90 -15.28 11.47
N GLY B 12 -3.20 -5.80 -53.97
CA GLY B 12 -1.93 -6.45 -54.25
C GLY B 12 -0.77 -5.79 -53.51
N PHE B 13 -0.98 -5.56 -52.21
CA PHE B 13 -0.03 -4.80 -51.40
C PHE B 13 1.14 -5.70 -50.99
N THR B 14 2.38 -5.27 -51.27
CA THR B 14 3.55 -6.09 -51.01
C THR B 14 4.63 -5.36 -50.25
N ASP B 15 4.42 -4.09 -49.91
CA ASP B 15 5.45 -3.21 -49.37
C ASP B 15 5.45 -3.28 -47.83
N TYR B 16 5.85 -4.46 -47.32
CA TYR B 16 5.88 -4.70 -45.88
C TYR B 16 6.68 -5.96 -45.63
N LYS B 17 7.10 -6.16 -44.38
CA LYS B 17 7.60 -7.48 -43.98
C LYS B 17 7.24 -7.71 -42.52
N VAL B 18 6.43 -8.74 -42.27
CA VAL B 18 6.01 -9.07 -40.91
C VAL B 18 6.18 -10.56 -40.72
N ALA B 19 6.05 -11.01 -39.46
CA ALA B 19 6.24 -12.43 -39.18
C ALA B 19 5.19 -13.26 -39.91
N ASP B 20 3.93 -12.90 -39.75
CA ASP B 20 2.84 -13.75 -40.19
C ASP B 20 1.66 -12.84 -40.51
N ILE B 21 1.40 -12.64 -41.80
CA ILE B 21 0.33 -11.72 -42.16
C ILE B 21 -1.04 -12.29 -41.78
N THR B 22 -1.12 -13.59 -41.49
CA THR B 22 -2.40 -14.19 -41.15
C THR B 22 -2.85 -13.82 -39.75
N LEU B 23 -1.98 -13.20 -38.96
CA LEU B 23 -2.30 -12.67 -37.64
C LEU B 23 -3.05 -11.35 -37.71
N ALA B 24 -3.29 -10.83 -38.93
CA ALA B 24 -3.83 -9.49 -39.10
C ALA B 24 -5.20 -9.36 -38.48
N ALA B 25 -6.09 -10.33 -38.72
CA ALA B 25 -7.44 -10.21 -38.17
C ALA B 25 -7.42 -10.18 -36.64
N TRP B 26 -6.53 -10.97 -36.04
CA TRP B 26 -6.34 -10.92 -34.60
C TRP B 26 -5.87 -9.54 -34.18
N GLY B 27 -4.77 -9.07 -34.78
CA GLY B 27 -4.30 -7.71 -34.51
C GLY B 27 -5.37 -6.65 -34.68
N ARG B 28 -6.21 -6.78 -35.70
CA ARG B 28 -7.28 -5.81 -35.88
C ARG B 28 -8.26 -5.83 -34.71
N ARG B 29 -8.60 -7.03 -34.20
CA ARG B 29 -9.52 -7.09 -33.07
C ARG B 29 -8.93 -6.36 -31.87
N GLU B 30 -7.63 -6.56 -31.61
CA GLU B 30 -6.99 -5.87 -30.50
C GLU B 30 -6.84 -4.38 -30.80
N LEU B 31 -6.74 -4.00 -32.08
CA LEU B 31 -6.70 -2.57 -32.36
C LEU B 31 -8.02 -1.93 -31.99
N ILE B 32 -9.13 -2.57 -32.35
CA ILE B 32 -10.46 -2.01 -32.08
C ILE B 32 -10.69 -1.87 -30.58
N ILE B 33 -10.16 -2.82 -29.79
CA ILE B 33 -10.20 -2.73 -28.34
C ILE B 33 -9.31 -1.60 -27.85
N ALA B 34 -8.05 -1.58 -28.31
CA ALA B 34 -7.13 -0.54 -27.89
C ALA B 34 -7.73 0.83 -28.13
N GLU B 35 -8.42 1.00 -29.25
CA GLU B 35 -9.00 2.31 -29.54
C GLU B 35 -9.90 2.77 -28.40
N SER B 36 -10.62 1.84 -27.75
CA SER B 36 -11.50 2.27 -26.67
C SER B 36 -10.73 2.58 -25.40
N GLU B 37 -9.46 2.21 -25.36
CA GLU B 37 -8.58 2.47 -24.23
C GLU B 37 -7.71 3.68 -24.44
N MET B 38 -7.83 4.36 -25.59
CA MET B 38 -6.98 5.48 -25.95
C MET B 38 -7.85 6.67 -26.33
N PRO B 39 -8.53 7.27 -25.35
CA PRO B 39 -9.43 8.39 -25.67
C PRO B 39 -8.71 9.64 -26.15
N ALA B 40 -7.48 9.90 -25.71
CA ALA B 40 -6.77 11.07 -26.19
C ALA B 40 -6.43 10.93 -27.67
N LEU B 41 -5.90 9.77 -28.05
CA LEU B 41 -5.59 9.49 -29.45
C LEU B 41 -6.85 9.53 -30.30
N MET B 42 -7.89 8.79 -29.89
CA MET B 42 -9.14 8.78 -30.63
C MET B 42 -9.79 10.15 -30.66
N GLY B 43 -9.63 10.94 -29.59
CA GLY B 43 -10.14 12.31 -29.62
C GLY B 43 -9.48 13.15 -30.70
N LEU B 44 -8.16 13.02 -30.85
CA LEU B 44 -7.45 13.69 -31.93
C LEU B 44 -7.95 13.23 -33.29
N ARG B 45 -8.32 11.97 -33.43
CA ARG B 45 -8.85 11.50 -34.69
C ARG B 45 -10.13 12.25 -35.05
N ARG B 46 -11.08 12.34 -34.11
CA ARG B 46 -12.33 13.05 -34.40
C ARG B 46 -12.09 14.55 -34.53
N LYS B 47 -11.27 15.11 -33.64
CA LYS B 47 -10.99 16.53 -33.65
C LYS B 47 -10.36 16.97 -34.97
N TYR B 48 -9.40 16.20 -35.49
CA TYR B 48 -8.60 16.64 -36.63
C TYR B 48 -8.92 15.89 -37.91
N ALA B 49 -9.94 15.03 -37.93
CA ALA B 49 -10.28 14.29 -39.14
C ALA B 49 -10.65 15.24 -40.27
N GLY B 50 -11.51 16.20 -39.98
CA GLY B 50 -11.87 17.22 -40.95
C GLY B 50 -10.67 17.98 -41.46
N GLN B 51 -9.89 18.60 -40.56
CA GLN B 51 -8.82 19.50 -41.01
C GLN B 51 -7.79 18.77 -41.86
N GLN B 52 -7.62 17.48 -41.64
CA GLN B 52 -6.57 16.71 -42.30
C GLN B 52 -5.20 17.35 -42.13
N PRO B 53 -4.79 17.65 -40.89
CA PRO B 53 -3.57 18.47 -40.69
C PRO B 53 -2.30 17.81 -41.17
N LEU B 54 -2.33 16.51 -41.43
CA LEU B 54 -1.16 15.78 -41.88
C LEU B 54 -1.28 15.36 -43.35
N LYS B 55 -2.23 15.96 -44.08
CA LYS B 55 -2.29 15.71 -45.51
C LYS B 55 -1.00 16.16 -46.18
N GLY B 56 -0.42 15.26 -46.97
CA GLY B 56 0.89 15.50 -47.53
C GLY B 56 2.05 15.13 -46.64
N ALA B 57 1.79 14.75 -45.39
CA ALA B 57 2.88 14.33 -44.52
C ALA B 57 3.32 12.93 -44.89
N LYS B 58 4.63 12.74 -44.90
CA LYS B 58 5.24 11.46 -45.25
C LYS B 58 6.23 11.13 -44.14
N ILE B 59 5.80 10.25 -43.24
CA ILE B 59 6.41 10.08 -41.94
C ILE B 59 7.18 8.76 -41.93
N LEU B 60 8.50 8.85 -41.75
CA LEU B 60 9.28 7.72 -41.30
C LEU B 60 9.05 7.55 -39.80
N GLY B 61 8.58 6.39 -39.40
CA GLY B 61 8.35 6.12 -37.99
C GLY B 61 9.12 4.91 -37.52
N CYS B 62 9.77 5.02 -36.36
CA CYS B 62 10.57 3.93 -35.78
C CYS B 62 10.27 3.86 -34.28
N ILE B 63 9.28 3.05 -33.92
CA ILE B 63 8.90 2.85 -32.53
C ILE B 63 8.30 1.45 -32.41
N HIS B 64 8.45 0.86 -31.22
CA HIS B 64 8.02 -0.50 -30.92
C HIS B 64 6.70 -0.80 -31.62
N MET B 65 6.69 -1.83 -32.48
CA MET B 65 5.50 -2.11 -33.27
C MET B 65 4.50 -2.92 -32.44
N THR B 66 3.89 -2.23 -31.48
CA THR B 66 2.86 -2.82 -30.66
C THR B 66 1.48 -2.45 -31.17
N ILE B 67 0.47 -3.07 -30.56
CA ILE B 67 -0.92 -2.68 -30.80
C ILE B 67 -1.11 -1.19 -30.56
N GLN B 68 -0.48 -0.66 -29.49
CA GLN B 68 -0.62 0.75 -29.14
C GLN B 68 -0.05 1.64 -30.22
N THR B 69 1.14 1.29 -30.72
CA THR B 69 1.74 2.00 -31.84
C THR B 69 0.88 1.89 -33.08
N GLY B 70 0.21 0.75 -33.27
CA GLY B 70 -0.75 0.65 -34.35
C GLY B 70 -1.80 1.74 -34.27
N VAL B 71 -2.30 2.04 -33.07
CA VAL B 71 -3.34 3.07 -32.96
C VAL B 71 -2.74 4.43 -33.25
N LEU B 72 -1.49 4.65 -32.85
CA LEU B 72 -0.79 5.87 -33.25
C LEU B 72 -0.65 5.94 -34.77
N ILE B 73 -0.19 4.86 -35.37
CA ILE B 73 -0.01 4.83 -36.82
C ILE B 73 -1.32 5.21 -37.51
N GLU B 74 -2.39 4.49 -37.20
CA GLU B 74 -3.67 4.75 -37.86
C GLU B 74 -4.31 6.07 -37.44
N THR B 75 -3.81 6.71 -36.38
CA THR B 75 -4.25 8.06 -36.08
C THR B 75 -3.60 9.04 -37.02
N LEU B 76 -2.30 8.89 -37.23
CA LEU B 76 -1.56 9.69 -38.20
C LEU B 76 -2.20 9.60 -39.58
N VAL B 77 -2.53 8.37 -40.00
CA VAL B 77 -3.13 8.15 -41.31
C VAL B 77 -4.52 8.78 -41.36
N ALA B 78 -5.30 8.64 -40.29
CA ALA B 78 -6.63 9.24 -40.27
C ALA B 78 -6.56 10.75 -40.46
N LEU B 79 -5.46 11.37 -40.04
CA LEU B 79 -5.26 12.81 -40.14
C LEU B 79 -4.60 13.22 -41.46
N GLY B 80 -4.37 12.28 -42.37
CA GLY B 80 -3.88 12.60 -43.70
C GLY B 80 -2.51 12.09 -44.01
N ALA B 81 -1.79 11.52 -43.05
CA ALA B 81 -0.40 11.16 -43.29
C ALA B 81 -0.27 9.83 -44.01
N GLU B 82 0.80 9.72 -44.79
CA GLU B 82 1.38 8.45 -45.20
C GLU B 82 2.57 8.16 -44.31
N VAL B 83 2.71 6.90 -43.90
CA VAL B 83 3.82 6.49 -43.06
C VAL B 83 4.49 5.25 -43.65
N ARG B 84 5.74 5.04 -43.24
CA ARG B 84 6.48 3.79 -43.42
C ARG B 84 7.14 3.50 -42.07
N TRP B 85 6.91 2.32 -41.52
CA TRP B 85 7.15 2.07 -40.10
C TRP B 85 8.09 0.90 -39.87
N SER B 86 8.81 0.98 -38.75
CA SER B 86 9.59 -0.13 -38.21
C SER B 86 9.55 -0.06 -36.68
N SER B 87 10.00 -1.14 -36.04
CA SER B 87 10.12 -1.17 -34.59
C SER B 87 11.44 -0.55 -34.16
N CYS B 88 11.52 -0.13 -32.89
CA CYS B 88 12.81 0.35 -32.39
C CYS B 88 13.46 -0.63 -31.43
N ASN B 89 12.98 -1.87 -31.35
CA ASN B 89 13.66 -2.90 -30.58
C ASN B 89 13.36 -4.27 -31.20
N ILE B 90 14.35 -5.17 -31.11
CA ILE B 90 14.22 -6.48 -31.76
C ILE B 90 13.18 -7.37 -31.10
N PHE B 91 12.84 -7.12 -29.84
CA PHE B 91 11.91 -8.00 -29.13
C PHE B 91 10.58 -7.36 -28.83
N SER B 92 10.33 -6.13 -29.27
CA SER B 92 9.17 -5.41 -28.76
C SER B 92 7.95 -5.53 -29.65
N THR B 93 8.12 -5.87 -30.92
CA THR B 93 7.01 -5.99 -31.83
C THR B 93 6.01 -7.05 -31.36
N GLN B 94 4.72 -6.72 -31.46
CA GLN B 94 3.65 -7.70 -31.39
C GLN B 94 3.26 -8.10 -32.83
N ASP B 95 3.48 -9.36 -33.17
CA ASP B 95 3.38 -9.73 -34.59
C ASP B 95 1.97 -9.54 -35.14
N GLN B 96 0.94 -9.70 -34.31
CA GLN B 96 -0.41 -9.42 -34.79
C GLN B 96 -0.63 -7.91 -35.01
N ALA B 97 0.06 -7.05 -34.25
CA ALA B 97 -0.05 -5.62 -34.53
C ALA B 97 0.60 -5.27 -35.87
N ALA B 98 1.82 -5.76 -36.09
CA ALA B 98 2.49 -5.54 -37.38
C ALA B 98 1.63 -6.04 -38.52
N ALA B 99 1.10 -7.25 -38.38
CA ALA B 99 0.32 -7.84 -39.46
C ALA B 99 -0.91 -7.02 -39.75
N ALA B 100 -1.58 -6.53 -38.70
CA ALA B 100 -2.80 -5.75 -38.90
C ALA B 100 -2.52 -4.44 -39.63
N ILE B 101 -1.40 -3.79 -39.30
CA ILE B 101 -1.00 -2.56 -39.99
C ILE B 101 -0.72 -2.85 -41.46
N ALA B 102 0.11 -3.86 -41.74
CA ALA B 102 0.40 -4.23 -43.13
C ALA B 102 -0.87 -4.55 -43.88
N ALA B 103 -1.78 -5.32 -43.26
CA ALA B 103 -3.02 -5.71 -43.93
C ALA B 103 -3.89 -4.51 -44.27
N ALA B 104 -3.72 -3.39 -43.57
CA ALA B 104 -4.37 -2.13 -43.89
C ALA B 104 -3.66 -1.36 -44.99
N GLY B 105 -2.71 -1.98 -45.69
CA GLY B 105 -2.00 -1.29 -46.76
C GLY B 105 -1.02 -0.27 -46.26
N ILE B 106 -0.52 -0.43 -45.05
CA ILE B 106 0.45 0.49 -44.47
C ILE B 106 1.81 -0.20 -44.46
N PRO B 107 2.84 0.41 -45.03
CA PRO B 107 4.17 -0.23 -45.06
C PRO B 107 4.75 -0.34 -43.65
N VAL B 108 5.04 -1.56 -43.23
CA VAL B 108 5.62 -1.80 -41.92
C VAL B 108 6.59 -2.95 -42.04
N PHE B 109 7.72 -2.85 -41.35
CA PHE B 109 8.79 -3.85 -41.41
C PHE B 109 9.23 -4.10 -39.97
N ALA B 110 8.78 -5.23 -39.41
CA ALA B 110 8.91 -5.47 -37.97
C ALA B 110 8.41 -6.87 -37.63
N TRP B 111 9.20 -7.62 -36.86
CA TRP B 111 8.68 -8.82 -36.20
C TRP B 111 9.32 -8.99 -34.82
N LYS B 112 8.68 -9.80 -33.97
CA LYS B 112 9.25 -10.07 -32.66
C LYS B 112 10.40 -11.07 -32.82
N GLY B 113 11.55 -10.75 -32.25
CA GLY B 113 12.70 -11.62 -32.38
C GLY B 113 13.62 -11.37 -33.55
N GLU B 114 13.65 -10.15 -34.10
CA GLU B 114 14.61 -9.85 -35.17
C GLU B 114 16.05 -10.06 -34.69
N THR B 115 16.94 -10.31 -35.65
CA THR B 115 18.36 -10.21 -35.35
C THR B 115 18.78 -8.75 -35.34
N GLU B 116 20.01 -8.49 -34.89
CA GLU B 116 20.55 -7.13 -34.99
C GLU B 116 20.68 -6.71 -36.45
N GLU B 117 21.00 -7.66 -37.32
CA GLU B 117 21.08 -7.39 -38.75
C GLU B 117 19.71 -7.01 -39.29
N GLU B 118 18.68 -7.78 -38.92
CA GLU B 118 17.35 -7.56 -39.49
C GLU B 118 16.70 -6.28 -38.97
N TYR B 119 17.01 -5.91 -37.71
CA TYR B 119 16.55 -4.65 -37.18
C TYR B 119 17.04 -3.46 -38.01
N GLU B 120 18.31 -3.48 -38.40
CA GLU B 120 18.88 -2.40 -39.22
C GLU B 120 18.39 -2.48 -40.66
N TRP B 121 18.01 -3.66 -41.11
CA TRP B 121 17.40 -3.80 -42.42
C TRP B 121 15.97 -3.25 -42.43
N CYS B 122 15.21 -3.49 -41.34
CA CYS B 122 13.84 -2.99 -41.30
C CYS B 122 13.80 -1.46 -41.34
N ILE B 123 14.73 -0.81 -40.62
CA ILE B 123 14.78 0.65 -40.67
C ILE B 123 15.04 1.11 -42.10
N GLU B 124 15.99 0.47 -42.76
CA GLU B 124 16.34 0.89 -44.11
C GLU B 124 15.16 0.74 -45.07
N GLN B 125 14.23 -0.17 -44.79
CA GLN B 125 13.12 -0.38 -45.71
C GLN B 125 12.04 0.67 -45.57
N THR B 126 11.94 1.33 -44.41
CA THR B 126 11.10 2.52 -44.31
C THR B 126 11.72 3.67 -45.08
N ILE B 127 13.05 3.82 -44.97
CA ILE B 127 13.75 4.94 -45.60
C ILE B 127 13.64 4.86 -47.11
N LEU B 128 13.67 3.66 -47.66
CA LEU B 128 13.65 3.46 -49.10
C LEU B 128 12.24 3.09 -49.54
N LYS B 129 11.78 3.69 -50.63
CA LYS B 129 10.55 3.24 -51.26
C LYS B 129 10.82 2.93 -52.72
N ASP B 130 10.47 1.70 -53.14
CA ASP B 130 10.63 1.30 -54.52
C ASP B 130 12.08 1.48 -54.95
N GLY B 131 13.00 1.15 -54.03
CA GLY B 131 14.40 0.99 -54.31
C GLY B 131 15.27 2.19 -54.02
N GLN B 132 14.67 3.38 -53.92
CA GLN B 132 15.41 4.61 -53.71
C GLN B 132 14.74 5.41 -52.59
N PRO B 133 15.46 6.34 -51.97
CA PRO B 133 14.93 7.03 -50.79
C PRO B 133 13.51 7.54 -50.98
N TRP B 134 12.66 7.27 -50.00
CA TRP B 134 11.34 7.88 -49.95
C TRP B 134 11.47 9.39 -49.91
N ASP B 135 10.45 10.08 -50.43
CA ASP B 135 10.34 11.53 -50.21
C ASP B 135 9.65 11.82 -48.87
N ALA B 136 10.26 11.29 -47.80
CA ALA B 136 9.80 11.58 -46.44
C ALA B 136 9.95 13.06 -46.12
N ASN B 137 9.03 13.56 -45.30
CA ASN B 137 9.14 14.93 -44.83
C ASN B 137 8.89 15.05 -43.34
N MET B 138 8.72 13.92 -42.65
CA MET B 138 8.55 13.93 -41.19
C MET B 138 9.20 12.69 -40.60
N VAL B 139 9.69 12.81 -39.38
CA VAL B 139 10.31 11.68 -38.70
C VAL B 139 9.71 11.55 -37.29
N LEU B 140 9.32 10.33 -36.93
CA LEU B 140 8.90 9.99 -35.57
C LEU B 140 9.78 8.86 -35.06
N ASP B 141 10.51 9.11 -33.96
CA ASP B 141 11.59 8.25 -33.50
C ASP B 141 11.44 7.89 -32.03
N ASP B 142 11.95 6.69 -31.64
CA ASP B 142 11.87 6.21 -30.24
C ASP B 142 13.23 5.64 -29.84
N GLY B 143 14.17 6.53 -29.54
CA GLY B 143 15.51 6.14 -29.19
C GLY B 143 16.56 6.68 -30.11
N GLY B 144 16.17 7.31 -31.22
CA GLY B 144 17.11 8.00 -32.06
C GLY B 144 17.90 7.14 -33.02
N ASP B 145 17.61 5.84 -33.09
CA ASP B 145 18.37 5.00 -34.00
C ASP B 145 18.08 5.38 -35.45
N LEU B 146 16.80 5.59 -35.79
CA LEU B 146 16.44 6.06 -37.12
C LEU B 146 17.01 7.45 -37.39
N THR B 147 16.86 8.37 -36.42
CA THR B 147 17.47 9.69 -36.51
C THR B 147 18.96 9.58 -36.78
N GLU B 148 19.66 8.80 -35.94
CA GLU B 148 21.10 8.58 -36.12
C GLU B 148 21.42 8.14 -37.55
N ILE B 149 20.58 7.29 -38.14
CA ILE B 149 20.87 6.75 -39.47
C ILE B 149 20.63 7.80 -40.55
N LEU B 150 19.71 8.73 -40.32
CA LEU B 150 19.50 9.80 -41.29
C LEU B 150 20.62 10.83 -41.23
N HIS B 151 21.13 11.13 -40.03
CA HIS B 151 22.23 12.09 -39.92
C HIS B 151 23.55 11.50 -40.41
N LYS B 152 23.82 10.24 -40.05
CA LYS B 152 25.12 9.63 -40.25
C LYS B 152 25.26 8.92 -41.59
N LYS B 153 24.18 8.80 -42.38
CA LYS B 153 24.21 8.00 -43.61
C LYS B 153 23.30 8.56 -44.70
N TYR B 154 22.34 9.40 -44.34
CA TYR B 154 21.48 10.08 -45.31
C TYR B 154 21.40 11.57 -45.04
N PRO B 155 22.55 12.25 -44.79
CA PRO B 155 22.46 13.66 -44.39
C PRO B 155 21.81 14.51 -45.48
N GLN B 156 21.42 13.88 -46.60
CA GLN B 156 20.74 14.58 -47.68
C GLN B 156 19.22 14.45 -47.63
N MET B 157 18.70 13.29 -47.22
CA MET B 157 17.25 13.19 -47.04
C MET B 157 16.76 14.20 -46.00
N LEU B 158 17.59 14.45 -44.97
CA LEU B 158 17.25 15.39 -43.91
C LEU B 158 16.89 16.77 -44.45
N GLU B 159 17.29 17.09 -45.68
CA GLU B 159 17.06 18.42 -46.22
C GLU B 159 15.59 18.71 -46.51
N ARG B 160 14.74 17.68 -46.58
CA ARG B 160 13.35 17.87 -46.95
C ARG B 160 12.38 17.49 -45.84
N ILE B 161 12.91 17.16 -44.67
CA ILE B 161 12.13 16.77 -43.53
C ILE B 161 11.88 17.99 -42.66
N HIS B 162 10.61 18.18 -42.24
CA HIS B 162 10.27 19.37 -41.44
C HIS B 162 10.54 19.20 -39.96
N GLY B 163 10.89 18.00 -39.49
CA GLY B 163 11.17 17.84 -38.08
C GLY B 163 11.24 16.38 -37.69
N ILE B 164 11.71 16.17 -36.46
CA ILE B 164 11.76 14.88 -35.76
C ILE B 164 10.93 15.01 -34.49
N THR B 165 10.26 13.93 -34.09
CA THR B 165 9.64 13.85 -32.78
C THR B 165 10.19 12.61 -32.07
N GLU B 166 11.00 12.84 -31.04
CA GLU B 166 11.66 11.78 -30.28
C GLU B 166 10.85 11.42 -29.04
N GLU B 167 10.66 10.11 -28.82
CA GLU B 167 9.69 9.52 -27.90
C GLU B 167 10.23 9.37 -26.47
N THR B 168 11.49 9.02 -26.31
CA THR B 168 11.96 8.51 -25.02
C THR B 168 13.18 9.29 -24.54
N THR B 169 13.43 9.11 -23.24
CA THR B 169 14.47 9.86 -22.55
C THR B 169 15.81 9.73 -23.24
N THR B 170 16.27 8.48 -23.43
CA THR B 170 17.57 8.23 -24.07
C THR B 170 17.70 9.02 -25.37
N GLY B 171 16.70 8.94 -26.25
CA GLY B 171 16.82 9.57 -27.56
C GLY B 171 16.81 11.08 -27.48
N VAL B 172 16.06 11.65 -26.54
CA VAL B 172 16.16 13.08 -26.24
C VAL B 172 17.62 13.43 -25.97
N HIS B 173 18.22 12.73 -25.00
CA HIS B 173 19.60 12.97 -24.62
C HIS B 173 20.53 13.00 -25.83
N ARG B 174 20.31 12.07 -26.77
CA ARG B 174 21.16 11.98 -27.96
C ARG B 174 20.97 13.17 -28.88
N LEU B 175 19.77 13.78 -28.91
CA LEU B 175 19.55 14.98 -29.69
C LEU B 175 20.23 16.18 -29.07
N LEU B 176 20.24 16.25 -27.74
CA LEU B 176 20.85 17.38 -27.05
C LEU B 176 22.36 17.37 -27.21
N ASP B 177 22.97 16.17 -27.23
CA ASP B 177 24.39 16.06 -27.53
C ASP B 177 24.70 16.53 -28.94
N MET B 178 23.74 16.39 -29.86
CA MET B 178 23.88 16.97 -31.18
C MET B 178 23.68 18.47 -31.15
N LEU B 179 22.67 18.93 -30.41
CA LEU B 179 22.41 20.36 -30.31
C LEU B 179 23.63 21.09 -29.76
N LYS B 180 24.09 20.67 -28.57
CA LYS B 180 25.24 21.32 -27.94
C LYS B 180 26.44 21.32 -28.87
N ASN B 181 26.59 20.27 -29.68
CA ASN B 181 27.68 20.14 -30.63
C ASN B 181 27.33 20.65 -32.02
N GLY B 182 26.18 21.32 -32.17
CA GLY B 182 25.82 21.93 -33.44
C GLY B 182 25.80 20.98 -34.62
N THR B 183 25.51 19.70 -34.39
CA THR B 183 25.41 18.69 -35.44
C THR B 183 23.98 18.27 -35.72
N LEU B 184 23.01 18.82 -35.01
CA LEU B 184 21.60 18.55 -35.27
C LEU B 184 21.13 19.35 -36.49
N LYS B 185 20.38 18.70 -37.39
CA LYS B 185 20.16 19.24 -38.73
C LYS B 185 18.72 19.60 -39.07
N VAL B 186 17.74 19.15 -38.30
CA VAL B 186 16.35 19.61 -38.44
C VAL B 186 15.78 19.83 -37.06
N PRO B 187 14.74 20.66 -36.94
CA PRO B 187 14.16 20.91 -35.61
C PRO B 187 13.47 19.67 -35.09
N ALA B 188 13.43 19.55 -33.77
CA ALA B 188 12.83 18.41 -33.11
C ALA B 188 11.89 18.88 -32.02
N ILE B 189 10.99 17.98 -31.64
CA ILE B 189 10.10 18.25 -30.48
C ILE B 189 10.33 17.10 -29.48
N ASN B 190 10.74 17.43 -28.26
CA ASN B 190 10.89 16.45 -27.17
C ASN B 190 9.48 16.11 -26.70
N VAL B 191 9.05 14.89 -26.99
CA VAL B 191 7.69 14.45 -26.58
C VAL B 191 7.81 13.94 -25.15
N ASN B 192 8.99 13.45 -24.78
CA ASN B 192 9.19 12.86 -23.43
C ASN B 192 8.90 13.87 -22.33
N ASP B 193 9.35 15.11 -22.49
CA ASP B 193 9.22 16.08 -21.37
C ASP B 193 7.80 16.60 -21.15
N SER B 194 6.82 16.09 -21.88
CA SER B 194 5.42 16.38 -21.52
C SER B 194 5.18 15.56 -20.25
N VAL B 195 4.43 16.08 -19.27
CA VAL B 195 4.09 15.27 -18.07
C VAL B 195 3.22 14.09 -18.48
N THR B 196 2.31 14.31 -19.44
CA THR B 196 1.42 13.23 -19.96
C THR B 196 2.21 12.17 -20.72
N LYS B 197 3.51 12.37 -20.91
CA LYS B 197 4.38 11.33 -21.52
C LYS B 197 5.33 10.88 -20.42
N SER B 198 6.23 11.75 -19.97
CA SER B 198 7.22 11.42 -18.93
C SER B 198 6.60 10.61 -17.79
N LYS B 199 5.73 11.21 -17.00
CA LYS B 199 5.24 10.47 -15.82
C LYS B 199 4.31 9.36 -16.29
N ASN B 200 3.20 9.75 -16.88
CA ASN B 200 2.18 8.84 -17.39
C ASN B 200 2.77 7.54 -17.92
N ASP B 201 3.77 7.67 -18.78
CA ASP B 201 4.43 6.52 -19.39
C ASP B 201 5.60 6.00 -18.57
N ASN B 202 6.69 6.79 -18.45
CA ASN B 202 7.96 6.29 -17.90
C ASN B 202 7.77 5.69 -16.52
N LYS B 203 6.95 6.31 -15.70
CA LYS B 203 6.70 5.78 -14.36
C LYS B 203 5.56 4.76 -14.35
N TYR B 204 4.36 5.21 -14.70
CA TYR B 204 3.18 4.35 -14.55
C TYR B 204 3.20 3.18 -15.53
N GLY B 205 3.77 3.38 -16.72
CA GLY B 205 3.87 2.28 -17.66
C GLY B 205 4.71 1.15 -17.11
N CYS B 206 5.87 1.49 -16.54
CA CYS B 206 6.71 0.47 -15.93
C CYS B 206 6.07 -0.12 -14.67
N ARG B 207 5.23 0.65 -13.96
CA ARG B 207 4.53 0.05 -12.83
C ARG B 207 3.64 -1.10 -13.30
N HIS B 208 2.89 -0.87 -14.37
CA HIS B 208 2.02 -1.91 -14.91
C HIS B 208 2.83 -3.06 -15.48
N SER B 209 3.88 -2.77 -16.25
CA SER B 209 4.40 -3.79 -17.17
C SER B 209 5.67 -4.48 -16.68
N LEU B 210 6.30 -4.03 -15.60
CA LEU B 210 7.50 -4.73 -15.15
C LEU B 210 7.13 -6.04 -14.46
N ASN B 211 6.33 -6.00 -13.39
CA ASN B 211 5.94 -7.28 -12.78
CA ASN B 211 5.91 -7.26 -12.77
C ASN B 211 5.16 -8.13 -13.76
N ASP B 212 4.39 -7.51 -14.65
CA ASP B 212 3.72 -8.24 -15.71
C ASP B 212 4.71 -9.10 -16.49
N ALA B 213 5.82 -8.49 -16.93
CA ALA B 213 6.83 -9.21 -17.70
C ALA B 213 7.52 -10.26 -16.86
N ILE B 214 7.83 -9.96 -15.60
CA ILE B 214 8.56 -10.93 -14.80
C ILE B 214 7.68 -12.16 -14.54
N LYS B 215 6.38 -11.96 -14.39
CA LYS B 215 5.49 -13.11 -14.18
C LYS B 215 5.40 -13.96 -15.44
N ARG B 216 5.17 -13.31 -16.59
CA ARG B 216 5.11 -14.07 -17.83
C ARG B 216 6.41 -14.82 -18.09
N GLY B 217 7.56 -14.22 -17.78
CA GLY B 217 8.83 -14.84 -18.09
C GLY B 217 9.21 -15.99 -17.16
N THR B 218 8.85 -15.88 -15.88
CA THR B 218 9.35 -16.79 -14.84
C THR B 218 8.26 -17.43 -14.04
N ASP B 219 7.08 -16.80 -13.97
CA ASP B 219 5.99 -17.15 -13.07
C ASP B 219 6.47 -17.24 -11.62
N HIS B 220 7.52 -16.49 -11.27
CA HIS B 220 8.00 -16.51 -9.89
C HIS B 220 7.08 -15.71 -8.97
N LEU B 221 6.71 -16.29 -7.82
CA LEU B 221 6.23 -15.47 -6.72
C LEU B 221 7.23 -14.36 -6.41
N LEU B 222 6.72 -13.13 -6.36
CA LEU B 222 7.55 -11.98 -5.99
C LEU B 222 7.41 -11.64 -4.52
N SER B 223 6.19 -11.73 -3.99
CA SER B 223 5.90 -11.50 -2.57
C SER B 223 6.94 -12.18 -1.69
N GLY B 224 7.47 -11.43 -0.71
CA GLY B 224 8.40 -11.98 0.24
C GLY B 224 9.85 -12.04 -0.21
N LYS B 225 10.13 -11.78 -1.48
CA LYS B 225 11.47 -11.94 -2.00
C LYS B 225 12.18 -10.58 -2.04
N GLN B 226 13.50 -10.61 -2.24
CA GLN B 226 14.36 -9.43 -2.24
CA GLN B 226 14.37 -9.43 -2.23
C GLN B 226 14.64 -8.94 -3.65
N ALA B 227 14.34 -7.66 -3.91
CA ALA B 227 14.65 -7.03 -5.19
C ALA B 227 15.66 -5.90 -4.99
N LEU B 228 16.51 -5.71 -5.99
CA LEU B 228 17.40 -4.56 -6.08
C LEU B 228 17.07 -3.83 -7.38
N VAL B 229 16.53 -2.61 -7.25
CA VAL B 229 16.26 -1.76 -8.40
C VAL B 229 17.39 -0.75 -8.50
N ILE B 230 18.15 -0.83 -9.58
CA ILE B 230 19.21 0.11 -9.87
C ILE B 230 18.55 1.28 -10.59
N GLY B 231 18.48 2.42 -9.92
CA GLY B 231 17.95 3.62 -10.52
C GLY B 231 16.61 3.97 -9.91
N TYR B 232 16.35 5.26 -9.79
CA TYR B 232 15.09 5.71 -9.20
C TYR B 232 14.64 6.99 -9.88
N GLY B 233 14.82 7.04 -11.20
CA GLY B 233 14.19 8.04 -12.05
C GLY B 233 12.75 7.65 -12.24
N ASP B 234 12.14 8.15 -13.30
CA ASP B 234 10.74 7.80 -13.52
C ASP B 234 10.57 6.30 -13.72
N VAL B 235 11.46 5.68 -14.50
CA VAL B 235 11.38 4.22 -14.72
C VAL B 235 11.67 3.49 -13.42
N GLY B 236 12.72 3.91 -12.70
CA GLY B 236 13.06 3.24 -11.47
C GLY B 236 11.96 3.40 -10.43
N LYS B 237 11.38 4.58 -10.36
CA LYS B 237 10.23 4.79 -9.47
C LYS B 237 9.12 3.82 -9.80
N GLY B 238 8.70 3.75 -11.06
CA GLY B 238 7.59 2.88 -11.40
C GLY B 238 7.95 1.41 -11.25
N SER B 239 9.20 1.07 -11.52
CA SER B 239 9.67 -0.29 -11.37
C SER B 239 9.63 -0.71 -9.91
N SER B 240 10.21 0.11 -9.03
CA SER B 240 10.17 -0.13 -7.60
C SER B 240 8.73 -0.35 -7.09
N GLN B 241 7.78 0.48 -7.54
CA GLN B 241 6.41 0.29 -7.08
C GLN B 241 5.82 -1.02 -7.64
N SER B 242 6.15 -1.36 -8.89
CA SER B 242 5.68 -2.61 -9.49
C SER B 242 6.06 -3.81 -8.63
N LEU B 243 7.26 -3.80 -8.07
CA LEU B 243 7.74 -4.90 -7.26
C LEU B 243 7.24 -4.79 -5.82
N ARG B 244 7.29 -3.59 -5.25
CA ARG B 244 6.79 -3.42 -3.88
C ARG B 244 5.29 -3.73 -3.78
N GLN B 245 4.48 -3.27 -4.74
CA GLN B 245 3.05 -3.53 -4.61
C GLN B 245 2.74 -5.03 -4.65
N GLU B 246 3.63 -5.82 -5.20
CA GLU B 246 3.52 -7.28 -5.18
C GLU B 246 3.98 -7.90 -3.87
N GLY B 247 4.47 -7.12 -2.92
CA GLY B 247 5.01 -7.67 -1.69
C GLY B 247 6.50 -7.96 -1.69
N MET B 248 7.24 -7.57 -2.73
CA MET B 248 8.69 -7.71 -2.68
C MET B 248 9.30 -6.75 -1.65
N ILE B 249 10.44 -7.16 -1.11
CA ILE B 249 11.25 -6.28 -0.26
C ILE B 249 12.26 -5.65 -1.19
N VAL B 250 12.05 -4.37 -1.49
CA VAL B 250 12.77 -3.67 -2.55
C VAL B 250 13.81 -2.77 -1.94
N LYS B 251 15.05 -2.92 -2.41
CA LYS B 251 16.13 -1.99 -2.15
C LYS B 251 16.44 -1.24 -3.43
N VAL B 252 16.88 0.01 -3.28
CA VAL B 252 17.04 0.94 -4.38
C VAL B 252 18.48 1.45 -4.34
N ALA B 253 19.13 1.43 -5.51
CA ALA B 253 20.45 2.02 -5.71
C ALA B 253 20.31 3.23 -6.61
N GLU B 254 21.14 4.24 -6.36
CA GLU B 254 21.09 5.51 -7.07
C GLU B 254 22.41 6.22 -6.89
N VAL B 255 22.79 6.99 -7.92
CA VAL B 255 23.87 7.95 -7.83
C VAL B 255 23.35 9.36 -7.58
N ASP B 256 22.05 9.59 -7.77
CA ASP B 256 21.48 10.91 -7.60
C ASP B 256 20.94 11.00 -6.18
N PRO B 257 21.56 11.78 -5.29
CA PRO B 257 21.06 11.80 -3.91
C PRO B 257 19.62 12.26 -3.80
N ILE B 258 19.13 13.06 -4.75
CA ILE B 258 17.76 13.56 -4.64
C ILE B 258 16.77 12.45 -4.94
N CYS B 259 17.04 11.67 -6.00
CA CYS B 259 16.25 10.48 -6.24
C CYS B 259 16.39 9.46 -5.10
N ALA B 260 17.59 9.34 -4.52
CA ALA B 260 17.74 8.42 -3.38
C ALA B 260 16.90 8.91 -2.21
N MET B 261 16.84 10.22 -2.01
N MET B 261 16.84 10.22 -2.02
CA MET B 261 16.00 10.76 -0.95
CA MET B 261 16.00 10.78 -0.97
C MET B 261 14.54 10.37 -1.16
C MET B 261 14.55 10.38 -1.16
N GLN B 262 14.07 10.45 -2.41
CA GLN B 262 12.70 10.06 -2.68
C GLN B 262 12.48 8.57 -2.39
N ALA B 263 13.44 7.72 -2.78
CA ALA B 263 13.33 6.29 -2.48
C ALA B 263 13.17 6.05 -0.97
N CYS B 264 14.03 6.70 -0.17
CA CYS B 264 13.91 6.63 1.29
C CYS B 264 12.52 7.04 1.74
N MET B 265 12.08 8.21 1.32
CA MET B 265 10.77 8.71 1.73
C MET B 265 9.64 7.84 1.21
N ASP B 266 9.82 7.20 0.05
CA ASP B 266 8.82 6.26 -0.44
C ASP B 266 8.83 4.94 0.30
N GLY B 267 9.74 4.77 1.26
CA GLY B 267 9.77 3.57 2.06
C GLY B 267 10.70 2.51 1.57
N PHE B 268 11.75 2.86 0.84
CA PHE B 268 12.74 1.89 0.41
C PHE B 268 14.06 2.12 1.12
N GLU B 269 14.79 1.02 1.32
CA GLU B 269 16.16 1.08 1.78
C GLU B 269 17.08 1.32 0.59
N VAL B 270 17.93 2.32 0.69
CA VAL B 270 18.83 2.70 -0.38
C VAL B 270 20.18 2.05 -0.12
N VAL B 271 20.67 1.28 -1.10
CA VAL B 271 21.91 0.52 -0.92
C VAL B 271 22.73 0.65 -2.19
N SER B 272 24.01 0.29 -2.07
CA SER B 272 24.86 0.23 -3.24
C SER B 272 25.39 -1.19 -3.44
N PRO B 273 25.58 -1.61 -4.68
CA PRO B 273 26.25 -2.90 -4.91
C PRO B 273 27.64 -2.92 -4.38
N TYR B 274 28.26 -1.75 -4.24
CA TYR B 274 29.65 -1.63 -3.85
C TYR B 274 29.70 -1.13 -2.41
N LYS B 275 30.68 -1.64 -1.67
CA LYS B 275 30.88 -1.19 -0.30
C LYS B 275 31.14 0.31 -0.31
N ASN B 276 30.33 1.04 0.46
CA ASN B 276 30.45 2.48 0.58
C ASN B 276 30.23 3.17 -0.75
N GLY B 277 29.62 2.48 -1.69
CA GLY B 277 29.25 3.08 -2.94
C GLY B 277 30.40 3.31 -3.88
N ILE B 278 31.59 2.81 -3.55
CA ILE B 278 32.77 3.04 -4.37
C ILE B 278 32.95 1.85 -5.30
N ASN B 279 32.61 2.06 -6.56
CA ASN B 279 32.78 1.09 -7.64
C ASN B 279 34.21 1.27 -8.17
N ASP B 280 35.15 0.51 -7.62
CA ASP B 280 36.55 0.61 -7.99
C ASP B 280 37.00 -0.55 -8.89
N GLY B 281 36.07 -1.27 -9.51
CA GLY B 281 36.39 -2.31 -10.47
C GLY B 281 36.88 -3.62 -9.89
N THR B 282 37.27 -3.65 -8.61
CA THR B 282 37.75 -4.86 -7.96
C THR B 282 36.61 -5.71 -7.42
N GLU B 283 36.86 -7.02 -7.32
CA GLU B 283 35.87 -7.90 -6.70
C GLU B 283 35.71 -7.62 -5.22
N ALA B 284 36.70 -6.95 -4.61
CA ALA B 284 36.67 -6.64 -3.19
C ALA B 284 35.64 -5.57 -2.88
N SER B 285 35.40 -4.65 -3.81
CA SER B 285 34.44 -3.58 -3.58
C SER B 285 33.01 -4.08 -3.53
N ILE B 286 32.72 -5.30 -4.00
CA ILE B 286 31.34 -5.77 -4.08
C ILE B 286 30.82 -6.10 -2.69
N ASP B 287 29.66 -5.57 -2.36
CA ASP B 287 28.98 -6.01 -1.16
C ASP B 287 28.39 -7.38 -1.42
N ALA B 288 29.19 -8.42 -1.19
CA ALA B 288 28.78 -9.77 -1.57
C ALA B 288 27.68 -10.29 -0.66
N ALA B 289 27.67 -9.84 0.60
CA ALA B 289 26.58 -10.16 1.53
C ALA B 289 25.25 -9.65 1.00
N LEU B 290 25.22 -8.40 0.54
CA LEU B 290 23.98 -7.84 -0.01
C LEU B 290 23.55 -8.59 -1.27
N LEU B 291 24.48 -8.74 -2.23
CA LEU B 291 24.14 -9.34 -3.52
C LEU B 291 23.72 -10.80 -3.36
N GLY B 292 24.24 -11.50 -2.35
CA GLY B 292 23.93 -12.89 -2.15
C GLY B 292 22.56 -13.13 -1.58
N LYS B 293 21.84 -12.05 -1.26
CA LYS B 293 20.48 -12.07 -0.76
C LYS B 293 19.48 -11.63 -1.80
N ILE B 294 19.93 -11.11 -2.95
CA ILE B 294 19.04 -10.52 -3.92
C ILE B 294 18.46 -11.61 -4.83
N ASP B 295 17.14 -11.66 -4.89
CA ASP B 295 16.43 -12.59 -5.75
C ASP B 295 16.12 -12.03 -7.14
N LEU B 296 16.26 -10.72 -7.30
CA LEU B 296 15.81 -10.03 -8.50
C LEU B 296 16.55 -8.71 -8.55
N ILE B 297 17.22 -8.45 -9.67
CA ILE B 297 17.82 -7.15 -9.91
C ILE B 297 17.22 -6.60 -11.19
N VAL B 298 16.84 -5.33 -11.16
CA VAL B 298 16.21 -4.63 -12.28
C VAL B 298 17.01 -3.34 -12.51
N THR B 299 17.56 -3.18 -13.71
CA THR B 299 18.27 -1.95 -14.02
C THR B 299 17.31 -1.00 -14.73
N THR B 300 17.39 0.30 -14.39
CA THR B 300 16.43 1.27 -14.89
C THR B 300 17.10 2.60 -15.27
N THR B 301 18.41 2.63 -15.48
CA THR B 301 19.17 3.86 -15.41
C THR B 301 19.34 4.57 -16.75
N GLY B 302 19.39 3.85 -17.85
CA GLY B 302 19.87 4.47 -19.08
C GLY B 302 21.37 4.68 -19.09
N ASN B 303 22.07 4.10 -18.14
CA ASN B 303 23.50 4.25 -18.01
C ASN B 303 24.13 2.92 -18.39
N VAL B 304 25.46 2.81 -18.28
CA VAL B 304 26.16 1.64 -18.80
C VAL B 304 26.77 0.85 -17.65
N ASN B 305 26.58 -0.46 -17.68
CA ASN B 305 27.24 -1.39 -16.78
C ASN B 305 26.87 -1.17 -15.30
N VAL B 306 25.58 -0.92 -15.06
CA VAL B 306 25.14 -0.74 -13.67
C VAL B 306 24.85 -2.06 -12.97
N CYS B 307 24.79 -3.16 -13.73
CA CYS B 307 24.81 -4.50 -13.17
C CYS B 307 26.00 -5.17 -13.83
N ASP B 308 27.16 -5.09 -13.15
CA ASP B 308 28.42 -5.39 -13.81
C ASP B 308 28.82 -6.84 -13.55
N ALA B 309 29.94 -7.26 -14.15
CA ALA B 309 30.36 -8.66 -14.06
C ALA B 309 30.55 -9.11 -12.63
N ASN B 310 31.20 -8.28 -11.82
CA ASN B 310 31.47 -8.63 -10.44
C ASN B 310 30.18 -8.77 -9.64
N MET B 311 29.21 -7.88 -9.90
CA MET B 311 27.90 -8.07 -9.26
C MET B 311 27.25 -9.37 -9.74
N LEU B 312 27.35 -9.65 -11.05
CA LEU B 312 26.78 -10.88 -11.59
C LEU B 312 27.42 -12.12 -10.97
N LYS B 313 28.71 -12.07 -10.72
CA LYS B 313 29.37 -13.17 -10.01
C LYS B 313 28.83 -13.32 -8.59
N ALA B 314 28.52 -12.22 -7.92
CA ALA B 314 28.17 -12.28 -6.51
C ALA B 314 26.68 -12.49 -6.26
N LEU B 315 25.84 -12.37 -7.28
CA LEU B 315 24.41 -12.53 -7.11
C LEU B 315 24.07 -13.90 -6.51
N LYS B 316 23.05 -13.90 -5.64
CA LYS B 316 22.42 -15.12 -5.17
C LYS B 316 22.13 -16.09 -6.31
N LYS B 317 22.36 -17.38 -6.05
CA LYS B 317 22.06 -18.41 -7.04
C LYS B 317 20.58 -18.35 -7.42
N ARG B 318 20.31 -18.44 -8.73
CA ARG B 318 18.96 -18.50 -9.30
C ARG B 318 18.24 -17.15 -9.26
N ALA B 319 18.97 -16.07 -8.98
CA ALA B 319 18.40 -14.74 -9.04
C ALA B 319 17.93 -14.40 -10.46
N VAL B 320 16.89 -13.59 -10.55
CA VAL B 320 16.43 -13.07 -11.84
C VAL B 320 17.10 -11.72 -12.10
N VAL B 321 17.62 -11.55 -13.31
CA VAL B 321 18.27 -10.34 -13.77
C VAL B 321 17.52 -9.82 -14.99
N CYS B 322 17.14 -8.55 -14.97
CA CYS B 322 16.52 -7.96 -16.15
C CYS B 322 16.79 -6.45 -16.21
N ASN B 323 16.47 -5.88 -17.36
CA ASN B 323 16.74 -4.49 -17.67
C ASN B 323 15.50 -3.90 -18.31
N ILE B 324 15.01 -2.80 -17.74
CA ILE B 324 13.89 -2.10 -18.32
C ILE B 324 14.30 -0.73 -18.85
N GLY B 325 15.61 -0.44 -18.90
CA GLY B 325 16.10 0.72 -19.61
C GLY B 325 16.23 0.45 -21.10
N HIS B 326 16.54 1.50 -21.85
CA HIS B 326 16.35 1.41 -23.30
C HIS B 326 17.35 0.46 -23.98
N PHE B 327 18.54 0.30 -23.43
CA PHE B 327 19.60 -0.45 -24.10
C PHE B 327 20.14 -1.52 -23.17
N ASP B 328 20.70 -2.56 -23.78
CA ASP B 328 21.04 -3.79 -23.08
C ASP B 328 22.49 -3.84 -22.67
N ASN B 329 23.11 -2.70 -22.54
CA ASN B 329 24.41 -2.63 -21.89
C ASN B 329 24.28 -2.23 -20.43
N GLU B 330 23.05 -2.04 -19.94
CA GLU B 330 22.89 -1.76 -18.51
C GLU B 330 23.44 -2.92 -17.70
N ILE B 331 23.21 -4.13 -18.20
CA ILE B 331 23.77 -5.36 -17.64
C ILE B 331 24.93 -5.78 -18.50
N ASP B 332 25.98 -6.29 -17.88
CA ASP B 332 27.12 -6.80 -18.66
C ASP B 332 26.78 -8.18 -19.24
N THR B 333 25.86 -8.18 -20.22
CA THR B 333 25.53 -9.43 -20.89
C THR B 333 26.71 -9.97 -21.69
N ALA B 334 27.57 -9.07 -22.18
CA ALA B 334 28.73 -9.50 -22.96
C ALA B 334 29.65 -10.37 -22.14
N PHE B 335 29.95 -9.96 -20.91
CA PHE B 335 30.70 -10.82 -19.99
C PHE B 335 30.01 -12.16 -19.85
N MET B 336 28.69 -12.17 -19.82
CA MET B 336 27.99 -13.43 -19.63
C MET B 336 28.06 -14.29 -20.89
N ARG B 337 27.96 -13.69 -22.08
CA ARG B 337 28.15 -14.47 -23.29
C ARG B 337 29.55 -15.06 -23.36
N LYS B 338 30.55 -14.32 -22.87
CA LYS B 338 31.94 -14.75 -23.01
C LYS B 338 32.33 -15.83 -22.00
N ASN B 339 31.69 -15.87 -20.84
CA ASN B 339 32.18 -16.73 -19.76
C ASN B 339 31.26 -17.87 -19.36
N TRP B 340 29.97 -17.77 -19.60
CA TRP B 340 28.99 -18.63 -18.94
C TRP B 340 28.04 -19.24 -19.97
N ALA B 341 27.54 -20.45 -19.68
CA ALA B 341 26.73 -21.17 -20.65
C ALA B 341 25.28 -20.73 -20.54
N TRP B 342 24.66 -20.50 -21.70
CA TRP B 342 23.29 -20.00 -21.75
C TRP B 342 22.36 -21.15 -22.11
N GLU B 343 21.35 -21.38 -21.28
CA GLU B 343 20.32 -22.37 -21.54
C GLU B 343 19.01 -21.65 -21.77
N GLU B 344 18.46 -21.76 -22.99
CA GLU B 344 17.16 -21.17 -23.23
C GLU B 344 16.06 -21.96 -22.51
N VAL B 345 15.29 -21.28 -21.66
CA VAL B 345 14.11 -21.93 -21.07
C VAL B 345 12.98 -21.92 -22.08
N LYS B 346 12.72 -20.76 -22.62
CA LYS B 346 11.72 -20.45 -23.64
C LYS B 346 12.13 -19.10 -24.22
N PRO B 347 11.50 -18.64 -25.29
CA PRO B 347 11.99 -17.39 -25.91
C PRO B 347 12.06 -16.25 -24.90
N GLN B 348 13.15 -15.48 -24.98
CA GLN B 348 13.40 -14.36 -24.10
C GLN B 348 13.54 -14.77 -22.62
N VAL B 349 13.78 -16.05 -22.30
CA VAL B 349 14.15 -16.48 -20.95
C VAL B 349 15.36 -17.40 -21.05
N HIS B 350 16.45 -17.05 -20.38
CA HIS B 350 17.66 -17.88 -20.38
C HIS B 350 18.17 -18.08 -18.96
N LYS B 351 18.57 -19.33 -18.67
CA LYS B 351 19.34 -19.64 -17.48
C LYS B 351 20.80 -19.49 -17.84
N ILE B 352 21.52 -18.70 -17.07
CA ILE B 352 22.93 -18.45 -17.32
C ILE B 352 23.70 -19.24 -16.27
N HIS B 353 24.45 -20.24 -16.72
CA HIS B 353 25.12 -21.16 -15.80
C HIS B 353 26.51 -20.62 -15.47
N ARG B 354 26.75 -20.35 -14.19
CA ARG B 354 28.03 -19.79 -13.79
C ARG B 354 29.08 -20.85 -13.55
N THR B 355 28.80 -22.08 -13.97
CA THR B 355 29.75 -23.16 -13.84
C THR B 355 30.79 -23.13 -14.95
N GLY B 356 30.49 -22.53 -16.08
CA GLY B 356 31.44 -22.46 -17.16
C GLY B 356 30.76 -22.06 -18.46
N LYS B 357 31.59 -21.98 -19.50
CA LYS B 357 31.13 -21.69 -20.84
C LYS B 357 30.96 -22.95 -21.66
N ASP B 358 31.70 -24.00 -21.31
CA ASP B 358 31.72 -25.26 -22.05
C ASP B 358 30.56 -26.13 -21.57
N GLY B 359 29.38 -25.84 -22.10
CA GLY B 359 28.17 -26.56 -21.72
C GLY B 359 27.83 -26.38 -20.25
N PHE B 360 26.81 -27.12 -19.83
CA PHE B 360 26.27 -27.00 -18.47
C PHE B 360 25.59 -28.30 -18.11
N ASP B 361 25.44 -28.54 -16.81
CA ASP B 361 24.63 -29.64 -16.30
C ASP B 361 23.17 -29.19 -16.21
N ALA B 362 22.26 -30.03 -16.70
CA ALA B 362 20.85 -29.64 -16.76
C ALA B 362 20.30 -29.33 -15.39
N HIS B 363 20.87 -29.94 -14.34
CA HIS B 363 20.42 -29.74 -12.97
C HIS B 363 21.38 -28.88 -12.16
N ASN B 364 22.29 -28.17 -12.84
CA ASN B 364 23.13 -27.20 -12.17
C ASN B 364 22.26 -26.22 -11.39
N ASP B 365 22.62 -25.99 -10.14
CA ASP B 365 21.83 -25.06 -9.33
C ASP B 365 22.40 -23.65 -9.37
N ASP B 366 23.67 -23.50 -9.74
CA ASP B 366 24.32 -22.20 -9.76
C ASP B 366 24.10 -21.57 -11.13
N TYR B 367 22.97 -20.90 -11.29
CA TYR B 367 22.67 -20.17 -12.53
C TYR B 367 21.89 -18.90 -12.16
N LEU B 368 21.85 -17.96 -13.10
CA LEU B 368 20.99 -16.80 -13.02
C LEU B 368 19.95 -16.88 -14.12
N ILE B 369 18.83 -16.20 -13.94
CA ILE B 369 17.80 -16.14 -14.96
C ILE B 369 17.78 -14.73 -15.55
N LEU B 370 18.07 -14.65 -16.84
CA LEU B 370 18.11 -13.39 -17.56
C LEU B 370 16.92 -13.32 -18.50
N LEU B 371 16.18 -12.22 -18.41
CA LEU B 371 14.99 -11.99 -19.23
C LEU B 371 15.31 -11.11 -20.44
N ALA B 372 14.76 -11.49 -21.60
CA ALA B 372 14.88 -10.71 -22.83
C ALA B 372 16.34 -10.44 -23.19
N GLU B 373 17.23 -11.35 -22.78
CA GLU B 373 18.67 -11.23 -23.02
C GLU B 373 19.19 -9.87 -22.59
N GLY B 374 18.59 -9.29 -21.54
CA GLY B 374 18.99 -7.99 -21.10
C GLY B 374 18.33 -6.83 -21.80
N ARG B 375 17.48 -7.08 -22.80
CA ARG B 375 16.77 -6.02 -23.50
C ARG B 375 15.51 -5.62 -22.73
N LEU B 376 14.97 -4.45 -23.07
CA LEU B 376 13.70 -3.95 -22.55
C LEU B 376 12.81 -5.07 -22.01
N VAL B 377 12.72 -5.27 -20.69
CA VAL B 377 12.07 -6.50 -20.22
C VAL B 377 10.56 -6.45 -20.45
N ASN B 378 9.95 -5.27 -20.29
CA ASN B 378 8.49 -5.19 -20.34
C ASN B 378 7.96 -5.47 -21.75
N LEU B 379 8.64 -4.97 -22.77
CA LEU B 379 8.28 -5.27 -24.15
C LEU B 379 8.83 -6.61 -24.60
N GLY B 380 9.93 -7.05 -23.99
CA GLY B 380 10.54 -8.31 -24.36
C GLY B 380 9.76 -9.50 -23.87
N ASN B 381 9.28 -9.48 -22.62
CA ASN B 381 8.61 -10.64 -22.04
C ASN B 381 7.12 -10.44 -21.81
N ALA B 382 6.58 -9.26 -22.11
CA ALA B 382 5.13 -9.04 -22.08
C ALA B 382 4.77 -8.12 -23.24
N THR B 383 3.87 -7.14 -23.04
CA THR B 383 3.40 -6.29 -24.14
C THR B 383 3.74 -4.82 -23.88
N GLY B 384 4.73 -4.57 -23.03
CA GLY B 384 5.03 -3.21 -22.63
C GLY B 384 3.85 -2.52 -21.99
N HIS B 385 3.79 -1.21 -22.17
CA HIS B 385 2.84 -0.43 -21.42
C HIS B 385 1.44 -0.66 -21.99
N PRO B 386 0.42 -0.44 -21.17
CA PRO B 386 -0.96 -0.59 -21.65
C PRO B 386 -1.42 0.62 -22.45
N SER B 387 -2.44 0.34 -23.27
CA SER B 387 -2.97 1.33 -24.20
C SER B 387 -3.32 2.63 -23.49
N ARG B 388 -4.01 2.55 -22.35
CA ARG B 388 -4.47 3.77 -21.69
C ARG B 388 -3.31 4.64 -21.22
N ILE B 389 -2.14 4.04 -20.98
CA ILE B 389 -0.94 4.80 -20.66
C ILE B 389 -0.29 5.36 -21.93
N MET B 390 -0.13 4.50 -22.94
CA MET B 390 0.49 4.93 -24.19
C MET B 390 -0.30 6.03 -24.87
N ASP B 391 -1.62 6.02 -24.70
CA ASP B 391 -2.46 7.14 -25.10
C ASP B 391 -1.79 8.49 -24.83
N GLY B 392 -1.32 8.71 -23.60
CA GLY B 392 -0.72 9.99 -23.28
C GLY B 392 0.48 10.32 -24.15
N SER B 393 1.40 9.36 -24.29
CA SER B 393 2.62 9.65 -25.05
C SER B 393 2.31 9.87 -26.52
N PHE B 394 1.37 9.09 -27.05
CA PHE B 394 1.15 9.13 -28.48
C PHE B 394 0.26 10.29 -28.88
N ALA B 395 -0.66 10.69 -27.99
CA ALA B 395 -1.40 11.92 -28.25
C ALA B 395 -0.44 13.10 -28.40
N ASN B 396 0.58 13.16 -27.55
CA ASN B 396 1.62 14.17 -27.70
C ASN B 396 2.34 14.01 -29.04
N GLN B 397 2.74 12.78 -29.35
CA GLN B 397 3.40 12.48 -30.62
C GLN B 397 2.60 13.02 -31.81
N VAL B 398 1.29 12.80 -31.81
CA VAL B 398 0.45 13.30 -32.89
C VAL B 398 0.46 14.82 -32.90
N LEU B 399 0.25 15.44 -31.74
CA LEU B 399 0.30 16.90 -31.68
C LEU B 399 1.66 17.41 -32.12
N ALA B 400 2.73 16.71 -31.75
CA ALA B 400 4.06 17.18 -32.12
C ALA B 400 4.28 17.07 -33.63
N GLN B 401 3.86 15.95 -34.20
CA GLN B 401 3.91 15.81 -35.65
C GLN B 401 3.09 16.89 -36.33
N ILE B 402 1.89 17.16 -35.83
CA ILE B 402 1.06 18.21 -36.44
C ILE B 402 1.83 19.53 -36.45
N HIS B 403 2.41 19.88 -35.30
CA HIS B 403 3.02 21.20 -35.16
C HIS B 403 4.22 21.37 -36.10
N LEU B 404 5.09 20.36 -36.15
CA LEU B 404 6.29 20.44 -36.97
C LEU B 404 5.94 20.36 -38.46
N PHE B 405 4.94 19.55 -38.80
CA PHE B 405 4.55 19.47 -40.20
C PHE B 405 3.97 20.79 -40.68
N GLU B 406 3.07 21.37 -39.89
CA GLU B 406 2.45 22.61 -40.33
C GLU B 406 3.43 23.77 -40.30
N GLN B 407 4.48 23.70 -39.48
CA GLN B 407 5.48 24.76 -39.49
C GLN B 407 6.31 24.74 -40.77
N LYS B 408 6.48 23.57 -41.39
CA LYS B 408 7.07 23.44 -42.73
C LYS B 408 8.50 23.99 -42.80
N TYR B 409 9.34 23.55 -41.87
CA TYR B 409 10.74 23.96 -41.81
C TYR B 409 11.43 23.90 -43.16
N ALA B 410 11.34 22.75 -43.83
CA ALA B 410 12.08 22.52 -45.07
C ALA B 410 11.67 23.45 -46.19
N ASP B 411 10.63 24.26 -46.03
CA ASP B 411 10.15 25.18 -47.07
C ASP B 411 10.46 26.64 -46.74
N LEU B 412 11.48 26.90 -45.93
CA LEU B 412 11.74 28.22 -45.36
C LEU B 412 13.15 28.69 -45.69
N PRO B 413 13.42 30.01 -45.54
CA PRO B 413 14.76 30.55 -45.84
C PRO B 413 15.87 29.87 -45.05
N ALA B 414 17.09 29.96 -45.57
CA ALA B 414 18.25 29.20 -45.13
C ALA B 414 18.46 29.18 -43.61
N ALA B 415 18.91 30.28 -43.02
CA ALA B 415 19.16 30.29 -41.59
C ALA B 415 18.20 31.21 -40.83
N GLU B 416 17.13 31.69 -41.48
CA GLU B 416 15.95 32.05 -40.72
C GLU B 416 15.46 30.83 -39.93
N LYS B 417 15.71 29.65 -40.48
CA LYS B 417 15.50 28.35 -39.85
C LYS B 417 16.39 28.11 -38.63
N ALA B 418 17.39 28.96 -38.38
CA ALA B 418 18.16 28.84 -37.15
C ALA B 418 17.33 29.29 -35.95
N LYS B 419 16.36 30.19 -36.16
CA LYS B 419 15.38 30.48 -35.13
C LYS B 419 14.46 29.30 -34.90
N ARG B 420 14.40 28.35 -35.84
CA ARG B 420 13.56 27.18 -35.74
C ARG B 420 14.34 25.92 -35.32
N LEU B 421 15.65 25.89 -35.53
CA LEU B 421 16.45 24.72 -35.17
C LEU B 421 16.52 24.62 -33.65
N SER B 422 15.75 23.70 -33.07
CA SER B 422 15.75 23.57 -31.63
C SER B 422 15.05 22.29 -31.22
N VAL B 423 15.49 21.74 -30.09
CA VAL B 423 14.77 20.69 -29.40
C VAL B 423 13.83 21.40 -28.44
N GLU B 424 12.55 21.45 -28.80
CA GLU B 424 11.53 22.11 -28.00
C GLU B 424 10.53 21.09 -27.48
N VAL B 425 9.90 21.41 -26.35
CA VAL B 425 8.79 20.64 -25.85
C VAL B 425 7.49 21.28 -26.32
N LEU B 426 6.38 20.62 -26.06
CA LEU B 426 5.05 21.14 -26.38
C LEU B 426 4.59 22.14 -25.31
N PRO B 427 3.76 23.10 -25.70
CA PRO B 427 3.14 24.01 -24.72
C PRO B 427 2.40 23.28 -23.62
N LYS B 428 2.57 23.77 -22.38
CA LYS B 428 1.88 23.15 -21.25
C LYS B 428 0.38 23.04 -21.48
N LYS B 429 -0.22 24.02 -22.13
CA LYS B 429 -1.65 23.93 -22.44
C LYS B 429 -1.99 22.67 -23.21
N LEU B 430 -1.13 22.30 -24.17
CA LEU B 430 -1.33 21.04 -24.90
C LEU B 430 -1.21 19.86 -23.95
N ASP B 431 -0.17 19.87 -23.12
CA ASP B 431 0.02 18.84 -22.11
C ASP B 431 -1.25 18.68 -21.28
N GLU B 432 -1.86 19.80 -20.91
CA GLU B 432 -3.07 19.77 -20.08
C GLU B 432 -4.26 19.24 -20.87
N GLU B 433 -4.38 19.64 -22.14
CA GLU B 433 -5.43 19.11 -23.00
C GLU B 433 -5.34 17.59 -23.14
N VAL B 434 -4.12 17.06 -23.31
CA VAL B 434 -3.98 15.61 -23.34
C VAL B 434 -4.40 15.01 -22.01
N ALA B 435 -3.85 15.55 -20.93
CA ALA B 435 -4.19 15.09 -19.59
C ALA B 435 -5.69 15.10 -19.35
N LEU B 436 -6.37 16.15 -19.83
CA LEU B 436 -7.82 16.23 -19.63
C LEU B 436 -8.54 15.07 -20.33
N GLU B 437 -8.17 14.76 -21.58
CA GLU B 437 -8.75 13.61 -22.26
C GLU B 437 -8.49 12.31 -21.50
N MET B 438 -7.28 12.15 -20.96
CA MET B 438 -6.98 10.92 -20.21
C MET B 438 -7.83 10.82 -18.95
N VAL B 439 -7.98 11.94 -18.22
CA VAL B 439 -8.79 11.91 -16.99
C VAL B 439 -10.21 11.51 -17.32
N LYS B 440 -10.76 12.04 -18.41
CA LYS B 440 -12.11 11.70 -18.78
C LYS B 440 -12.22 10.22 -19.11
N GLY B 441 -11.12 9.60 -19.55
CA GLY B 441 -11.15 8.18 -19.85
C GLY B 441 -11.40 7.36 -18.62
N PHE B 442 -10.94 7.85 -17.47
CA PHE B 442 -11.26 7.28 -16.18
C PHE B 442 -12.59 7.74 -15.63
N GLY B 443 -13.35 8.56 -16.36
CA GLY B 443 -14.57 9.11 -15.81
C GLY B 443 -14.36 10.18 -14.77
N GLY B 444 -13.11 10.60 -14.55
CA GLY B 444 -12.87 11.72 -13.66
C GLY B 444 -13.52 12.99 -14.17
N VAL B 445 -13.80 13.89 -13.22
CA VAL B 445 -14.44 15.17 -13.49
C VAL B 445 -13.48 16.25 -12.98
N VAL B 446 -12.93 17.04 -13.87
CA VAL B 446 -12.08 18.15 -13.49
C VAL B 446 -12.94 19.33 -13.09
N THR B 447 -12.57 19.98 -11.98
CA THR B 447 -13.29 21.15 -11.50
C THR B 447 -12.85 22.39 -12.28
N GLN B 448 -13.79 23.30 -12.52
CA GLN B 448 -13.54 24.56 -13.21
C GLN B 448 -13.41 25.68 -12.18
N LEU B 449 -12.28 26.39 -12.21
CA LEU B 449 -12.11 27.55 -11.34
C LEU B 449 -13.21 28.57 -11.56
N THR B 450 -13.64 29.21 -10.48
CA THR B 450 -14.41 30.43 -10.61
C THR B 450 -13.50 31.55 -11.09
N PRO B 451 -14.06 32.62 -11.63
CA PRO B 451 -13.21 33.78 -11.96
C PRO B 451 -12.44 34.32 -10.75
N LYS B 452 -13.09 34.47 -9.60
CA LYS B 452 -12.38 34.94 -8.41
C LYS B 452 -11.26 33.98 -8.02
N GLN B 453 -11.51 32.68 -8.10
CA GLN B 453 -10.47 31.71 -7.78
C GLN B 453 -9.27 31.83 -8.73
N ALA B 454 -9.53 31.82 -10.04
CA ALA B 454 -8.44 31.93 -11.00
C ALA B 454 -7.64 33.22 -10.80
N GLU B 455 -8.33 34.32 -10.49
CA GLU B 455 -7.64 35.56 -10.17
C GLU B 455 -6.78 35.40 -8.92
N TYR B 456 -7.29 34.63 -7.94
CA TYR B 456 -6.63 34.51 -6.65
C TYR B 456 -5.30 33.79 -6.76
N ILE B 457 -5.21 32.76 -7.59
CA ILE B 457 -3.93 32.08 -7.77
C ILE B 457 -3.23 32.49 -9.06
N GLY B 458 -3.81 33.37 -9.84
CA GLY B 458 -3.05 33.99 -10.92
C GLY B 458 -2.93 33.15 -12.15
N VAL B 459 -4.01 32.48 -12.54
CA VAL B 459 -4.03 31.62 -13.71
C VAL B 459 -5.32 31.91 -14.45
N SER B 460 -5.37 31.51 -15.70
CA SER B 460 -6.60 31.59 -16.44
C SER B 460 -7.53 30.44 -16.06
N VAL B 461 -8.83 30.70 -16.14
CA VAL B 461 -9.78 29.61 -15.94
C VAL B 461 -9.52 28.49 -16.94
N GLU B 462 -8.98 28.82 -18.10
CA GLU B 462 -8.65 27.88 -19.14
C GLU B 462 -7.31 27.19 -18.94
N GLY B 463 -6.52 27.59 -17.95
CA GLY B 463 -5.16 27.12 -17.86
C GLY B 463 -4.26 27.87 -18.84
N PRO B 464 -2.96 27.60 -18.82
CA PRO B 464 -2.24 26.57 -18.06
C PRO B 464 -2.25 26.92 -16.57
N PHE B 465 -2.24 25.89 -15.72
CA PHE B 465 -2.45 26.10 -14.29
C PHE B 465 -1.15 26.17 -13.51
N LYS B 466 -0.05 25.76 -14.11
CA LYS B 466 1.26 25.75 -13.48
C LYS B 466 2.24 26.47 -14.39
N PRO B 467 3.24 27.13 -13.81
CA PRO B 467 4.34 27.64 -14.63
C PRO B 467 5.18 26.49 -15.14
N ASP B 468 5.95 26.77 -16.20
CA ASP B 468 6.78 25.73 -16.79
C ASP B 468 7.85 25.20 -15.83
N THR B 469 8.10 25.89 -14.72
CA THR B 469 9.03 25.38 -13.73
C THR B 469 8.42 24.32 -12.80
N TYR B 470 7.09 24.18 -12.78
CA TYR B 470 6.45 23.30 -11.82
C TYR B 470 6.83 21.84 -12.08
N ARG B 471 7.09 21.08 -11.01
CA ARG B 471 7.64 19.74 -11.20
C ARG B 471 6.59 18.62 -11.05
N TYR B 472 5.39 18.93 -10.54
CA TYR B 472 4.31 17.95 -10.36
C TYR B 472 4.80 16.86 -9.43
N ALA C 11 16.26 36.36 33.99
CA ALA C 11 17.66 36.64 34.29
C ALA C 11 18.17 37.85 33.51
N GLY C 12 17.39 38.93 33.50
CA GLY C 12 17.76 40.11 32.76
C GLY C 12 17.25 40.07 31.33
N PHE C 13 17.26 38.89 30.72
CA PHE C 13 16.76 38.76 29.36
C PHE C 13 15.23 38.71 29.41
N THR C 14 14.60 39.69 28.77
CA THR C 14 13.16 39.83 28.78
C THR C 14 12.61 40.11 27.39
N ASP C 15 13.45 39.98 26.35
CA ASP C 15 13.08 40.43 25.01
C ASP C 15 12.39 39.29 24.25
N TYR C 16 11.21 38.92 24.74
CA TYR C 16 10.49 37.77 24.20
C TYR C 16 9.08 37.80 24.78
N LYS C 17 8.19 37.04 24.15
CA LYS C 17 6.88 36.75 24.76
C LYS C 17 6.47 35.34 24.35
N VAL C 18 6.41 34.43 25.32
CA VAL C 18 5.97 33.08 25.09
C VAL C 18 4.89 32.75 26.12
N ALA C 19 4.20 31.63 25.90
CA ALA C 19 3.11 31.25 26.79
C ALA C 19 3.61 30.92 28.18
N ASP C 20 4.70 30.18 28.27
CA ASP C 20 5.14 29.73 29.58
C ASP C 20 6.63 29.43 29.52
N ILE C 21 7.42 30.26 30.17
CA ILE C 21 8.87 30.12 30.09
C ILE C 21 9.34 28.88 30.84
N THR C 22 8.56 28.36 31.79
CA THR C 22 8.98 27.18 32.52
C THR C 22 9.04 25.93 31.64
N LEU C 23 8.45 25.98 30.44
CA LEU C 23 8.49 24.87 29.50
C LEU C 23 9.84 24.72 28.80
N ALA C 24 10.80 25.59 29.15
CA ALA C 24 12.05 25.64 28.41
C ALA C 24 12.86 24.35 28.54
N ALA C 25 12.93 23.76 29.75
CA ALA C 25 13.75 22.58 29.90
C ALA C 25 13.19 21.42 29.09
N TRP C 26 11.87 21.28 29.05
CA TRP C 26 11.23 20.30 28.19
C TRP C 26 11.54 20.60 26.73
N GLY C 27 11.38 21.86 26.32
CA GLY C 27 11.73 22.22 24.96
C GLY C 27 13.16 21.89 24.62
N ARG C 28 14.07 22.13 25.55
CA ARG C 28 15.48 21.86 25.31
C ARG C 28 15.73 20.37 25.14
N ARG C 29 15.06 19.54 25.95
CA ARG C 29 15.17 18.10 25.77
C ARG C 29 14.72 17.68 24.38
N GLU C 30 13.60 18.26 23.92
CA GLU C 30 13.13 17.88 22.60
C GLU C 30 14.02 18.44 21.50
N LEU C 31 14.64 19.60 21.73
CA LEU C 31 15.59 20.12 20.74
C LEU C 31 16.80 19.19 20.59
N ILE C 32 17.34 18.72 21.72
CA ILE C 32 18.48 17.84 21.67
C ILE C 32 18.15 16.56 20.89
N ILE C 33 16.94 16.01 21.09
CA ILE C 33 16.51 14.86 20.30
C ILE C 33 16.38 15.25 18.84
N ALA C 34 15.73 16.37 18.57
CA ALA C 34 15.53 16.75 17.17
C ALA C 34 16.85 16.95 16.44
N GLU C 35 17.87 17.46 17.14
CA GLU C 35 19.17 17.62 16.52
C GLU C 35 19.67 16.31 15.93
N SER C 36 19.36 15.19 16.60
CA SER C 36 19.82 13.90 16.14
C SER C 36 19.01 13.42 14.96
N GLU C 37 17.87 14.05 14.70
CA GLU C 37 17.00 13.74 13.57
C GLU C 37 17.20 14.71 12.41
N MET C 38 18.14 15.63 12.51
CA MET C 38 18.33 16.67 11.51
C MET C 38 19.80 16.72 11.10
N PRO C 39 20.28 15.66 10.44
CA PRO C 39 21.71 15.58 10.12
C PRO C 39 22.19 16.64 9.14
N ALA C 40 21.35 17.05 8.18
CA ALA C 40 21.77 18.10 7.24
C ALA C 40 21.95 19.42 7.97
N LEU C 41 20.99 19.78 8.79
CA LEU C 41 21.09 21.01 9.57
C LEU C 41 22.31 20.96 10.47
N MET C 42 22.46 19.87 11.22
N MET C 42 22.49 19.85 11.19
CA MET C 42 23.62 19.69 12.10
CA MET C 42 23.62 19.74 12.11
C MET C 42 24.92 19.72 11.31
C MET C 42 24.94 19.63 11.34
N GLY C 43 24.91 19.13 10.11
CA GLY C 43 26.12 19.12 9.30
C GLY C 43 26.51 20.51 8.85
N LEU C 44 25.53 21.34 8.49
CA LEU C 44 25.79 22.74 8.21
C LEU C 44 26.42 23.41 9.42
N ARG C 45 25.89 23.12 10.61
CA ARG C 45 26.47 23.66 11.83
C ARG C 45 27.95 23.32 11.93
N ARG C 46 28.29 22.05 11.69
CA ARG C 46 29.69 21.68 11.83
C ARG C 46 30.53 22.22 10.68
N LYS C 47 29.98 22.23 9.46
CA LYS C 47 30.74 22.71 8.31
C LYS C 47 31.16 24.17 8.47
N TYR C 48 30.25 25.01 8.96
CA TYR C 48 30.38 26.45 8.85
C TYR C 48 30.69 27.13 10.18
N ALA C 49 30.71 26.41 11.30
CA ALA C 49 30.86 27.05 12.61
C ALA C 49 32.14 27.85 12.68
N GLY C 50 33.24 27.30 12.18
CA GLY C 50 34.49 28.03 12.21
C GLY C 50 34.46 29.23 11.29
N GLN C 51 33.76 29.12 10.16
CA GLN C 51 33.76 30.21 9.19
C GLN C 51 32.82 31.34 9.61
N GLN C 52 31.81 31.05 10.43
CA GLN C 52 30.84 32.05 10.86
C GLN C 52 30.32 32.86 9.66
N PRO C 53 29.74 32.19 8.65
CA PRO C 53 29.32 32.92 7.45
C PRO C 53 28.15 33.85 7.68
N LEU C 54 27.48 33.76 8.82
CA LEU C 54 26.35 34.63 9.14
C LEU C 54 26.71 35.63 10.24
N LYS C 55 27.99 35.76 10.57
CA LYS C 55 28.42 36.83 11.46
C LYS C 55 28.04 38.18 10.87
N GLY C 56 27.30 38.98 11.63
CA GLY C 56 26.75 40.23 11.16
C GLY C 56 25.35 40.15 10.62
N ALA C 57 24.86 38.95 10.32
CA ALA C 57 23.48 38.77 9.88
C ALA C 57 22.51 39.06 11.02
N LYS C 58 21.44 39.79 10.70
CA LYS C 58 20.39 40.09 11.67
C LYS C 58 19.08 39.73 10.98
N ILE C 59 18.50 38.59 11.37
CA ILE C 59 17.45 37.92 10.61
C ILE C 59 16.11 38.12 11.31
N LEU C 60 15.19 38.79 10.63
CA LEU C 60 13.77 38.68 10.94
C LEU C 60 13.26 37.34 10.43
N GLY C 61 12.82 36.49 11.34
CA GLY C 61 12.28 35.20 10.93
C GLY C 61 10.83 35.09 11.33
N CYS C 62 9.98 34.66 10.41
CA CYS C 62 8.57 34.42 10.67
C CYS C 62 8.22 33.03 10.13
N ILE C 63 8.23 32.03 11.02
CA ILE C 63 7.86 30.68 10.64
C ILE C 63 7.48 29.92 11.91
N HIS C 64 6.46 29.07 11.78
CA HIS C 64 5.97 28.13 12.79
C HIS C 64 7.02 27.83 13.85
N MET C 65 6.78 28.31 15.06
CA MET C 65 7.75 28.20 16.16
C MET C 65 7.58 26.83 16.84
N THR C 66 7.93 25.80 16.07
CA THR C 66 8.05 24.40 16.47
C THR C 66 9.46 24.06 16.93
N ILE C 67 9.59 22.86 17.48
CA ILE C 67 10.91 22.28 17.80
C ILE C 67 11.83 22.26 16.58
N GLN C 68 11.26 22.00 15.40
CA GLN C 68 12.10 21.95 14.21
C GLN C 68 12.62 23.34 13.88
N THR C 69 11.75 24.34 13.92
CA THR C 69 12.19 25.72 13.74
C THR C 69 13.20 26.13 14.80
N GLY C 70 13.02 25.64 16.03
CA GLY C 70 14.04 25.83 17.06
C GLY C 70 15.43 25.38 16.63
N VAL C 71 15.52 24.24 15.92
CA VAL C 71 16.84 23.76 15.50
C VAL C 71 17.39 24.64 14.38
N LEU C 72 16.52 25.13 13.50
CA LEU C 72 16.91 26.06 12.46
C LEU C 72 17.44 27.36 13.06
N ILE C 73 16.67 27.93 13.99
CA ILE C 73 17.05 29.18 14.67
C ILE C 73 18.45 29.06 15.26
N GLU C 74 18.69 28.00 16.01
CA GLU C 74 19.97 27.83 16.66
C GLU C 74 21.08 27.52 15.66
N THR C 75 20.76 26.95 14.50
CA THR C 75 21.77 26.79 13.44
C THR C 75 22.19 28.15 12.90
N LEU C 76 21.22 28.99 12.56
CA LEU C 76 21.54 30.35 12.11
C LEU C 76 22.42 31.08 13.13
N VAL C 77 22.02 31.01 14.41
CA VAL C 77 22.77 31.66 15.49
C VAL C 77 24.16 31.08 15.59
N ALA C 78 24.27 29.75 15.47
CA ALA C 78 25.55 29.06 15.56
C ALA C 78 26.49 29.50 14.45
N LEU C 79 25.94 29.86 13.30
CA LEU C 79 26.73 30.33 12.16
C LEU C 79 27.04 31.82 12.25
N GLY C 80 26.63 32.48 13.33
CA GLY C 80 26.95 33.87 13.57
C GLY C 80 25.77 34.82 13.51
N ALA C 81 24.58 34.36 13.12
CA ALA C 81 23.47 35.29 13.01
C ALA C 81 22.91 35.65 14.36
N GLU C 82 22.32 36.84 14.43
CA GLU C 82 21.34 37.21 15.42
C GLU C 82 19.97 37.25 14.77
N VAL C 83 18.94 36.82 15.50
CA VAL C 83 17.59 36.73 14.96
C VAL C 83 16.61 37.38 15.90
N ARG C 84 15.44 37.73 15.37
CA ARG C 84 14.25 37.96 16.16
C ARG C 84 13.11 37.24 15.44
N TRP C 85 12.31 36.48 16.19
CA TRP C 85 11.48 35.42 15.63
C TRP C 85 10.01 35.56 16.01
N SER C 86 9.15 35.18 15.10
CA SER C 86 7.73 35.02 15.33
C SER C 86 7.25 33.81 14.54
N SER C 87 6.12 33.25 14.98
CA SER C 87 5.45 32.21 14.22
C SER C 87 4.67 32.82 13.06
N CYS C 88 4.49 32.03 12.00
CA CYS C 88 3.66 32.48 10.87
C CYS C 88 2.25 31.90 10.90
N ASN C 89 1.83 31.30 12.00
CA ASN C 89 0.44 30.90 12.16
C ASN C 89 0.09 30.96 13.63
N ILE C 90 -1.15 31.35 13.94
CA ILE C 90 -1.55 31.52 15.34
C ILE C 90 -1.59 30.22 16.13
N PHE C 91 -1.69 29.05 15.47
CA PHE C 91 -1.86 27.77 16.17
C PHE C 91 -0.67 26.84 16.04
N SER C 92 0.40 27.24 15.36
CA SER C 92 1.44 26.27 15.01
C SER C 92 2.61 26.22 15.98
N THR C 93 2.74 27.21 16.87
CA THR C 93 3.85 27.19 17.83
C THR C 93 3.72 25.98 18.77
N GLN C 94 4.85 25.30 19.02
CA GLN C 94 5.00 24.45 20.19
C GLN C 94 5.54 25.31 21.32
N ASP C 95 4.72 25.49 22.36
CA ASP C 95 5.10 26.41 23.42
C ASP C 95 6.41 26.04 24.08
N GLN C 96 6.75 24.75 24.13
CA GLN C 96 8.01 24.37 24.75
C GLN C 96 9.18 24.68 23.84
N ALA C 97 8.98 24.65 22.51
CA ALA C 97 9.99 25.13 21.59
C ALA C 97 10.20 26.63 21.76
N ALA C 98 9.11 27.42 21.75
CA ALA C 98 9.25 28.87 21.99
C ALA C 98 9.96 29.14 23.31
N ALA C 99 9.60 28.37 24.35
CA ALA C 99 10.15 28.65 25.68
C ALA C 99 11.63 28.35 25.72
N ALA C 100 12.05 27.27 25.05
CA ALA C 100 13.48 26.94 25.02
C ALA C 100 14.29 27.96 24.23
N ILE C 101 13.71 28.51 23.16
CA ILE C 101 14.43 29.50 22.36
C ILE C 101 14.60 30.79 23.15
N ALA C 102 13.50 31.29 23.72
CA ALA C 102 13.56 32.41 24.66
C ALA C 102 14.60 32.18 25.75
N ALA C 103 14.65 30.97 26.30
CA ALA C 103 15.54 30.73 27.43
C ALA C 103 17.01 30.78 27.04
N ALA C 104 17.31 30.54 25.76
CA ALA C 104 18.66 30.64 25.24
C ALA C 104 19.07 32.08 24.95
N GLY C 105 18.20 33.05 25.23
CA GLY C 105 18.54 34.44 25.02
C GLY C 105 18.24 34.94 23.63
N ILE C 106 17.31 34.29 22.94
CA ILE C 106 16.95 34.62 21.57
C ILE C 106 15.58 35.27 21.58
N PRO C 107 15.42 36.48 21.06
CA PRO C 107 14.10 37.10 21.00
C PRO C 107 13.14 36.26 20.16
N VAL C 108 12.02 35.89 20.78
CA VAL C 108 10.97 35.11 20.14
C VAL C 108 9.64 35.62 20.67
N PHE C 109 8.67 35.80 19.78
CA PHE C 109 7.34 36.26 20.18
C PHE C 109 6.34 35.30 19.55
N ALA C 110 5.89 34.30 20.33
CA ALA C 110 5.12 33.23 19.75
C ALA C 110 4.50 32.36 20.84
N TRP C 111 3.22 32.05 20.69
CA TRP C 111 2.58 31.02 21.49
C TRP C 111 1.48 30.34 20.70
N LYS C 112 1.20 29.09 21.06
CA LYS C 112 0.06 28.39 20.48
C LYS C 112 -1.23 29.05 20.94
N GLY C 113 -2.10 29.40 20.01
CA GLY C 113 -3.40 29.94 20.37
C GLY C 113 -3.53 31.45 20.28
N GLU C 114 -2.69 32.10 19.45
CA GLU C 114 -2.72 33.56 19.38
C GLU C 114 -4.04 34.03 18.78
N THR C 115 -4.47 35.21 19.20
CA THR C 115 -5.47 35.95 18.44
C THR C 115 -4.82 36.54 17.19
N GLU C 116 -5.64 36.98 16.24
CA GLU C 116 -5.10 37.64 15.04
C GLU C 116 -4.32 38.89 15.40
N GLU C 117 -4.83 39.67 16.35
CA GLU C 117 -4.14 40.89 16.76
C GLU C 117 -2.82 40.55 17.44
N GLU C 118 -2.81 39.49 18.24
CA GLU C 118 -1.57 39.04 18.86
C GLU C 118 -0.56 38.59 17.81
N TYR C 119 -1.03 37.87 16.79
CA TYR C 119 -0.19 37.46 15.69
C TYR C 119 0.52 38.66 15.05
N GLU C 120 -0.24 39.73 14.79
CA GLU C 120 0.38 40.90 14.15
C GLU C 120 1.39 41.54 15.08
N TRP C 121 1.02 41.66 16.37
CA TRP C 121 1.89 42.22 17.39
C TRP C 121 3.21 41.46 17.48
N CYS C 122 3.14 40.12 17.42
CA CYS C 122 4.35 39.31 17.46
C CYS C 122 5.29 39.61 16.29
N ILE C 123 4.76 39.71 15.07
CA ILE C 123 5.61 40.08 13.94
C ILE C 123 6.24 41.45 14.19
N GLU C 124 5.43 42.41 14.65
CA GLU C 124 5.95 43.76 14.93
CA GLU C 124 5.96 43.76 14.92
C GLU C 124 7.02 43.75 16.02
N GLN C 125 6.91 42.85 17.01
CA GLN C 125 7.94 42.79 18.04
C GLN C 125 9.27 42.30 17.51
N THR C 126 9.27 41.54 16.40
CA THR C 126 10.54 41.18 15.77
C THR C 126 11.09 42.36 14.99
N ILE C 127 10.21 43.15 14.38
CA ILE C 127 10.61 44.27 13.53
C ILE C 127 11.19 45.41 14.35
N LEU C 128 10.52 45.74 15.45
CA LEU C 128 10.91 46.84 16.32
C LEU C 128 11.68 46.28 17.51
N LYS C 129 12.77 46.94 17.85
CA LYS C 129 13.51 46.61 19.05
C LYS C 129 13.62 47.87 19.88
N ASP C 130 13.08 47.82 21.09
CA ASP C 130 13.03 48.99 21.97
C ASP C 130 12.36 50.16 21.25
N GLY C 131 11.23 49.86 20.61
CA GLY C 131 10.41 50.86 19.98
C GLY C 131 10.88 51.38 18.63
N GLN C 132 12.10 51.04 18.18
CA GLN C 132 12.62 51.52 16.90
C GLN C 132 12.95 50.35 15.98
N PRO C 133 13.03 50.58 14.67
CA PRO C 133 13.40 49.50 13.75
C PRO C 133 14.67 48.80 14.21
N TRP C 134 14.59 47.48 14.31
CA TRP C 134 15.79 46.69 14.54
C TRP C 134 16.73 46.89 13.35
N ASP C 135 18.01 46.65 13.58
CA ASP C 135 18.93 46.79 12.46
C ASP C 135 18.89 45.52 11.63
N ALA C 136 17.70 45.16 11.17
CA ALA C 136 17.54 43.93 10.41
C ALA C 136 18.28 44.04 9.08
N ASN C 137 18.80 42.91 8.61
CA ASN C 137 19.39 42.91 7.29
C ASN C 137 19.12 41.64 6.50
N MET C 138 18.41 40.67 7.09
CA MET C 138 17.94 39.47 6.43
C MET C 138 16.52 39.14 6.88
N VAL C 139 15.77 38.49 6.00
CA VAL C 139 14.40 38.07 6.27
C VAL C 139 14.26 36.59 5.93
N LEU C 140 13.72 35.82 6.87
CA LEU C 140 13.33 34.43 6.64
C LEU C 140 11.83 34.35 6.88
N ASP C 141 11.07 33.99 5.85
CA ASP C 141 9.63 34.12 5.92
C ASP C 141 8.98 32.82 5.47
N ASP C 142 7.74 32.61 5.92
CA ASP C 142 6.97 31.42 5.59
C ASP C 142 5.54 31.87 5.38
N GLY C 143 5.19 32.19 4.14
CA GLY C 143 3.84 32.62 3.84
C GLY C 143 3.71 34.06 3.44
N GLY C 144 4.76 34.86 3.58
CA GLY C 144 4.77 36.21 3.04
C GLY C 144 4.28 37.29 3.99
N ASP C 145 3.75 36.92 5.17
CA ASP C 145 3.15 37.92 6.06
C ASP C 145 4.18 38.92 6.57
N LEU C 146 5.35 38.46 6.98
CA LEU C 146 6.38 39.39 7.43
C LEU C 146 6.86 40.24 6.28
N THR C 147 7.14 39.58 5.14
CA THR C 147 7.48 40.26 3.90
C THR C 147 6.47 41.34 3.55
N GLU C 148 5.16 41.03 3.69
CA GLU C 148 4.13 42.00 3.33
C GLU C 148 4.20 43.21 4.25
N ILE C 149 4.32 42.97 5.55
CA ILE C 149 4.37 44.04 6.53
C ILE C 149 5.59 44.93 6.30
N LEU C 150 6.74 44.32 6.01
CA LEU C 150 7.93 45.11 5.74
C LEU C 150 7.71 46.05 4.56
N HIS C 151 7.15 45.54 3.46
CA HIS C 151 6.95 46.39 2.29
C HIS C 151 5.88 47.46 2.53
N LYS C 152 4.74 47.11 3.13
CA LYS C 152 3.68 48.09 3.33
C LYS C 152 4.08 49.14 4.34
N LYS C 153 4.76 48.73 5.39
CA LYS C 153 4.89 49.54 6.59
C LYS C 153 6.31 49.96 6.89
N TYR C 154 7.33 49.22 6.45
CA TYR C 154 8.72 49.52 6.83
C TYR C 154 9.65 49.58 5.61
N PRO C 155 9.32 50.37 4.60
CA PRO C 155 10.22 50.43 3.43
C PRO C 155 11.62 50.88 3.78
N GLN C 156 11.78 51.76 4.77
CA GLN C 156 13.10 52.20 5.21
C GLN C 156 13.96 51.02 5.64
N MET C 157 13.36 50.03 6.34
CA MET C 157 14.14 48.88 6.74
C MET C 157 14.55 48.03 5.54
N LEU C 158 13.71 47.95 4.52
CA LEU C 158 14.07 47.09 3.39
C LEU C 158 15.32 47.60 2.67
N GLU C 159 15.55 48.92 2.68
CA GLU C 159 16.77 49.48 2.10
C GLU C 159 18.01 48.75 2.60
N ARG C 160 18.02 48.37 3.89
CA ARG C 160 19.18 47.76 4.53
C ARG C 160 19.14 46.22 4.58
N ILE C 161 18.12 45.60 4.00
CA ILE C 161 17.96 44.15 4.04
C ILE C 161 18.46 43.53 2.73
N HIS C 162 19.31 42.50 2.84
CA HIS C 162 19.98 41.93 1.66
C HIS C 162 19.12 40.92 0.93
N GLY C 163 18.04 40.45 1.53
CA GLY C 163 17.28 39.38 0.90
C GLY C 163 16.23 38.77 1.80
N ILE C 164 15.32 38.06 1.16
CA ILE C 164 14.24 37.31 1.78
C ILE C 164 14.38 35.85 1.33
N THR C 165 14.32 34.91 2.28
CA THR C 165 14.29 33.49 1.97
C THR C 165 12.90 33.00 2.36
N GLU C 166 12.08 32.68 1.36
CA GLU C 166 10.68 32.35 1.55
C GLU C 166 10.47 30.84 1.51
N GLU C 167 9.75 30.33 2.51
CA GLU C 167 9.65 28.91 2.77
C GLU C 167 8.62 28.19 1.90
N THR C 168 7.47 28.82 1.64
CA THR C 168 6.31 28.02 1.24
C THR C 168 5.69 28.56 -0.05
N THR C 169 4.93 27.67 -0.71
CA THR C 169 4.36 27.96 -2.02
C THR C 169 3.59 29.27 -2.02
N THR C 170 2.70 29.46 -1.05
CA THR C 170 1.93 30.71 -1.01
C THR C 170 2.85 31.93 -0.90
N GLY C 171 3.90 31.84 -0.08
CA GLY C 171 4.81 32.95 0.06
C GLY C 171 5.53 33.26 -1.23
N VAL C 172 5.93 32.22 -1.96
CA VAL C 172 6.60 32.45 -3.24
C VAL C 172 5.64 33.16 -4.21
N HIS C 173 4.38 32.73 -4.23
CA HIS C 173 3.43 33.37 -5.13
C HIS C 173 3.34 34.89 -4.88
N ARG C 174 3.25 35.29 -3.61
CA ARG C 174 3.17 36.71 -3.28
C ARG C 174 4.46 37.43 -3.66
N LEU C 175 5.59 36.75 -3.52
CA LEU C 175 6.85 37.32 -3.98
C LEU C 175 6.79 37.58 -5.48
N LEU C 176 6.33 36.58 -6.24
CA LEU C 176 6.30 36.71 -7.70
C LEU C 176 5.34 37.80 -8.15
N ASP C 177 4.20 37.94 -7.46
CA ASP C 177 3.31 39.05 -7.76
C ASP C 177 3.99 40.39 -7.52
N MET C 178 4.71 40.54 -6.40
CA MET C 178 5.38 41.80 -6.11
C MET C 178 6.43 42.13 -7.17
N LEU C 179 7.28 41.14 -7.48
CA LEU C 179 8.24 41.29 -8.57
C LEU C 179 7.54 41.69 -9.85
N LYS C 180 6.53 40.91 -10.27
CA LYS C 180 5.79 41.25 -11.48
C LYS C 180 5.25 42.67 -11.43
N ASN C 181 4.87 43.14 -10.25
CA ASN C 181 4.32 44.48 -10.13
C ASN C 181 5.36 45.55 -9.95
N GLY C 182 6.63 45.18 -9.77
CA GLY C 182 7.66 46.15 -9.51
C GLY C 182 7.74 46.62 -8.07
N THR C 183 7.02 45.97 -7.15
CA THR C 183 6.97 46.42 -5.76
C THR C 183 7.92 45.67 -4.84
N LEU C 184 8.53 44.58 -5.31
CA LEU C 184 9.51 43.84 -4.51
C LEU C 184 10.77 44.68 -4.32
N LYS C 185 11.19 44.85 -3.06
CA LYS C 185 12.29 45.78 -2.79
C LYS C 185 13.64 45.10 -2.61
N VAL C 186 13.64 43.79 -2.31
CA VAL C 186 14.89 43.06 -2.10
C VAL C 186 14.77 41.71 -2.79
N PRO C 187 15.90 41.15 -3.24
CA PRO C 187 15.86 39.82 -3.86
C PRO C 187 15.38 38.78 -2.86
N ALA C 188 14.89 37.67 -3.41
CA ALA C 188 14.41 36.55 -2.61
C ALA C 188 14.95 35.25 -3.19
N ILE C 189 15.15 34.27 -2.33
CA ILE C 189 15.38 32.91 -2.76
C ILE C 189 14.15 32.09 -2.42
N ASN C 190 13.63 31.39 -3.45
CA ASN C 190 12.52 30.45 -3.34
C ASN C 190 13.07 29.15 -2.76
N VAL C 191 12.92 28.99 -1.44
CA VAL C 191 13.36 27.80 -0.75
C VAL C 191 12.43 26.65 -1.06
N ASN C 192 11.15 26.96 -1.27
CA ASN C 192 10.15 25.93 -1.51
C ASN C 192 10.51 25.05 -2.70
N ASP C 193 11.19 25.62 -3.69
CA ASP C 193 11.39 24.98 -5.00
C ASP C 193 12.52 23.96 -5.00
N SER C 194 13.39 23.95 -3.99
CA SER C 194 14.34 22.85 -3.87
C SER C 194 13.54 21.56 -3.84
N VAL C 195 14.09 20.52 -4.46
CA VAL C 195 13.36 19.25 -4.40
C VAL C 195 13.38 18.69 -2.99
N THR C 196 14.49 18.89 -2.28
CA THR C 196 14.58 18.53 -0.86
C THR C 196 13.72 19.42 0.04
N LYS C 197 12.93 20.33 -0.55
CA LYS C 197 11.88 21.04 0.18
C LYS C 197 10.54 20.64 -0.39
N SER C 198 10.19 21.10 -1.59
CA SER C 198 8.87 20.86 -2.18
C SER C 198 8.47 19.38 -2.13
N LYS C 199 9.35 18.48 -2.57
CA LYS C 199 8.94 17.08 -2.68
C LYS C 199 9.18 16.30 -1.41
N ASN C 200 9.99 16.84 -0.51
CA ASN C 200 10.25 16.27 0.79
C ASN C 200 9.26 16.76 1.85
N ASP C 201 9.18 18.08 2.01
CA ASP C 201 8.36 18.73 3.02
C ASP C 201 6.89 18.74 2.61
N ASN C 202 6.59 19.36 1.47
CA ASN C 202 5.20 19.60 1.08
C ASN C 202 4.47 18.28 0.89
N LYS C 203 5.12 17.30 0.28
CA LYS C 203 4.47 16.02 0.02
C LYS C 203 4.60 15.07 1.20
N TYR C 204 5.82 14.62 1.49
CA TYR C 204 6.00 13.58 2.52
C TYR C 204 5.71 14.13 3.91
N GLY C 205 5.85 15.44 4.11
CA GLY C 205 5.50 15.99 5.41
C GLY C 205 4.03 15.87 5.69
N CYS C 206 3.19 16.26 4.72
CA CYS C 206 1.76 16.14 4.94
C CYS C 206 1.30 14.68 4.96
N ARG C 207 2.05 13.78 4.30
CA ARG C 207 1.79 12.36 4.46
C ARG C 207 1.89 11.97 5.93
N HIS C 208 2.99 12.36 6.57
CA HIS C 208 3.19 12.08 7.98
C HIS C 208 2.15 12.77 8.84
N SER C 209 1.96 14.07 8.63
CA SER C 209 1.35 14.87 9.69
C SER C 209 -0.14 15.09 9.51
N LEU C 210 -0.72 14.81 8.34
CA LEU C 210 -2.15 15.02 8.18
C LEU C 210 -2.96 14.02 9.00
N ASN C 211 -2.78 12.72 8.75
CA ASN C 211 -3.53 11.75 9.54
CA ASN C 211 -3.49 11.72 9.54
C ASN C 211 -3.13 11.84 11.01
N ASP C 212 -1.89 12.24 11.29
CA ASP C 212 -1.44 12.53 12.66
C ASP C 212 -2.38 13.53 13.32
N ALA C 213 -2.59 14.69 12.68
CA ALA C 213 -3.43 15.74 13.23
C ALA C 213 -4.88 15.28 13.37
N ILE C 214 -5.39 14.55 12.39
CA ILE C 214 -6.79 14.12 12.40
C ILE C 214 -7.02 13.16 13.55
N LYS C 215 -6.05 12.27 13.81
CA LYS C 215 -6.18 11.33 14.92
C LYS C 215 -6.12 12.08 16.25
N ARG C 216 -5.16 12.99 16.39
CA ARG C 216 -5.06 13.74 17.64
C ARG C 216 -6.31 14.56 17.88
N GLY C 217 -6.91 15.08 16.82
CA GLY C 217 -8.07 15.95 16.91
C GLY C 217 -9.36 15.22 17.19
N THR C 218 -9.59 14.11 16.50
CA THR C 218 -10.87 13.42 16.57
C THR C 218 -10.79 12.00 17.06
N ASP C 219 -9.60 11.39 17.02
CA ASP C 219 -9.46 9.94 17.26
C ASP C 219 -10.42 9.08 16.42
N HIS C 220 -10.91 9.61 15.30
CA HIS C 220 -11.76 8.83 14.39
C HIS C 220 -10.95 7.75 13.67
N LEU C 221 -11.53 6.56 13.60
CA LEU C 221 -11.08 5.57 12.64
C LEU C 221 -11.16 6.17 11.25
N LEU C 222 -10.12 5.98 10.45
CA LEU C 222 -10.15 6.47 9.09
C LEU C 222 -10.40 5.36 8.10
N SER C 223 -9.82 4.17 8.37
CA SER C 223 -10.05 2.97 7.57
C SER C 223 -11.53 2.80 7.24
N GLY C 224 -11.82 2.55 5.96
CA GLY C 224 -13.17 2.26 5.56
C GLY C 224 -14.03 3.47 5.31
N LYS C 225 -13.57 4.67 5.64
CA LYS C 225 -14.39 5.87 5.49
C LYS C 225 -13.97 6.65 4.24
N GLN C 226 -14.85 7.56 3.84
CA GLN C 226 -14.78 8.29 2.58
C GLN C 226 -14.14 9.67 2.78
N ALA C 227 -13.10 9.96 2.01
CA ALA C 227 -12.46 11.26 2.06
C ALA C 227 -12.53 11.93 0.70
N LEU C 228 -12.68 13.25 0.71
CA LEU C 228 -12.51 14.07 -0.48
C LEU C 228 -11.38 15.04 -0.20
N VAL C 229 -10.31 14.91 -0.97
CA VAL C 229 -9.17 15.82 -0.87
C VAL C 229 -9.32 16.82 -2.00
N ILE C 230 -9.37 18.11 -1.68
CA ILE C 230 -9.38 19.15 -2.70
C ILE C 230 -7.93 19.49 -3.02
N GLY C 231 -7.51 19.17 -4.24
CA GLY C 231 -6.17 19.53 -4.66
C GLY C 231 -5.29 18.29 -4.75
N TYR C 232 -4.40 18.28 -5.76
CA TYR C 232 -3.46 17.18 -5.91
C TYR C 232 -2.10 17.70 -6.35
N GLY C 233 -1.70 18.84 -5.76
CA GLY C 233 -0.35 19.35 -5.90
C GLY C 233 0.53 18.59 -4.94
N ASP C 234 1.66 19.20 -4.55
CA ASP C 234 2.53 18.48 -3.63
C ASP C 234 1.81 18.17 -2.33
N VAL C 235 1.14 19.17 -1.76
CA VAL C 235 0.45 18.96 -0.50
C VAL C 235 -0.70 17.97 -0.67
N GLY C 236 -1.48 18.12 -1.74
CA GLY C 236 -2.60 17.21 -1.97
C GLY C 236 -2.16 15.78 -2.23
N LYS C 237 -1.04 15.63 -2.95
CA LYS C 237 -0.47 14.30 -3.15
C LYS C 237 -0.11 13.64 -1.82
N GLY C 238 0.64 14.37 -0.99
CA GLY C 238 0.98 13.84 0.33
C GLY C 238 -0.23 13.59 1.21
N SER C 239 -1.20 14.49 1.16
CA SER C 239 -2.41 14.36 1.98
C SER C 239 -3.23 13.16 1.56
N SER C 240 -3.39 12.95 0.24
CA SER C 240 -4.13 11.80 -0.26
C SER C 240 -3.48 10.51 0.19
N GLN C 241 -2.16 10.48 0.16
CA GLN C 241 -1.45 9.30 0.62
CA GLN C 241 -1.43 9.30 0.61
C GLN C 241 -1.61 9.11 2.11
N SER C 242 -1.57 10.19 2.88
CA SER C 242 -1.79 10.11 4.33
C SER C 242 -3.10 9.40 4.65
N LEU C 243 -4.15 9.68 3.88
CA LEU C 243 -5.44 9.08 4.18
C LEU C 243 -5.58 7.69 3.58
N ARG C 244 -5.06 7.50 2.38
CA ARG C 244 -5.23 6.20 1.70
C ARG C 244 -4.47 5.13 2.48
N GLN C 245 -3.24 5.43 2.90
CA GLN C 245 -2.46 4.42 3.59
C GLN C 245 -3.13 4.01 4.90
N GLU C 246 -3.98 4.86 5.47
CA GLU C 246 -4.81 4.46 6.61
C GLU C 246 -6.04 3.64 6.21
N GLY C 247 -6.30 3.46 4.90
CA GLY C 247 -7.45 2.70 4.46
C GLY C 247 -8.68 3.53 4.12
N MET C 248 -8.56 4.85 4.06
CA MET C 248 -9.67 5.65 3.59
C MET C 248 -9.91 5.38 2.12
N ILE C 249 -11.16 5.52 1.69
CA ILE C 249 -11.47 5.56 0.28
C ILE C 249 -11.40 7.04 -0.11
N VAL C 250 -10.34 7.40 -0.81
CA VAL C 250 -9.99 8.77 -1.08
C VAL C 250 -10.40 9.12 -2.52
N LYS C 251 -11.19 10.18 -2.66
CA LYS C 251 -11.44 10.79 -3.95
C LYS C 251 -10.70 12.12 -3.99
N VAL C 252 -10.34 12.55 -5.18
CA VAL C 252 -9.49 13.73 -5.36
C VAL C 252 -10.20 14.69 -6.28
N ALA C 253 -10.24 15.98 -5.88
CA ALA C 253 -10.70 17.03 -6.76
C ALA C 253 -9.51 17.85 -7.22
N GLU C 254 -9.58 18.34 -8.47
CA GLU C 254 -8.51 19.17 -9.04
C GLU C 254 -9.08 20.05 -10.13
N VAL C 255 -8.43 21.20 -10.32
CA VAL C 255 -8.68 22.04 -11.50
C VAL C 255 -7.62 21.81 -12.58
N ASP C 256 -6.45 21.30 -12.21
CA ASP C 256 -5.35 21.04 -13.14
C ASP C 256 -5.52 19.64 -13.70
N PRO C 257 -5.80 19.48 -14.99
CA PRO C 257 -5.99 18.12 -15.52
C PRO C 257 -4.75 17.25 -15.43
N ILE C 258 -3.55 17.83 -15.55
CA ILE C 258 -2.34 17.03 -15.35
C ILE C 258 -2.30 16.47 -13.94
N CYS C 259 -2.57 17.32 -12.94
CA CYS C 259 -2.59 16.80 -11.58
C CYS C 259 -3.70 15.78 -11.39
N ALA C 260 -4.88 15.99 -12.00
CA ALA C 260 -5.94 14.99 -11.91
C ALA C 260 -5.51 13.70 -12.59
N MET C 261 -4.79 13.80 -13.71
N MET C 261 -4.81 13.80 -13.71
CA MET C 261 -4.27 12.60 -14.36
CA MET C 261 -4.28 12.61 -14.35
C MET C 261 -3.37 11.83 -13.42
C MET C 261 -3.37 11.83 -13.42
N GLN C 262 -2.51 12.54 -12.68
CA GLN C 262 -1.64 11.87 -11.73
C GLN C 262 -2.46 11.17 -10.65
N ALA C 263 -3.56 11.79 -10.20
CA ALA C 263 -4.37 11.17 -9.14
C ALA C 263 -5.02 9.89 -9.65
N CYS C 264 -5.52 9.90 -10.88
CA CYS C 264 -6.06 8.69 -11.50
C CYS C 264 -5.01 7.61 -11.56
N MET C 265 -3.86 7.93 -12.14
CA MET C 265 -2.82 6.91 -12.29
C MET C 265 -2.34 6.44 -10.94
N ASP C 266 -2.45 7.29 -9.91
CA ASP C 266 -2.10 6.88 -8.57
C ASP C 266 -3.18 6.05 -7.90
N GLY C 267 -4.28 5.79 -8.59
CA GLY C 267 -5.32 4.94 -8.04
C GLY C 267 -6.41 5.65 -7.28
N PHE C 268 -6.61 6.94 -7.48
CA PHE C 268 -7.72 7.66 -6.86
C PHE C 268 -8.79 7.92 -7.89
N GLU C 269 -10.03 7.90 -7.42
CA GLU C 269 -11.13 8.39 -8.24
C GLU C 269 -11.17 9.91 -8.17
N VAL C 270 -11.30 10.56 -9.33
CA VAL C 270 -11.26 12.00 -9.44
C VAL C 270 -12.68 12.53 -9.60
N VAL C 271 -13.10 13.41 -8.69
CA VAL C 271 -14.47 13.87 -8.63
C VAL C 271 -14.49 15.40 -8.50
N SER C 272 -15.67 15.97 -8.73
CA SER C 272 -15.83 17.38 -8.44
C SER C 272 -16.97 17.60 -7.44
N PRO C 273 -16.84 18.55 -6.50
CA PRO C 273 -17.99 18.87 -5.66
C PRO C 273 -19.17 19.34 -6.45
N TYR C 274 -18.94 19.85 -7.66
CA TYR C 274 -19.95 20.48 -8.48
C TYR C 274 -20.28 19.58 -9.65
N LYS C 275 -21.56 19.56 -10.03
CA LYS C 275 -21.99 18.77 -11.17
C LYS C 275 -21.23 19.22 -12.41
N ASN C 276 -20.61 18.24 -13.08
CA ASN C 276 -19.78 18.46 -14.27
C ASN C 276 -18.68 19.49 -14.01
N GLY C 277 -18.30 19.65 -12.75
CA GLY C 277 -17.25 20.56 -12.34
C GLY C 277 -17.58 22.02 -12.46
N ILE C 278 -18.84 22.38 -12.63
CA ILE C 278 -19.23 23.76 -12.92
C ILE C 278 -19.76 24.40 -11.66
N ASN C 279 -18.94 25.27 -11.05
CA ASN C 279 -19.29 26.02 -9.84
C ASN C 279 -20.08 27.24 -10.28
N ASP C 280 -21.41 27.13 -10.33
CA ASP C 280 -22.22 28.26 -10.74
C ASP C 280 -22.72 29.11 -9.57
N GLY C 281 -22.43 28.72 -8.33
CA GLY C 281 -22.77 29.53 -7.18
C GLY C 281 -24.06 29.16 -6.47
N THR C 282 -24.81 28.20 -6.98
CA THR C 282 -26.06 27.80 -6.36
C THR C 282 -25.93 26.41 -5.75
N GLU C 283 -26.83 26.14 -4.80
CA GLU C 283 -26.96 24.77 -4.27
C GLU C 283 -27.29 23.78 -5.37
N ALA C 284 -27.91 24.23 -6.47
CA ALA C 284 -28.28 23.32 -7.54
C ALA C 284 -27.05 22.68 -8.18
N SER C 285 -25.93 23.40 -8.22
CA SER C 285 -24.71 22.88 -8.85
C SER C 285 -23.88 22.01 -7.92
N ILE C 286 -24.36 21.72 -6.71
CA ILE C 286 -23.64 20.86 -5.77
C ILE C 286 -24.00 19.41 -6.05
N ASP C 287 -22.99 18.55 -6.14
CA ASP C 287 -23.18 17.10 -6.13
C ASP C 287 -23.47 16.66 -4.70
N ALA C 288 -24.75 16.75 -4.34
CA ALA C 288 -25.14 16.44 -2.97
C ALA C 288 -25.04 14.95 -2.68
N ALA C 289 -25.27 14.11 -3.70
CA ALA C 289 -25.13 12.67 -3.52
C ALA C 289 -23.71 12.30 -3.16
N LEU C 290 -22.75 12.91 -3.84
CA LEU C 290 -21.35 12.67 -3.52
C LEU C 290 -21.01 13.26 -2.17
N LEU C 291 -21.36 14.53 -1.95
CA LEU C 291 -20.98 15.19 -0.71
C LEU C 291 -21.67 14.55 0.49
N GLY C 292 -22.88 14.02 0.28
CA GLY C 292 -23.55 13.33 1.37
C GLY C 292 -22.89 12.02 1.78
N LYS C 293 -21.89 11.55 1.04
CA LYS C 293 -21.17 10.33 1.38
C LYS C 293 -19.79 10.58 1.99
N ILE C 294 -19.31 11.83 2.03
CA ILE C 294 -17.94 12.12 2.44
C ILE C 294 -17.88 12.29 3.95
N ASP C 295 -16.96 11.57 4.60
CA ASP C 295 -16.73 11.67 6.03
C ASP C 295 -15.63 12.66 6.38
N LEU C 296 -14.82 13.04 5.39
CA LEU C 296 -13.61 13.82 5.64
C LEU C 296 -13.29 14.61 4.39
N ILE C 297 -13.21 15.92 4.51
CA ILE C 297 -12.75 16.72 3.39
C ILE C 297 -11.51 17.48 3.86
N VAL C 298 -10.48 17.49 3.02
CA VAL C 298 -9.22 18.16 3.28
C VAL C 298 -8.94 19.11 2.11
N THR C 299 -8.70 20.38 2.42
CA THR C 299 -8.31 21.35 1.40
C THR C 299 -6.80 21.49 1.40
N THR C 300 -6.22 21.54 0.19
CA THR C 300 -4.78 21.51 0.00
C THR C 300 -4.30 22.49 -1.08
N THR C 301 -5.12 23.48 -1.43
CA THR C 301 -4.94 24.16 -2.70
C THR C 301 -4.09 25.42 -2.64
N GLY C 302 -4.08 26.12 -1.50
CA GLY C 302 -3.57 27.48 -1.56
C GLY C 302 -4.49 28.46 -2.24
N ASN C 303 -5.71 28.02 -2.56
CA ASN C 303 -6.68 28.84 -3.26
C ASN C 303 -7.71 29.33 -2.24
N VAL C 304 -8.77 29.94 -2.72
CA VAL C 304 -9.78 30.52 -1.83
C VAL C 304 -11.11 29.83 -2.08
N ASN C 305 -11.80 29.48 -0.99
CA ASN C 305 -13.18 29.01 -1.07
C ASN C 305 -13.28 27.72 -1.89
N VAL C 306 -12.34 26.80 -1.65
CA VAL C 306 -12.41 25.51 -2.34
C VAL C 306 -13.26 24.51 -1.57
N CYS C 307 -13.65 24.83 -0.34
CA CYS C 307 -14.72 24.13 0.38
C CYS C 307 -15.69 25.25 0.74
N ASP C 308 -16.67 25.48 -0.13
CA ASP C 308 -17.49 26.68 -0.03
C ASP C 308 -18.74 26.39 0.80
N ALA C 309 -19.56 27.44 0.97
CA ALA C 309 -20.70 27.34 1.87
C ALA C 309 -21.68 26.26 1.43
N ASN C 310 -21.85 26.09 0.11
CA ASN C 310 -22.81 25.12 -0.41
C ASN C 310 -22.30 23.69 -0.26
N MET C 311 -20.99 23.50 -0.33
CA MET C 311 -20.42 22.20 0.03
C MET C 311 -20.60 21.94 1.52
N LEU C 312 -20.32 22.95 2.36
CA LEU C 312 -20.49 22.78 3.79
C LEU C 312 -21.93 22.42 4.13
N LYS C 313 -22.89 23.06 3.47
CA LYS C 313 -24.29 22.68 3.65
C LYS C 313 -24.54 21.23 3.24
N ALA C 314 -23.90 20.77 2.17
CA ALA C 314 -24.19 19.45 1.61
C ALA C 314 -23.44 18.30 2.27
N LEU C 315 -22.38 18.56 3.04
CA LEU C 315 -21.58 17.47 3.59
C LEU C 315 -22.43 16.54 4.44
N LYS C 316 -22.12 15.25 4.35
CA LYS C 316 -22.65 14.24 5.27
C LYS C 316 -22.57 14.70 6.73
N LYS C 317 -23.62 14.41 7.50
CA LYS C 317 -23.64 14.79 8.90
C LYS C 317 -22.40 14.26 9.61
N ARG C 318 -21.86 15.08 10.53
CA ARG C 318 -20.72 14.72 11.37
C ARG C 318 -19.41 14.52 10.58
N ALA C 319 -19.36 14.94 9.31
CA ALA C 319 -18.11 14.91 8.57
C ALA C 319 -17.07 15.83 9.21
N VAL C 320 -15.81 15.45 9.05
CA VAL C 320 -14.68 16.26 9.49
C VAL C 320 -14.22 17.15 8.35
N VAL C 321 -14.02 18.44 8.64
CA VAL C 321 -13.58 19.44 7.67
C VAL C 321 -12.25 20.00 8.16
N CYS C 322 -11.25 20.00 7.29
CA CYS C 322 -9.99 20.60 7.70
C CYS C 322 -9.20 21.10 6.50
N ASN C 323 -8.26 21.99 6.80
CA ASN C 323 -7.45 22.65 5.80
C ASN C 323 -5.98 22.41 6.14
N ILE C 324 -5.21 21.99 5.14
CA ILE C 324 -3.77 21.87 5.31
C ILE C 324 -3.02 22.83 4.37
N GLY C 325 -3.74 23.69 3.65
CA GLY C 325 -3.11 24.79 2.93
C GLY C 325 -2.67 25.89 3.88
N HIS C 326 -1.93 26.86 3.33
CA HIS C 326 -1.28 27.83 4.20
C HIS C 326 -2.27 28.73 4.94
N PHE C 327 -3.37 29.12 4.31
CA PHE C 327 -4.31 30.09 4.90
C PHE C 327 -5.71 29.49 5.02
N ASP C 328 -6.47 29.98 6.00
CA ASP C 328 -7.77 29.41 6.38
C ASP C 328 -8.91 29.82 5.47
N ASN C 329 -8.69 30.62 4.45
CA ASN C 329 -9.82 30.92 3.58
C ASN C 329 -10.07 29.84 2.52
N GLU C 330 -9.36 28.70 2.58
CA GLU C 330 -9.70 27.59 1.70
C GLU C 330 -11.08 27.03 2.01
N ILE C 331 -11.50 27.16 3.26
CA ILE C 331 -12.83 26.79 3.71
C ILE C 331 -13.58 28.06 4.04
N ASP C 332 -14.85 28.13 3.65
CA ASP C 332 -15.66 29.29 4.02
C ASP C 332 -16.07 29.16 5.47
N THR C 333 -15.07 29.28 6.35
CA THR C 333 -15.36 29.34 7.77
C THR C 333 -16.14 30.60 8.15
N ALA C 334 -16.05 31.67 7.35
CA ALA C 334 -16.81 32.87 7.67
C ALA C 334 -18.30 32.62 7.54
N PHE C 335 -18.70 31.87 6.50
CA PHE C 335 -20.10 31.49 6.37
C PHE C 335 -20.57 30.72 7.59
N MET C 336 -19.76 29.78 8.07
CA MET C 336 -20.16 28.99 9.23
C MET C 336 -20.30 29.84 10.50
N ARG C 337 -19.47 30.87 10.65
CA ARG C 337 -19.60 31.73 11.83
C ARG C 337 -20.83 32.61 11.74
N LYS C 338 -21.21 33.04 10.53
CA LYS C 338 -22.40 33.88 10.40
C LYS C 338 -23.67 33.11 10.66
N ASN C 339 -23.68 31.81 10.39
CA ASN C 339 -24.91 31.07 10.26
C ASN C 339 -25.10 29.94 11.26
N TRP C 340 -24.01 29.39 11.80
CA TRP C 340 -24.06 28.13 12.54
C TRP C 340 -23.38 28.29 13.90
N ALA C 341 -23.77 27.42 14.84
CA ALA C 341 -23.34 27.50 16.21
C ALA C 341 -22.08 26.65 16.42
N TRP C 342 -21.07 27.23 17.06
CA TRP C 342 -19.80 26.55 17.26
C TRP C 342 -19.71 26.01 18.68
N GLU C 343 -19.56 24.70 18.82
CA GLU C 343 -19.37 24.06 20.11
C GLU C 343 -17.92 23.60 20.20
N GLU C 344 -17.13 24.20 21.09
CA GLU C 344 -15.75 23.75 21.22
C GLU C 344 -15.71 22.38 21.86
N VAL C 345 -15.14 21.39 21.16
CA VAL C 345 -14.92 20.09 21.81
C VAL C 345 -13.73 20.17 22.75
N LYS C 346 -12.61 20.61 22.22
CA LYS C 346 -11.39 20.90 22.93
C LYS C 346 -10.61 21.87 22.07
N PRO C 347 -9.48 22.40 22.54
CA PRO C 347 -8.75 23.37 21.72
C PRO C 347 -8.53 22.87 20.29
N GLN C 348 -8.71 23.77 19.33
CA GLN C 348 -8.53 23.50 17.89
C GLN C 348 -9.45 22.37 17.40
N VAL C 349 -10.52 22.07 18.11
CA VAL C 349 -11.56 21.17 17.63
C VAL C 349 -12.92 21.77 17.98
N HIS C 350 -13.75 22.00 16.95
CA HIS C 350 -15.07 22.59 17.14
C HIS C 350 -16.13 21.77 16.42
N LYS C 351 -17.24 21.51 17.10
CA LYS C 351 -18.44 21.07 16.40
C LYS C 351 -19.18 22.29 15.87
N ILE C 352 -19.65 22.18 14.64
CA ILE C 352 -20.31 23.29 13.98
C ILE C 352 -21.72 22.86 13.62
N HIS C 353 -22.70 23.38 14.37
CA HIS C 353 -24.06 22.87 14.35
C HIS C 353 -24.84 23.57 13.23
N ARG C 354 -25.26 22.79 12.24
CA ARG C 354 -25.98 23.33 11.10
C ARG C 354 -27.45 23.54 11.39
N THR C 355 -27.85 23.46 12.65
CA THR C 355 -29.24 23.67 13.00
C THR C 355 -29.58 25.14 13.18
N GLY C 356 -28.59 26.01 13.29
CA GLY C 356 -28.82 27.42 13.42
C GLY C 356 -27.66 28.11 14.10
N LYS C 357 -27.82 29.43 14.23
CA LYS C 357 -26.79 30.31 14.77
C LYS C 357 -26.84 30.44 16.29
N ASP C 358 -28.01 30.30 16.90
CA ASP C 358 -28.20 30.61 18.32
C ASP C 358 -28.34 29.32 19.13
N GLY C 359 -27.27 28.92 19.79
CA GLY C 359 -27.31 27.75 20.65
C GLY C 359 -27.51 26.46 19.88
N PHE C 360 -27.42 25.33 20.59
CA PHE C 360 -27.53 24.02 19.96
C PHE C 360 -28.03 23.04 21.00
N ASP C 361 -28.74 22.02 20.53
CA ASP C 361 -28.96 20.83 21.34
C ASP C 361 -27.62 20.15 21.56
N ALA C 362 -27.31 19.83 22.82
CA ALA C 362 -26.06 19.15 23.12
C ALA C 362 -25.94 17.82 22.38
N HIS C 363 -27.07 17.24 21.98
CA HIS C 363 -27.12 15.96 21.29
C HIS C 363 -27.60 16.10 19.85
N ASN C 364 -27.50 17.31 19.29
CA ASN C 364 -27.78 17.48 17.88
C ASN C 364 -26.87 16.56 17.06
N ASP C 365 -27.43 15.93 16.05
CA ASP C 365 -26.62 15.06 15.19
C ASP C 365 -26.12 15.76 13.94
N ASP C 366 -26.73 16.89 13.56
CA ASP C 366 -26.37 17.58 12.32
C ASP C 366 -25.33 18.65 12.63
N TYR C 367 -24.07 18.24 12.66
CA TYR C 367 -22.94 19.14 12.85
C TYR C 367 -21.78 18.68 12.00
N LEU C 368 -20.78 19.53 11.85
CA LEU C 368 -19.51 19.17 11.24
C LEU C 368 -18.40 19.35 12.27
N ILE C 369 -17.29 18.64 12.08
CA ILE C 369 -16.12 18.83 12.94
C ILE C 369 -15.08 19.62 12.16
N LEU C 370 -14.82 20.86 12.60
CA LEU C 370 -13.79 21.71 12.02
C LEU C 370 -12.53 21.62 12.89
N LEU C 371 -11.40 21.35 12.26
CA LEU C 371 -10.14 21.27 12.96
C LEU C 371 -9.34 22.56 12.75
N ALA C 372 -8.75 23.04 13.85
CA ALA C 372 -7.91 24.25 13.90
C ALA C 372 -8.61 25.47 13.31
N GLU C 373 -9.93 25.52 13.44
CA GLU C 373 -10.74 26.60 12.90
C GLU C 373 -10.33 26.89 11.45
N GLY C 374 -10.05 25.83 10.69
CA GLY C 374 -9.69 26.03 9.31
C GLY C 374 -8.24 26.37 9.06
N ARG C 375 -7.44 26.56 10.11
CA ARG C 375 -6.01 26.83 9.94
C ARG C 375 -5.26 25.52 9.65
N LEU C 376 -4.05 25.65 9.08
CA LEU C 376 -3.23 24.50 8.71
C LEU C 376 -3.32 23.41 9.75
N VAL C 377 -3.90 22.26 9.40
CA VAL C 377 -4.32 21.33 10.45
C VAL C 377 -3.14 20.52 10.99
N ASN C 378 -2.14 20.24 10.17
CA ASN C 378 -1.04 19.43 10.66
C ASN C 378 -0.29 20.16 11.77
N LEU C 379 -0.15 21.48 11.67
CA LEU C 379 0.53 22.21 12.72
C LEU C 379 -0.41 22.57 13.86
N GLY C 380 -1.68 22.78 13.54
CA GLY C 380 -2.67 23.23 14.48
C GLY C 380 -3.13 22.13 15.42
N ASN C 381 -3.33 20.92 14.90
CA ASN C 381 -3.80 19.82 15.76
C ASN C 381 -2.73 18.80 16.07
N ALA C 382 -1.53 18.94 15.53
CA ALA C 382 -0.43 18.10 15.95
C ALA C 382 0.82 18.95 16.00
N THR C 383 1.93 18.47 15.43
CA THR C 383 3.20 19.20 15.51
C THR C 383 3.78 19.47 14.12
N GLY C 384 2.93 19.48 13.10
CA GLY C 384 3.51 19.69 11.79
C GLY C 384 4.41 18.54 11.39
N HIS C 385 5.31 18.85 10.45
CA HIS C 385 6.14 17.82 9.84
C HIS C 385 7.23 17.37 10.83
N PRO C 386 7.72 16.13 10.69
CA PRO C 386 8.73 15.63 11.63
C PRO C 386 10.12 16.17 11.33
N SER C 387 10.93 16.17 12.39
CA SER C 387 12.27 16.75 12.33
C SER C 387 13.06 16.28 11.11
N ARG C 388 13.07 14.97 10.84
CA ARG C 388 13.90 14.50 9.72
C ARG C 388 13.45 15.05 8.37
N ILE C 389 12.19 15.45 8.26
CA ILE C 389 11.72 16.04 7.02
C ILE C 389 12.07 17.52 6.98
N MET C 390 11.80 18.25 8.07
CA MET C 390 12.15 19.65 8.14
C MET C 390 13.65 19.86 8.04
N ASP C 391 14.45 18.82 8.35
CA ASP C 391 15.89 18.88 8.11
C ASP C 391 16.20 19.37 6.69
N GLY C 392 15.49 18.85 5.71
CA GLY C 392 15.76 19.23 4.34
C GLY C 392 15.34 20.65 4.04
N SER C 393 14.09 20.99 4.37
CA SER C 393 13.62 22.37 4.21
C SER C 393 14.58 23.34 4.86
N PHE C 394 14.98 23.06 6.10
CA PHE C 394 15.73 24.08 6.84
C PHE C 394 17.20 24.06 6.51
N ALA C 395 17.74 22.95 5.98
CA ALA C 395 19.08 23.05 5.43
C ALA C 395 19.08 24.04 4.28
N ASN C 396 18.02 24.02 3.46
CA ASN C 396 17.91 24.92 2.32
C ASN C 396 17.79 26.37 2.79
N GLN C 397 17.00 26.60 3.85
CA GLN C 397 16.90 27.93 4.45
C GLN C 397 18.28 28.45 4.84
N VAL C 398 19.07 27.63 5.52
CA VAL C 398 20.35 28.11 6.01
C VAL C 398 21.24 28.48 4.85
N LEU C 399 21.27 27.63 3.81
CA LEU C 399 22.05 27.92 2.62
C LEU C 399 21.53 29.17 1.90
N ALA C 400 20.22 29.31 1.79
CA ALA C 400 19.66 30.49 1.15
C ALA C 400 20.00 31.75 1.94
N GLN C 401 19.98 31.65 3.27
CA GLN C 401 20.37 32.77 4.10
C GLN C 401 21.84 33.09 3.91
N ILE C 402 22.69 32.06 3.93
CA ILE C 402 24.11 32.29 3.68
C ILE C 402 24.31 32.98 2.33
N HIS C 403 23.66 32.47 1.28
CA HIS C 403 23.91 32.99 -0.05
C HIS C 403 23.53 34.47 -0.14
N LEU C 404 22.30 34.84 0.27
CA LEU C 404 21.88 36.23 0.10
C LEU C 404 22.66 37.15 1.03
N PHE C 405 22.92 36.70 2.25
CA PHE C 405 23.67 37.55 3.17
C PHE C 405 25.04 37.88 2.61
N GLU C 406 25.71 36.90 1.99
CA GLU C 406 27.02 37.20 1.39
C GLU C 406 26.91 38.01 0.11
N GLN C 407 25.80 37.91 -0.63
CA GLN C 407 25.64 38.75 -1.82
C GLN C 407 25.56 40.23 -1.44
N LYS C 408 25.00 40.55 -0.28
CA LYS C 408 25.04 41.92 0.26
C LYS C 408 24.34 42.93 -0.66
N TYR C 409 23.13 42.56 -1.11
CA TYR C 409 22.37 43.38 -2.05
C TYR C 409 22.21 44.82 -1.56
N ALA C 410 21.92 44.99 -0.27
CA ALA C 410 21.67 46.31 0.28
C ALA C 410 22.86 47.24 0.15
N ASP C 411 24.06 46.69 0.06
CA ASP C 411 25.27 47.49 -0.12
C ASP C 411 25.61 47.72 -1.59
N LEU C 412 24.87 47.13 -2.51
CA LEU C 412 25.30 47.32 -3.89
C LEU C 412 24.81 48.67 -4.45
N PRO C 413 25.53 49.21 -5.42
CA PRO C 413 25.01 50.37 -6.16
C PRO C 413 23.65 50.08 -6.79
N ALA C 414 22.89 51.17 -7.01
CA ALA C 414 21.55 51.05 -7.56
C ALA C 414 21.55 50.30 -8.87
N ALA C 415 22.57 50.53 -9.71
CA ALA C 415 22.66 49.82 -10.98
C ALA C 415 22.88 48.34 -10.75
N GLU C 416 23.71 47.97 -9.75
CA GLU C 416 23.95 46.54 -9.51
C GLU C 416 22.74 45.88 -8.88
N LYS C 417 22.02 46.61 -8.02
CA LYS C 417 20.76 46.14 -7.45
C LYS C 417 19.77 45.76 -8.53
N ALA C 418 19.64 46.61 -9.55
CA ALA C 418 18.66 46.36 -10.60
C ALA C 418 18.91 45.01 -11.27
N LYS C 419 20.20 44.66 -11.42
CA LYS C 419 20.62 43.42 -12.04
C LYS C 419 20.42 42.19 -11.16
N ARG C 420 20.15 42.37 -9.87
CA ARG C 420 20.00 41.25 -8.94
C ARG C 420 18.65 41.19 -8.28
N LEU C 421 17.74 42.10 -8.61
CA LEU C 421 16.43 42.10 -7.97
C LEU C 421 15.59 40.99 -8.59
N SER C 422 15.65 39.80 -8.00
CA SER C 422 14.95 38.67 -8.59
C SER C 422 14.54 37.70 -7.50
N VAL C 423 13.71 36.74 -7.90
CA VAL C 423 13.37 35.58 -7.07
C VAL C 423 14.08 34.39 -7.68
N GLU C 424 15.08 33.86 -6.99
CA GLU C 424 15.92 32.77 -7.48
C GLU C 424 15.67 31.52 -6.66
N VAL C 425 16.17 30.40 -7.16
CA VAL C 425 16.18 29.14 -6.42
C VAL C 425 17.63 28.75 -6.17
N LEU C 426 17.83 27.86 -5.22
CA LEU C 426 19.18 27.41 -4.93
C LEU C 426 19.69 26.52 -6.07
N PRO C 427 21.00 26.55 -6.34
CA PRO C 427 21.55 25.68 -7.37
C PRO C 427 21.28 24.21 -7.07
N LYS C 428 21.01 23.44 -8.13
CA LYS C 428 20.72 22.03 -7.98
C LYS C 428 21.80 21.31 -7.17
N LYS C 429 23.06 21.68 -7.40
CA LYS C 429 24.17 21.07 -6.66
C LYS C 429 23.90 21.10 -5.17
N LEU C 430 23.46 22.26 -4.66
CA LEU C 430 23.18 22.38 -3.24
C LEU C 430 22.00 21.51 -2.84
N ASP C 431 20.91 21.56 -3.63
CA ASP C 431 19.80 20.62 -3.44
C ASP C 431 20.32 19.19 -3.25
N GLU C 432 21.20 18.75 -4.16
CA GLU C 432 21.73 17.40 -4.06
C GLU C 432 22.51 17.20 -2.77
N GLU C 433 23.26 18.22 -2.35
CA GLU C 433 24.06 18.09 -1.14
C GLU C 433 23.19 17.94 0.10
N VAL C 434 22.09 18.69 0.16
CA VAL C 434 21.11 18.48 1.22
C VAL C 434 20.55 17.06 1.15
N ALA C 435 20.14 16.64 -0.06
CA ALA C 435 19.63 15.29 -0.25
C ALA C 435 20.60 14.24 0.26
N LEU C 436 21.87 14.36 -0.11
CA LEU C 436 22.86 13.37 0.32
C LEU C 436 22.90 13.26 1.83
N GLU C 437 22.86 14.39 2.54
CA GLU C 437 22.85 14.33 3.99
C GLU C 437 21.59 13.64 4.50
N MET C 438 20.42 13.98 3.93
CA MET C 438 19.20 13.31 4.40
C MET C 438 19.29 11.80 4.17
N VAL C 439 19.76 11.39 2.99
CA VAL C 439 19.88 9.97 2.66
C VAL C 439 20.82 9.28 3.65
N LYS C 440 21.94 9.92 3.98
CA LYS C 440 22.86 9.34 4.94
C LYS C 440 22.21 9.17 6.30
N GLY C 441 21.28 10.07 6.66
CA GLY C 441 20.59 9.95 7.93
C GLY C 441 19.71 8.72 8.01
N PHE C 442 19.21 8.26 6.86
CA PHE C 442 18.53 6.98 6.78
C PHE C 442 19.48 5.79 6.74
N GLY C 443 20.79 6.01 6.79
CA GLY C 443 21.67 4.89 6.52
C GLY C 443 21.79 4.53 5.07
N GLY C 444 21.22 5.33 4.17
CA GLY C 444 21.34 5.06 2.75
C GLY C 444 22.75 5.24 2.23
N VAL C 445 23.11 4.40 1.25
CA VAL C 445 24.42 4.45 0.61
C VAL C 445 24.20 4.79 -0.85
N VAL C 446 24.60 5.99 -1.23
CA VAL C 446 24.53 6.42 -2.62
C VAL C 446 25.71 5.83 -3.39
N THR C 447 25.48 5.43 -4.63
CA THR C 447 26.54 4.89 -5.45
C THR C 447 27.23 6.04 -6.18
N GLN C 448 28.54 5.92 -6.32
CA GLN C 448 29.32 6.90 -7.04
C GLN C 448 29.54 6.42 -8.47
N LEU C 449 29.19 7.25 -9.44
CA LEU C 449 29.46 6.97 -10.85
C LEU C 449 30.94 6.71 -11.09
N THR C 450 31.22 5.76 -11.99
CA THR C 450 32.56 5.66 -12.57
C THR C 450 32.79 6.83 -13.53
N PRO C 451 34.06 7.19 -13.80
CA PRO C 451 34.31 8.20 -14.84
C PRO C 451 33.64 7.87 -16.17
N LYS C 452 33.71 6.63 -16.63
CA LYS C 452 33.11 6.30 -17.91
C LYS C 452 31.58 6.37 -17.85
N GLN C 453 30.99 5.93 -16.73
CA GLN C 453 29.56 6.14 -16.53
C GLN C 453 29.21 7.62 -16.56
N ALA C 454 29.92 8.45 -15.77
CA ALA C 454 29.60 9.89 -15.74
C ALA C 454 29.69 10.49 -17.13
N GLU C 455 30.69 10.08 -17.90
CA GLU C 455 30.81 10.48 -19.30
C GLU C 455 29.63 9.98 -20.14
N TYR C 456 29.20 8.73 -19.89
CA TYR C 456 28.11 8.15 -20.67
C TYR C 456 26.83 8.96 -20.58
N ILE C 457 26.47 9.43 -19.38
CA ILE C 457 25.22 10.18 -19.25
C ILE C 457 25.44 11.68 -19.26
N GLY C 458 26.67 12.14 -19.47
CA GLY C 458 26.97 13.57 -19.62
C GLY C 458 26.88 14.38 -18.34
N VAL C 459 27.42 13.87 -17.23
CA VAL C 459 27.37 14.53 -15.94
C VAL C 459 28.75 14.42 -15.28
N SER C 460 29.04 15.36 -14.38
CA SER C 460 30.17 15.19 -13.49
C SER C 460 29.86 14.12 -12.42
N VAL C 461 30.92 13.43 -12.00
CA VAL C 461 30.81 12.44 -10.93
C VAL C 461 30.24 13.05 -9.65
N GLU C 462 30.42 14.33 -9.43
CA GLU C 462 29.90 14.91 -8.21
C GLU C 462 28.52 15.52 -8.38
N GLY C 463 27.99 15.53 -9.60
CA GLY C 463 26.73 16.19 -9.86
C GLY C 463 26.95 17.60 -10.36
N PRO C 464 25.88 18.33 -10.67
CA PRO C 464 24.49 17.89 -10.62
C PRO C 464 24.23 16.74 -11.58
N PHE C 465 23.25 15.89 -11.25
CA PHE C 465 23.00 14.68 -12.01
C PHE C 465 21.86 14.84 -13.00
N LYS C 466 21.05 15.87 -12.86
CA LYS C 466 19.90 16.13 -13.71
C LYS C 466 19.99 17.54 -14.26
N PRO C 467 19.40 17.80 -15.43
CA PRO C 467 19.26 19.20 -15.88
C PRO C 467 18.22 19.89 -15.01
N ASP C 468 18.20 21.22 -15.08
CA ASP C 468 17.28 21.95 -14.23
C ASP C 468 15.83 21.69 -14.62
N THR C 469 15.59 21.24 -15.85
CA THR C 469 14.23 20.94 -16.26
C THR C 469 13.70 19.63 -15.68
N TYR C 470 14.55 18.84 -15.03
CA TYR C 470 14.14 17.52 -14.57
C TYR C 470 13.12 17.60 -13.43
N ARG C 471 12.03 16.84 -13.55
CA ARG C 471 10.91 16.97 -12.64
C ARG C 471 10.97 16.03 -11.44
N TYR C 472 11.78 14.96 -11.49
CA TYR C 472 11.83 13.96 -10.40
C TYR C 472 10.44 13.39 -10.14
N THR D 9 -26.60 20.99 52.26
CA THR D 9 -25.48 20.65 51.39
C THR D 9 -24.50 19.68 52.09
N PRO D 10 -24.63 18.39 51.79
CA PRO D 10 -23.70 17.42 52.35
C PRO D 10 -22.46 17.26 51.47
N ALA D 11 -21.64 16.24 51.72
CA ALA D 11 -20.48 15.96 50.86
C ALA D 11 -20.89 15.69 49.43
N GLY D 12 -21.96 14.94 49.23
CA GLY D 12 -22.38 14.58 47.88
C GLY D 12 -21.70 13.32 47.38
N PHE D 13 -21.90 13.04 46.09
CA PHE D 13 -21.33 11.84 45.48
C PHE D 13 -19.82 11.89 45.47
N THR D 14 -19.18 10.96 46.18
CA THR D 14 -17.73 10.92 46.35
C THR D 14 -17.14 9.55 46.08
N ASP D 15 -17.98 8.57 45.71
CA ASP D 15 -17.58 7.18 45.49
C ASP D 15 -16.84 7.04 44.17
N TYR D 16 -15.64 7.62 44.11
CA TYR D 16 -14.85 7.66 42.90
C TYR D 16 -13.49 8.27 43.24
N LYS D 17 -12.50 8.01 42.39
CA LYS D 17 -11.22 8.69 42.45
C LYS D 17 -10.77 8.91 41.01
N VAL D 18 -10.68 10.18 40.60
CA VAL D 18 -10.20 10.54 39.28
C VAL D 18 -9.12 11.60 39.44
N ALA D 19 -8.44 11.89 38.33
CA ALA D 19 -7.41 12.93 38.33
C ALA D 19 -8.01 14.31 38.55
N ASP D 20 -9.20 14.55 38.00
CA ASP D 20 -9.76 15.90 37.91
C ASP D 20 -11.22 15.82 37.49
N ILE D 21 -12.13 16.02 38.43
CA ILE D 21 -13.55 15.89 38.13
C ILE D 21 -14.00 16.97 37.16
N THR D 22 -13.28 18.11 37.09
CA THR D 22 -13.71 19.22 36.26
C THR D 22 -13.54 18.93 34.77
N LEU D 23 -12.77 17.91 34.39
CA LEU D 23 -12.68 17.49 33.00
C LEU D 23 -13.95 16.85 32.50
N ALA D 24 -14.99 16.76 33.34
CA ALA D 24 -16.14 15.92 32.99
C ALA D 24 -16.88 16.45 31.78
N ALA D 25 -17.05 17.77 31.71
CA ALA D 25 -17.78 18.35 30.60
C ALA D 25 -17.11 17.98 29.28
N TRP D 26 -15.78 17.98 29.28
CA TRP D 26 -15.01 17.64 28.10
C TRP D 26 -15.18 16.17 27.76
N GLY D 27 -15.06 15.29 28.75
CA GLY D 27 -15.29 13.88 28.52
C GLY D 27 -16.69 13.61 28.00
N ARG D 28 -17.68 14.34 28.49
CA ARG D 28 -19.05 14.14 28.02
C ARG D 28 -19.19 14.55 26.56
N ARG D 29 -18.53 15.66 26.17
CA ARG D 29 -18.56 16.05 24.77
C ARG D 29 -17.94 14.96 23.91
N GLU D 30 -16.89 14.32 24.41
CA GLU D 30 -16.23 13.29 23.64
C GLU D 30 -17.02 11.99 23.68
N LEU D 31 -17.75 11.72 24.76
CA LEU D 31 -18.65 10.57 24.78
C LEU D 31 -19.74 10.73 23.73
N ILE D 32 -20.30 11.94 23.61
CA ILE D 32 -21.40 12.18 22.67
C ILE D 32 -20.94 11.96 21.24
N ILE D 33 -19.74 12.42 20.90
CA ILE D 33 -19.18 12.11 19.58
C ILE D 33 -18.97 10.61 19.45
N ALA D 34 -18.36 10.01 20.47
CA ALA D 34 -18.01 8.60 20.37
C ALA D 34 -19.24 7.74 20.17
N GLU D 35 -20.37 8.13 20.74
CA GLU D 35 -21.60 7.38 20.52
C GLU D 35 -21.94 7.27 19.03
N SER D 36 -21.75 8.36 18.28
CA SER D 36 -22.05 8.35 16.86
C SER D 36 -21.04 7.53 16.06
N GLU D 37 -19.94 7.12 16.68
CA GLU D 37 -18.95 6.24 16.08
C GLU D 37 -19.10 4.79 16.52
N MET D 38 -20.13 4.47 17.30
CA MET D 38 -20.30 3.14 17.87
C MET D 38 -21.72 2.66 17.62
N PRO D 39 -22.06 2.37 16.36
CA PRO D 39 -23.44 1.97 16.04
C PRO D 39 -23.85 0.60 16.55
N ALA D 40 -22.91 -0.34 16.76
CA ALA D 40 -23.34 -1.63 17.30
C ALA D 40 -23.63 -1.52 18.78
N LEU D 41 -22.75 -0.84 19.50
CA LEU D 41 -22.97 -0.60 20.92
C LEU D 41 -24.27 0.17 21.15
N MET D 42 -24.42 1.29 20.45
N MET D 42 -24.46 1.27 20.43
CA MET D 42 -25.64 2.10 20.53
CA MET D 42 -25.66 2.07 20.62
C MET D 42 -26.87 1.29 20.18
C MET D 42 -26.91 1.41 20.08
N GLY D 43 -26.79 0.47 19.13
CA GLY D 43 -27.94 -0.32 18.74
C GLY D 43 -28.38 -1.25 19.87
N LEU D 44 -27.42 -1.82 20.60
CA LEU D 44 -27.75 -2.65 21.76
C LEU D 44 -28.41 -1.81 22.84
N ARG D 45 -27.79 -0.67 23.15
CA ARG D 45 -28.39 0.28 24.08
C ARG D 45 -29.84 0.57 23.72
N ARG D 46 -30.13 0.66 22.43
CA ARG D 46 -31.49 0.91 21.98
C ARG D 46 -32.34 -0.36 22.02
N LYS D 47 -31.82 -1.45 21.48
CA LYS D 47 -32.61 -2.69 21.38
C LYS D 47 -32.95 -3.26 22.74
N TYR D 48 -32.09 -3.07 23.75
CA TYR D 48 -32.23 -3.78 25.02
C TYR D 48 -32.61 -2.86 26.17
N ALA D 49 -32.92 -1.59 25.90
CA ALA D 49 -33.29 -0.70 26.99
C ALA D 49 -34.54 -1.19 27.69
N GLY D 50 -35.47 -1.76 26.93
CA GLY D 50 -36.73 -2.25 27.46
C GLY D 50 -36.60 -3.46 28.36
N GLN D 51 -36.07 -4.58 27.81
CA GLN D 51 -35.94 -5.80 28.59
C GLN D 51 -35.17 -5.59 29.90
N GLN D 52 -34.42 -4.48 30.02
CA GLN D 52 -33.49 -4.24 31.12
C GLN D 52 -32.74 -5.52 31.43
N PRO D 53 -32.12 -6.16 30.44
CA PRO D 53 -31.57 -7.51 30.65
C PRO D 53 -30.53 -7.56 31.74
N LEU D 54 -30.00 -6.41 32.15
CA LEU D 54 -28.98 -6.33 33.19
C LEU D 54 -29.51 -5.68 34.46
N LYS D 55 -30.83 -5.66 34.63
CA LYS D 55 -31.42 -5.22 35.88
C LYS D 55 -31.01 -6.18 36.99
N GLY D 56 -30.47 -5.64 38.08
CA GLY D 56 -29.92 -6.46 39.12
C GLY D 56 -28.50 -6.91 38.88
N ALA D 57 -27.96 -6.71 37.68
CA ALA D 57 -26.56 -7.01 37.46
C ALA D 57 -25.71 -5.98 38.19
N LYS D 58 -24.65 -6.44 38.84
CA LYS D 58 -23.76 -5.59 39.62
C LYS D 58 -22.35 -5.97 39.19
N ILE D 59 -21.77 -5.14 38.34
CA ILE D 59 -20.65 -5.53 37.50
C ILE D 59 -19.37 -4.91 38.03
N LEU D 60 -18.41 -5.77 38.38
N LEU D 60 -18.41 -5.77 38.38
CA LEU D 60 -17.03 -5.33 38.54
CA LEU D 60 -17.03 -5.37 38.60
C LEU D 60 -16.40 -5.19 37.16
C LEU D 60 -16.34 -5.25 37.23
N GLY D 61 -16.05 -3.96 36.77
N GLY D 61 -16.01 -4.03 36.82
CA GLY D 61 -15.38 -3.75 35.51
CA GLY D 61 -15.35 -3.79 35.55
C GLY D 61 -13.95 -3.25 35.65
C GLY D 61 -13.92 -3.33 35.77
N CYS D 62 -13.00 -3.91 35.00
CA CYS D 62 -11.58 -3.55 35.03
C CYS D 62 -11.09 -3.49 33.59
N ILE D 63 -11.20 -2.33 32.97
CA ILE D 63 -10.69 -2.16 31.61
C ILE D 63 -10.39 -0.69 31.38
N HIS D 64 -9.25 -0.41 30.73
CA HIS D 64 -8.77 0.91 30.34
C HIS D 64 -9.89 1.95 30.32
N MET D 65 -9.84 2.92 31.23
CA MET D 65 -10.90 3.91 31.38
C MET D 65 -10.72 5.01 30.32
N THR D 66 -10.99 4.62 29.06
CA THR D 66 -11.04 5.49 27.89
C THR D 66 -12.45 5.96 27.63
N ILE D 67 -12.56 6.90 26.68
CA ILE D 67 -13.87 7.35 26.20
C ILE D 67 -14.67 6.17 25.67
N GLN D 68 -14.01 5.25 24.97
CA GLN D 68 -14.70 4.09 24.41
C GLN D 68 -15.29 3.20 25.51
N THR D 69 -14.51 2.96 26.57
CA THR D 69 -15.00 2.24 27.73
C THR D 69 -16.14 2.99 28.42
N GLY D 70 -16.12 4.32 28.36
CA GLY D 70 -17.23 5.07 28.92
C GLY D 70 -18.53 4.81 28.19
N VAL D 71 -18.46 4.61 26.87
CA VAL D 71 -19.68 4.30 26.14
C VAL D 71 -20.13 2.89 26.48
N LEU D 72 -19.18 2.00 26.77
CA LEU D 72 -19.52 0.67 27.23
C LEU D 72 -20.19 0.72 28.60
N ILE D 73 -19.57 1.43 29.55
CA ILE D 73 -20.11 1.56 30.90
C ILE D 73 -21.56 2.06 30.87
N GLU D 74 -21.80 3.11 30.09
CA GLU D 74 -23.13 3.70 30.07
C GLU D 74 -24.13 2.80 29.36
N THR D 75 -23.66 1.97 28.42
CA THR D 75 -24.53 0.98 27.81
C THR D 75 -24.96 -0.09 28.80
N LEU D 76 -24.02 -0.61 29.60
CA LEU D 76 -24.40 -1.55 30.67
C LEU D 76 -25.38 -0.89 31.62
N VAL D 77 -25.05 0.33 32.06
CA VAL D 77 -25.92 1.10 32.95
C VAL D 77 -27.29 1.32 32.30
N ALA D 78 -27.32 1.73 31.02
CA ALA D 78 -28.59 1.92 30.31
C ALA D 78 -29.40 0.64 30.19
N LEU D 79 -28.78 -0.53 30.30
CA LEU D 79 -29.48 -1.79 30.24
C LEU D 79 -29.85 -2.33 31.63
N GLY D 80 -29.64 -1.54 32.69
CA GLY D 80 -30.07 -1.87 34.03
C GLY D 80 -28.96 -2.16 35.03
N ALA D 81 -27.71 -2.30 34.58
CA ALA D 81 -26.63 -2.69 35.47
C ALA D 81 -26.22 -1.57 36.40
N GLU D 82 -25.72 -1.97 37.57
CA GLU D 82 -24.87 -1.15 38.41
C GLU D 82 -23.43 -1.58 38.16
N VAL D 83 -22.50 -0.63 38.13
CA VAL D 83 -21.10 -0.97 37.88
C VAL D 83 -20.22 -0.24 38.90
N ARG D 84 -19.07 -0.85 39.19
CA ARG D 84 -17.95 -0.22 39.85
C ARG D 84 -16.71 -0.50 39.02
N TRP D 85 -15.99 0.55 38.62
CA TRP D 85 -15.03 0.45 37.53
C TRP D 85 -13.63 0.86 37.93
N SER D 86 -12.64 0.21 37.32
CA SER D 86 -11.26 0.65 37.36
C SER D 86 -10.61 0.39 36.01
N SER D 87 -9.46 1.02 35.78
CA SER D 87 -8.70 0.78 34.56
C SER D 87 -7.83 -0.44 34.75
N CYS D 88 -7.55 -1.14 33.65
CA CYS D 88 -6.63 -2.27 33.71
C CYS D 88 -5.21 -1.90 33.31
N ASN D 89 -4.87 -0.62 33.23
CA ASN D 89 -3.48 -0.24 33.02
C ASN D 89 -3.24 1.11 33.64
N ILE D 90 -2.03 1.31 34.18
CA ILE D 90 -1.74 2.53 34.93
C ILE D 90 -1.68 3.75 34.01
N PHE D 91 -1.48 3.54 32.70
CA PHE D 91 -1.32 4.67 31.79
C PHE D 91 -2.44 4.78 30.78
N SER D 92 -3.46 3.94 30.84
CA SER D 92 -4.42 3.88 29.74
C SER D 92 -5.65 4.74 29.92
N THR D 93 -5.94 5.20 31.14
CA THR D 93 -7.10 6.06 31.36
C THR D 93 -6.98 7.38 30.60
N GLN D 94 -8.12 7.84 30.04
CA GLN D 94 -8.30 9.23 29.63
C GLN D 94 -9.02 9.92 30.78
N ASP D 95 -8.33 10.87 31.41
CA ASP D 95 -8.88 11.50 32.61
C ASP D 95 -10.20 12.19 32.33
N GLN D 96 -10.40 12.76 31.14
CA GLN D 96 -11.71 13.36 30.87
C GLN D 96 -12.80 12.29 30.78
N ALA D 97 -12.46 11.05 30.38
CA ALA D 97 -13.44 9.97 30.36
C ALA D 97 -13.82 9.54 31.76
N ALA D 98 -12.81 9.19 32.56
CA ALA D 98 -13.02 8.90 33.98
C ALA D 98 -13.86 9.97 34.64
N ALA D 99 -13.49 11.24 34.44
CA ALA D 99 -14.22 12.33 35.08
C ALA D 99 -15.66 12.38 34.60
N ALA D 100 -15.88 12.13 33.30
CA ALA D 100 -17.25 12.16 32.78
C ALA D 100 -18.10 11.08 33.41
N ILE D 101 -17.51 9.92 33.67
CA ILE D 101 -18.26 8.80 34.21
C ILE D 101 -18.57 9.05 35.69
N ALA D 102 -17.56 9.47 36.45
CA ALA D 102 -17.79 9.85 37.85
C ALA D 102 -18.84 10.94 37.97
N ALA D 103 -18.87 11.88 37.02
CA ALA D 103 -19.84 12.94 37.10
C ALA D 103 -21.26 12.44 36.83
N ALA D 104 -21.41 11.27 36.22
CA ALA D 104 -22.73 10.72 35.94
C ALA D 104 -23.23 9.82 37.07
N GLY D 105 -22.58 9.89 38.24
CA GLY D 105 -22.95 9.07 39.37
C GLY D 105 -22.48 7.64 39.30
N ILE D 106 -21.47 7.34 38.51
CA ILE D 106 -20.99 5.97 38.34
C ILE D 106 -19.67 5.84 39.09
N PRO D 107 -19.53 4.89 40.01
CA PRO D 107 -18.23 4.67 40.69
C PRO D 107 -17.14 4.26 39.71
N VAL D 108 -16.10 5.08 39.65
CA VAL D 108 -14.92 4.82 38.82
C VAL D 108 -13.69 5.28 39.59
N PHE D 109 -12.64 4.46 39.57
CA PHE D 109 -11.39 4.73 40.27
C PHE D 109 -10.27 4.53 39.25
N ALA D 110 -9.85 5.64 38.63
CA ALA D 110 -8.99 5.55 37.46
C ALA D 110 -8.36 6.89 37.13
N TRP D 111 -7.06 6.90 36.94
CA TRP D 111 -6.43 8.07 36.35
C TRP D 111 -5.20 7.67 35.57
N LYS D 112 -4.80 8.55 34.64
CA LYS D 112 -3.59 8.30 33.87
C LYS D 112 -2.37 8.57 34.74
N GLY D 113 -1.44 7.62 34.74
CA GLY D 113 -0.23 7.76 35.50
C GLY D 113 -0.26 7.22 36.90
N GLU D 114 -1.10 6.21 37.18
CA GLU D 114 -1.12 5.57 38.48
C GLU D 114 0.23 4.96 38.82
N THR D 115 0.53 4.94 40.12
CA THR D 115 1.54 4.00 40.58
C THR D 115 0.92 2.61 40.62
N GLU D 116 1.76 1.60 40.81
CA GLU D 116 1.24 0.23 40.94
C GLU D 116 0.40 0.09 42.19
N GLU D 117 0.82 0.74 43.29
CA GLU D 117 0.02 0.79 44.50
C GLU D 117 -1.38 1.34 44.23
N GLU D 118 -1.46 2.52 43.61
CA GLU D 118 -2.74 3.13 43.29
C GLU D 118 -3.57 2.25 42.38
N TYR D 119 -2.91 1.54 41.45
CA TYR D 119 -3.60 0.62 40.55
C TYR D 119 -4.35 -0.45 41.34
N GLU D 120 -3.64 -1.15 42.21
CA GLU D 120 -4.26 -2.17 43.06
C GLU D 120 -5.32 -1.59 43.98
N TRP D 121 -5.06 -0.41 44.57
CA TRP D 121 -6.07 0.28 45.37
C TRP D 121 -7.32 0.59 44.55
N CYS D 122 -7.15 1.03 43.30
CA CYS D 122 -8.30 1.31 42.44
C CYS D 122 -9.16 0.07 42.21
N ILE D 123 -8.54 -1.06 41.90
CA ILE D 123 -9.30 -2.28 41.78
C ILE D 123 -10.00 -2.60 43.09
N GLU D 124 -9.26 -2.48 44.19
CA GLU D 124 -9.82 -2.67 45.53
C GLU D 124 -11.06 -1.82 45.75
N GLN D 125 -11.10 -0.60 45.20
CA GLN D 125 -12.25 0.27 45.44
C GLN D 125 -13.49 -0.18 44.69
N THR D 126 -13.33 -0.95 43.60
CA THR D 126 -14.47 -1.53 42.92
C THR D 126 -15.00 -2.72 43.71
N ILE D 127 -14.08 -3.55 44.21
CA ILE D 127 -14.43 -4.75 44.97
C ILE D 127 -15.12 -4.39 46.29
N LEU D 128 -14.58 -3.43 47.04
CA LEU D 128 -15.13 -3.05 48.35
C LEU D 128 -16.01 -1.83 48.19
N LYS D 129 -17.28 -1.95 48.55
CA LYS D 129 -18.13 -0.77 48.66
C LYS D 129 -18.33 -0.48 50.14
N ASP D 130 -17.88 0.71 50.57
CA ASP D 130 -18.12 1.17 51.93
C ASP D 130 -17.41 0.28 52.95
N GLY D 131 -16.22 -0.18 52.58
CA GLY D 131 -15.41 -1.00 53.45
C GLY D 131 -15.78 -2.47 53.53
N GLN D 132 -16.80 -2.90 52.79
CA GLN D 132 -17.17 -4.30 52.77
C GLN D 132 -17.29 -4.75 51.32
N PRO D 133 -17.06 -6.03 51.05
CA PRO D 133 -17.32 -6.54 49.70
C PRO D 133 -18.65 -6.08 49.13
N TRP D 134 -18.60 -5.41 47.97
CA TRP D 134 -19.83 -5.18 47.24
C TRP D 134 -20.49 -6.52 46.92
N ASP D 135 -21.83 -6.50 46.81
CA ASP D 135 -22.56 -7.68 46.34
C ASP D 135 -22.51 -7.75 44.81
N ALA D 136 -21.28 -7.74 44.29
CA ALA D 136 -21.05 -7.96 42.87
C ALA D 136 -21.63 -9.30 42.42
N ASN D 137 -22.13 -9.33 41.18
CA ASN D 137 -22.53 -10.60 40.61
C ASN D 137 -22.10 -10.77 39.16
N MET D 138 -21.40 -9.80 38.58
CA MET D 138 -20.81 -9.98 37.26
C MET D 138 -19.42 -9.38 37.25
N VAL D 139 -18.58 -9.89 36.34
CA VAL D 139 -17.21 -9.41 36.22
C VAL D 139 -16.93 -9.15 34.74
N LEU D 140 -16.47 -7.94 34.44
CA LEU D 140 -15.97 -7.60 33.12
C LEU D 140 -14.49 -7.27 33.27
N ASP D 141 -13.64 -8.00 32.55
CA ASP D 141 -12.20 -7.91 32.75
C ASP D 141 -11.45 -7.80 31.43
N ASP D 142 -10.26 -7.21 31.51
CA ASP D 142 -9.37 -7.04 30.35
C ASP D 142 -7.94 -7.29 30.83
N GLY D 143 -7.47 -8.52 30.65
CA GLY D 143 -6.16 -8.91 31.09
C GLY D 143 -6.15 -9.83 32.30
N GLY D 144 -7.24 -9.88 33.06
CA GLY D 144 -7.38 -10.86 34.14
C GLY D 144 -6.90 -10.44 35.52
N ASP D 145 -6.51 -9.18 35.70
CA ASP D 145 -6.03 -8.75 37.01
C ASP D 145 -7.15 -8.74 38.04
N LEU D 146 -8.32 -8.21 37.65
CA LEU D 146 -9.46 -8.24 38.55
C LEU D 146 -9.90 -9.67 38.79
N THR D 147 -9.85 -10.49 37.75
CA THR D 147 -10.17 -11.90 37.93
C THR D 147 -9.24 -12.55 38.94
N GLU D 148 -7.94 -12.30 38.80
CA GLU D 148 -6.97 -12.92 39.70
C GLU D 148 -7.21 -12.46 41.13
N ILE D 149 -7.41 -11.16 41.32
CA ILE D 149 -7.58 -10.64 42.68
C ILE D 149 -8.80 -11.24 43.34
N LEU D 150 -9.88 -11.40 42.57
CA LEU D 150 -11.09 -11.99 43.15
C LEU D 150 -10.86 -13.44 43.55
N HIS D 151 -10.11 -14.19 42.75
CA HIS D 151 -9.89 -15.59 43.08
C HIS D 151 -8.96 -15.75 44.27
N LYS D 152 -7.95 -14.89 44.37
CA LYS D 152 -6.91 -15.15 45.37
C LYS D 152 -7.13 -14.39 46.67
N LYS D 153 -7.92 -13.33 46.66
CA LYS D 153 -8.10 -12.49 47.83
C LYS D 153 -9.55 -12.39 48.27
N TYR D 154 -10.50 -12.58 47.35
CA TYR D 154 -11.92 -12.49 47.68
C TYR D 154 -12.70 -13.68 47.16
N PRO D 155 -12.21 -14.93 47.37
CA PRO D 155 -12.91 -16.08 46.78
C PRO D 155 -14.37 -16.14 47.18
N GLN D 156 -14.71 -15.72 48.41
CA GLN D 156 -16.10 -15.77 48.84
C GLN D 156 -16.99 -14.92 47.94
N MET D 157 -16.49 -13.81 47.40
CA MET D 157 -17.32 -13.03 46.49
C MET D 157 -17.66 -13.83 45.24
N LEU D 158 -16.76 -14.72 44.82
CA LEU D 158 -17.03 -15.48 43.61
C LEU D 158 -18.24 -16.38 43.77
N GLU D 159 -18.58 -16.73 45.01
CA GLU D 159 -19.76 -17.53 45.26
C GLU D 159 -21.04 -16.86 44.77
N ARG D 160 -21.02 -15.54 44.54
CA ARG D 160 -22.21 -14.82 44.11
C ARG D 160 -22.12 -14.26 42.71
N ILE D 161 -21.08 -14.57 41.95
CA ILE D 161 -20.86 -13.96 40.64
C ILE D 161 -21.25 -14.97 39.56
N HIS D 162 -22.07 -14.52 38.62
CA HIS D 162 -22.64 -15.36 37.58
C HIS D 162 -21.69 -15.61 36.43
N GLY D 163 -20.61 -14.84 36.32
CA GLY D 163 -19.62 -15.09 35.28
C GLY D 163 -18.64 -13.95 35.10
N ILE D 164 -17.69 -14.19 34.20
CA ILE D 164 -16.65 -13.23 33.81
C ILE D 164 -16.68 -13.09 32.29
N THR D 165 -16.62 -11.87 31.80
CA THR D 165 -16.49 -11.61 30.36
C THR D 165 -15.14 -10.93 30.15
N GLU D 166 -14.22 -11.67 29.53
CA GLU D 166 -12.81 -11.29 29.44
C GLU D 166 -12.49 -10.78 28.03
N GLU D 167 -11.77 -9.65 27.98
CA GLU D 167 -11.62 -8.86 26.75
C GLU D 167 -10.50 -9.35 25.85
N THR D 168 -9.37 -9.76 26.42
CA THR D 168 -8.17 -9.80 25.61
C THR D 168 -7.46 -11.14 25.74
N THR D 169 -6.51 -11.35 24.81
CA THR D 169 -5.87 -12.66 24.61
C THR D 169 -5.18 -13.13 25.87
N THR D 170 -4.36 -12.25 26.46
CA THR D 170 -3.67 -12.57 27.71
C THR D 170 -4.65 -12.96 28.81
N GLY D 171 -5.71 -12.16 28.98
CA GLY D 171 -6.74 -12.52 29.93
C GLY D 171 -7.37 -13.87 29.64
N VAL D 172 -7.69 -14.14 28.37
CA VAL D 172 -8.23 -15.46 28.05
C VAL D 172 -7.23 -16.54 28.41
N HIS D 173 -5.95 -16.33 28.11
CA HIS D 173 -4.96 -17.36 28.41
C HIS D 173 -4.89 -17.66 29.91
N ARG D 174 -5.02 -16.62 30.76
CA ARG D 174 -5.01 -16.87 32.19
C ARG D 174 -6.26 -17.62 32.63
N LEU D 175 -7.40 -17.31 32.02
CA LEU D 175 -8.61 -18.07 32.32
C LEU D 175 -8.41 -19.54 31.99
N LEU D 176 -7.79 -19.84 30.84
CA LEU D 176 -7.65 -21.23 30.41
C LEU D 176 -6.67 -21.97 31.31
N ASP D 177 -5.63 -21.29 31.76
CA ASP D 177 -4.76 -21.88 32.77
C ASP D 177 -5.57 -22.30 34.00
N MET D 178 -6.48 -21.43 34.47
CA MET D 178 -7.26 -21.74 35.67
C MET D 178 -8.31 -22.82 35.40
N LEU D 179 -8.95 -22.77 34.23
CA LEU D 179 -9.82 -23.87 33.86
C LEU D 179 -9.07 -25.19 33.87
N LYS D 180 -7.88 -25.22 33.29
CA LYS D 180 -7.09 -26.44 33.24
C LYS D 180 -6.71 -26.93 34.62
N ASN D 181 -6.51 -26.01 35.57
CA ASN D 181 -6.02 -26.41 36.89
C ASN D 181 -7.12 -26.56 37.94
N GLY D 182 -8.39 -26.39 37.57
CA GLY D 182 -9.48 -26.53 38.52
C GLY D 182 -9.65 -25.36 39.47
N THR D 183 -9.12 -24.19 39.12
CA THR D 183 -9.13 -23.03 39.98
C THR D 183 -10.10 -21.95 39.55
N LEU D 184 -10.65 -22.02 38.33
CA LEU D 184 -11.66 -21.07 37.89
C LEU D 184 -12.97 -21.33 38.65
N LYS D 185 -13.48 -20.29 39.31
CA LYS D 185 -14.62 -20.50 40.20
C LYS D 185 -15.96 -20.14 39.57
N VAL D 186 -15.95 -19.43 38.45
CA VAL D 186 -17.17 -19.02 37.75
C VAL D 186 -16.96 -19.14 36.26
N PRO D 187 -18.02 -19.41 35.49
CA PRO D 187 -17.85 -19.55 34.04
C PRO D 187 -17.47 -18.20 33.42
N ALA D 188 -16.88 -18.27 32.23
CA ALA D 188 -16.35 -17.10 31.53
C ALA D 188 -16.74 -17.15 30.06
N ILE D 189 -16.97 -15.97 29.48
CA ILE D 189 -17.09 -15.85 28.04
C ILE D 189 -15.84 -15.17 27.51
N ASN D 190 -15.19 -15.85 26.58
CA ASN D 190 -14.04 -15.34 25.84
C ASN D 190 -14.56 -14.35 24.80
N VAL D 191 -14.50 -13.06 25.12
CA VAL D 191 -14.92 -12.04 24.18
C VAL D 191 -13.88 -11.85 23.09
N ASN D 192 -12.60 -12.01 23.45
CA ASN D 192 -11.52 -11.79 22.53
C ASN D 192 -11.71 -12.55 21.20
N ASP D 193 -12.24 -13.77 21.26
CA ASP D 193 -12.20 -14.59 20.05
C ASP D 193 -13.43 -14.45 19.15
N SER D 194 -14.39 -13.59 19.46
CA SER D 194 -15.28 -13.11 18.41
C SER D 194 -14.44 -12.54 17.28
N VAL D 195 -14.88 -12.74 16.03
CA VAL D 195 -14.12 -12.16 14.94
C VAL D 195 -14.25 -10.64 14.96
N THR D 196 -15.41 -10.12 15.37
CA THR D 196 -15.61 -8.68 15.52
C THR D 196 -14.88 -8.12 16.72
N LYS D 197 -14.14 -8.95 17.44
CA LYS D 197 -13.19 -8.48 18.43
C LYS D 197 -11.77 -8.76 17.96
N SER D 198 -11.36 -10.02 17.87
CA SER D 198 -9.97 -10.36 17.56
C SER D 198 -9.50 -9.76 16.22
N LYS D 199 -10.22 -10.02 15.13
CA LYS D 199 -9.78 -9.56 13.82
CA LYS D 199 -9.79 -9.56 13.82
C LYS D 199 -10.31 -8.18 13.50
N ASN D 200 -10.56 -7.39 14.51
CA ASN D 200 -11.07 -6.04 14.37
C ASN D 200 -10.24 -5.18 15.31
N ASP D 201 -10.42 -5.42 16.61
CA ASP D 201 -9.69 -4.73 17.65
C ASP D 201 -8.20 -5.06 17.63
N ASN D 202 -7.87 -6.35 17.75
CA ASN D 202 -6.47 -6.73 17.97
C ASN D 202 -5.62 -6.34 16.78
N LYS D 203 -6.13 -6.53 15.58
CA LYS D 203 -5.35 -6.23 14.38
C LYS D 203 -5.55 -4.78 13.95
N TYR D 204 -6.77 -4.45 13.51
CA TYR D 204 -6.99 -3.13 12.92
C TYR D 204 -6.87 -2.02 13.96
N GLY D 205 -7.17 -2.30 15.22
CA GLY D 205 -7.01 -1.29 16.23
C GLY D 205 -5.57 -0.89 16.41
N CYS D 206 -4.68 -1.88 16.46
CA CYS D 206 -3.26 -1.60 16.52
C CYS D 206 -2.76 -0.95 15.23
N ARG D 207 -3.34 -1.31 14.09
CA ARG D 207 -2.98 -0.62 12.85
C ARG D 207 -3.20 0.88 13.00
N HIS D 208 -4.34 1.25 13.58
CA HIS D 208 -4.67 2.65 13.78
C HIS D 208 -3.78 3.30 14.83
N SER D 209 -3.61 2.63 15.99
CA SER D 209 -3.14 3.34 17.18
C SER D 209 -1.66 3.16 17.48
N LEU D 210 -0.95 2.24 16.79
CA LEU D 210 0.47 2.11 17.07
C LEU D 210 1.25 3.30 16.51
N ASN D 211 1.17 3.54 15.20
CA ASN D 211 1.89 4.68 14.66
CA ASN D 211 1.86 4.70 14.63
C ASN D 211 1.35 5.99 15.23
N ASP D 212 0.06 6.04 15.58
CA ASP D 212 -0.50 7.15 16.37
C ASP D 212 0.33 7.43 17.61
N ALA D 213 0.50 6.41 18.46
CA ALA D 213 1.23 6.58 19.71
C ALA D 213 2.71 6.89 19.49
N ILE D 214 3.31 6.34 18.45
CA ILE D 214 4.74 6.61 18.24
C ILE D 214 4.94 8.06 17.79
N LYS D 215 4.04 8.56 16.92
CA LYS D 215 4.09 9.95 16.50
C LYS D 215 3.86 10.90 17.66
N ARG D 216 2.91 10.57 18.55
CA ARG D 216 2.68 11.47 19.67
C ARG D 216 3.83 11.45 20.66
N GLY D 217 4.45 10.29 20.86
CA GLY D 217 5.51 10.18 21.85
C GLY D 217 6.81 10.80 21.37
N THR D 218 7.10 10.71 20.09
CA THR D 218 8.41 11.05 19.58
C THR D 218 8.36 12.03 18.44
N ASP D 219 7.24 12.13 17.73
CA ASP D 219 7.12 12.93 16.50
C ASP D 219 8.22 12.56 15.51
N HIS D 220 8.69 11.30 15.58
CA HIS D 220 9.69 10.79 14.66
C HIS D 220 9.07 10.48 13.31
N LEU D 221 9.72 10.93 12.25
CA LEU D 221 9.45 10.41 10.93
C LEU D 221 9.61 8.89 10.96
N LEU D 222 8.65 8.18 10.37
CA LEU D 222 8.76 6.71 10.30
C LEU D 222 9.21 6.24 8.93
N SER D 223 8.71 6.87 7.86
CA SER D 223 9.15 6.61 6.49
C SER D 223 10.65 6.46 6.38
N GLY D 224 11.08 5.40 5.71
CA GLY D 224 12.48 5.23 5.43
C GLY D 224 13.28 4.58 6.52
N LYS D 225 12.74 4.48 7.73
CA LYS D 225 13.47 3.91 8.84
C LYS D 225 13.16 2.41 8.99
N GLN D 226 13.99 1.76 9.79
CA GLN D 226 13.97 0.30 9.98
C GLN D 226 13.26 -0.06 11.27
N ALA D 227 12.23 -0.89 11.17
CA ALA D 227 11.51 -1.35 12.36
C ALA D 227 11.64 -2.87 12.49
N LEU D 228 11.71 -3.33 13.73
CA LEU D 228 11.64 -4.76 14.05
C LEU D 228 10.40 -4.96 14.88
N VAL D 229 9.45 -5.72 14.34
CA VAL D 229 8.27 -6.12 15.08
C VAL D 229 8.48 -7.56 15.55
N ILE D 230 8.40 -7.75 16.86
CA ILE D 230 8.48 -9.06 17.49
C ILE D 230 7.07 -9.60 17.57
N GLY D 231 6.75 -10.61 16.79
CA GLY D 231 5.41 -11.16 16.88
C GLY D 231 4.58 -10.79 15.65
N TYR D 232 3.75 -11.73 15.22
CA TYR D 232 2.94 -11.54 14.02
C TYR D 232 1.63 -12.30 14.18
N GLY D 233 1.09 -12.29 15.41
CA GLY D 233 -0.29 -12.64 15.71
C GLY D 233 -1.15 -11.49 15.24
N ASP D 234 -2.35 -11.40 15.82
CA ASP D 234 -3.25 -10.34 15.38
C ASP D 234 -2.66 -8.96 15.66
N VAL D 235 -2.14 -8.74 16.86
CA VAL D 235 -1.53 -7.47 17.21
C VAL D 235 -0.32 -7.20 16.34
N GLY D 236 0.57 -8.18 16.22
CA GLY D 236 1.77 -8.00 15.39
C GLY D 236 1.43 -7.75 13.93
N LYS D 237 0.43 -8.45 13.40
CA LYS D 237 -0.06 -8.14 12.05
C LYS D 237 -0.49 -6.69 11.93
N GLY D 238 -1.37 -6.25 12.84
CA GLY D 238 -1.83 -4.86 12.79
C GLY D 238 -0.69 -3.89 13.02
N SER D 239 0.21 -4.22 13.96
CA SER D 239 1.36 -3.37 14.25
C SER D 239 2.25 -3.22 13.03
N SER D 240 2.67 -4.34 12.45
CA SER D 240 3.49 -4.31 11.24
C SER D 240 2.84 -3.47 10.14
N GLN D 241 1.53 -3.58 9.96
CA GLN D 241 0.89 -2.76 8.93
C GLN D 241 0.90 -1.28 9.33
N SER D 242 0.70 -0.99 10.62
CA SER D 242 0.76 0.41 11.05
C SER D 242 2.07 1.06 10.63
N LEU D 243 3.15 0.32 10.71
CA LEU D 243 4.49 0.82 10.43
C LEU D 243 4.77 0.75 8.93
N ARG D 244 4.47 -0.38 8.28
CA ARG D 244 4.73 -0.47 6.84
C ARG D 244 3.94 0.59 6.06
N GLN D 245 2.69 0.86 6.44
CA GLN D 245 1.91 1.83 5.66
C GLN D 245 2.45 3.27 5.79
N GLU D 246 3.23 3.58 6.81
CA GLU D 246 3.94 4.84 6.96
C GLU D 246 5.26 4.84 6.21
N GLY D 247 5.62 3.73 5.60
CA GLY D 247 6.85 3.64 4.83
C GLY D 247 8.04 3.12 5.60
N MET D 248 7.84 2.52 6.78
CA MET D 248 8.98 1.90 7.43
C MET D 248 9.38 0.66 6.64
N ILE D 249 10.66 0.30 6.75
CA ILE D 249 11.15 -1.00 6.33
C ILE D 249 11.02 -1.89 7.56
N VAL D 250 10.04 -2.77 7.51
CA VAL D 250 9.61 -3.55 8.66
C VAL D 250 10.14 -4.97 8.50
N LYS D 251 10.84 -5.43 9.54
CA LYS D 251 11.23 -6.82 9.70
C LYS D 251 10.43 -7.43 10.84
N VAL D 252 10.08 -8.70 10.70
CA VAL D 252 9.20 -9.40 11.62
C VAL D 252 9.93 -10.60 12.17
N ALA D 253 9.81 -10.79 13.49
CA ALA D 253 10.31 -11.95 14.20
C ALA D 253 9.10 -12.76 14.65
N GLU D 254 9.27 -14.09 14.70
CA GLU D 254 8.18 -14.96 15.09
C GLU D 254 8.76 -16.28 15.57
N VAL D 255 8.02 -16.95 16.43
CA VAL D 255 8.34 -18.34 16.78
C VAL D 255 7.40 -19.29 16.08
N ASP D 256 6.28 -18.79 15.57
CA ASP D 256 5.25 -19.61 14.95
C ASP D 256 5.49 -19.56 13.45
N PRO D 257 5.93 -20.64 12.82
CA PRO D 257 6.30 -20.56 11.40
C PRO D 257 5.11 -20.28 10.50
N ILE D 258 3.90 -20.65 10.89
CA ILE D 258 2.73 -20.25 10.11
C ILE D 258 2.57 -18.74 10.14
N CYS D 259 2.74 -18.12 11.34
CA CYS D 259 2.68 -16.67 11.41
C CYS D 259 3.83 -16.05 10.64
N ALA D 260 5.03 -16.63 10.72
CA ALA D 260 6.16 -16.14 9.93
C ALA D 260 5.87 -16.26 8.43
N MET D 261 5.24 -17.37 8.02
N MET D 261 5.24 -17.36 8.02
CA MET D 261 4.86 -17.53 6.62
CA MET D 261 4.85 -17.52 6.62
C MET D 261 3.93 -16.41 6.17
C MET D 261 3.93 -16.41 6.17
N GLN D 262 2.99 -16.00 7.02
CA GLN D 262 2.07 -14.95 6.65
C GLN D 262 2.82 -13.63 6.44
N ALA D 263 3.79 -13.34 7.30
CA ALA D 263 4.58 -12.11 7.21
C ALA D 263 5.40 -12.06 5.92
N CYS D 264 6.09 -13.16 5.59
CA CYS D 264 6.74 -13.27 4.28
C CYS D 264 5.76 -12.94 3.17
N MET D 265 4.61 -13.60 3.17
CA MET D 265 3.66 -13.37 2.08
C MET D 265 3.07 -11.98 2.12
N ASP D 266 2.92 -11.39 3.31
CA ASP D 266 2.52 -9.99 3.37
C ASP D 266 3.64 -9.04 3.01
N GLY D 267 4.83 -9.55 2.69
CA GLY D 267 5.86 -8.69 2.16
C GLY D 267 6.86 -8.23 3.16
N PHE D 268 7.02 -8.93 4.27
CA PHE D 268 8.00 -8.57 5.28
C PHE D 268 9.15 -9.56 5.23
N GLU D 269 10.34 -9.08 5.57
CA GLU D 269 11.45 -9.98 5.83
C GLU D 269 11.34 -10.50 7.27
N VAL D 270 11.44 -11.82 7.44
CA VAL D 270 11.36 -12.44 8.75
C VAL D 270 12.77 -12.68 9.25
N VAL D 271 13.07 -12.16 10.45
CA VAL D 271 14.42 -12.18 11.00
C VAL D 271 14.35 -12.60 12.47
N SER D 272 15.49 -13.01 12.99
CA SER D 272 15.46 -13.23 14.41
C SER D 272 16.48 -12.33 15.10
N PRO D 273 16.19 -11.87 16.32
CA PRO D 273 17.23 -11.14 17.08
C PRO D 273 18.46 -11.96 17.34
N TYR D 274 18.36 -13.29 17.26
CA TYR D 274 19.45 -14.21 17.61
C TYR D 274 19.94 -14.92 16.35
N LYS D 275 21.24 -15.20 16.31
CA LYS D 275 21.80 -15.91 15.17
C LYS D 275 21.15 -17.29 15.07
N ASN D 276 20.67 -17.60 13.86
CA ASN D 276 19.92 -18.83 13.58
C ASN D 276 18.76 -19.04 14.53
N GLY D 277 18.27 -17.98 15.16
CA GLY D 277 17.07 -18.06 15.96
C GLY D 277 17.25 -18.68 17.32
N ILE D 278 18.49 -18.88 17.76
CA ILE D 278 18.78 -19.62 18.98
C ILE D 278 19.24 -18.63 20.04
N ASN D 279 18.35 -18.38 20.99
CA ASN D 279 18.55 -17.47 22.11
C ASN D 279 19.20 -18.26 23.24
N ASP D 280 20.54 -18.29 23.27
CA ASP D 280 21.24 -19.05 24.29
C ASP D 280 21.52 -18.25 25.56
N GLY D 281 21.14 -16.97 25.59
CA GLY D 281 21.30 -16.14 26.76
C GLY D 281 22.61 -15.40 26.81
N THR D 282 23.54 -15.69 25.92
CA THR D 282 24.83 -15.03 25.87
C THR D 282 24.77 -13.89 24.85
N GLU D 283 25.62 -12.89 25.06
CA GLU D 283 25.70 -11.78 24.10
C GLU D 283 26.08 -12.26 22.71
N ALA D 284 26.89 -13.31 22.63
CA ALA D 284 27.37 -13.77 21.33
C ALA D 284 26.24 -14.30 20.45
N SER D 285 25.08 -14.61 21.05
CA SER D 285 23.95 -15.09 20.26
C SER D 285 23.24 -13.97 19.51
N ILE D 286 23.35 -12.73 19.97
CA ILE D 286 22.60 -11.63 19.37
C ILE D 286 23.15 -11.33 17.97
N ASP D 287 22.24 -11.18 17.01
CA ASP D 287 22.63 -10.60 15.73
C ASP D 287 22.84 -9.09 15.89
N ALA D 288 24.08 -8.69 16.23
CA ALA D 288 24.39 -7.29 16.49
C ALA D 288 24.28 -6.44 15.23
N ALA D 289 24.66 -7.01 14.08
CA ALA D 289 24.52 -6.26 12.84
C ALA D 289 23.07 -5.95 12.55
N LEU D 290 22.16 -6.87 12.89
CA LEU D 290 20.74 -6.62 12.68
C LEU D 290 20.20 -5.58 13.65
N LEU D 291 20.41 -5.78 14.96
CA LEU D 291 19.86 -4.86 15.94
C LEU D 291 20.49 -3.47 15.81
N GLY D 292 21.75 -3.41 15.38
CA GLY D 292 22.42 -2.12 15.17
C GLY D 292 21.84 -1.29 14.04
N LYS D 293 20.93 -1.84 13.24
CA LYS D 293 20.28 -1.13 12.16
C LYS D 293 18.84 -0.76 12.45
N ILE D 294 18.31 -1.18 13.59
CA ILE D 294 16.88 -1.05 13.85
C ILE D 294 16.60 0.29 14.52
N ASP D 295 15.71 1.07 13.91
CA ASP D 295 15.31 2.35 14.50
C ASP D 295 14.16 2.22 15.48
N LEU D 296 13.42 1.13 15.42
CA LEU D 296 12.21 0.97 16.19
C LEU D 296 12.00 -0.52 16.42
N ILE D 297 11.77 -0.92 17.67
CA ILE D 297 11.38 -2.29 17.96
C ILE D 297 10.06 -2.24 18.74
N VAL D 298 9.10 -3.04 18.31
CA VAL D 298 7.76 -3.09 18.89
C VAL D 298 7.52 -4.55 19.30
N THR D 299 7.22 -4.79 20.57
CA THR D 299 6.90 -6.15 21.02
C THR D 299 5.39 -6.33 20.96
N THR D 300 4.95 -7.50 20.45
CA THR D 300 3.52 -7.72 20.30
C THR D 300 3.08 -9.13 20.73
N THR D 301 3.88 -9.83 21.53
CA THR D 301 3.77 -11.27 21.65
C THR D 301 2.78 -11.77 22.72
N GLY D 302 2.60 -11.03 23.81
CA GLY D 302 1.98 -11.64 24.98
C GLY D 302 2.91 -12.54 25.74
N ASN D 303 4.18 -12.57 25.34
CA ASN D 303 5.18 -13.45 25.92
C ASN D 303 6.08 -12.61 26.83
N VAL D 304 7.15 -13.22 27.33
CA VAL D 304 7.99 -12.58 28.32
C VAL D 304 9.40 -12.47 27.75
N ASN D 305 9.97 -11.26 27.86
CA ASN D 305 11.39 -11.03 27.57
C ASN D 305 11.71 -11.31 26.09
N VAL D 306 10.82 -10.84 25.22
CA VAL D 306 11.08 -10.95 23.79
C VAL D 306 11.93 -9.80 23.28
N CYS D 307 12.12 -8.76 24.08
CA CYS D 307 13.11 -7.74 23.80
C CYS D 307 14.01 -7.73 25.04
N ASP D 308 15.02 -8.59 25.06
CA ASP D 308 15.73 -8.85 26.30
C ASP D 308 16.88 -7.87 26.48
N ALA D 309 17.66 -8.07 27.56
CA ALA D 309 18.73 -7.15 27.89
C ALA D 309 19.79 -7.12 26.80
N ASN D 310 20.20 -8.29 26.32
CA ASN D 310 21.28 -8.34 25.34
C ASN D 310 20.87 -7.68 24.04
N MET D 311 19.60 -7.81 23.67
CA MET D 311 19.05 -7.05 22.55
C MET D 311 19.13 -5.55 22.81
N LEU D 312 18.68 -5.14 24.00
CA LEU D 312 18.69 -3.73 24.34
C LEU D 312 20.11 -3.18 24.29
N LYS D 313 21.08 -3.97 24.74
CA LYS D 313 22.47 -3.54 24.70
C LYS D 313 22.95 -3.31 23.28
N ALA D 314 22.41 -4.08 22.32
CA ALA D 314 22.90 -4.08 20.96
C ALA D 314 22.08 -3.19 20.02
N LEU D 315 20.94 -2.68 20.46
CA LEU D 315 20.13 -1.84 19.59
C LEU D 315 20.91 -0.63 19.09
N LYS D 316 20.59 -0.22 17.86
CA LYS D 316 21.08 1.04 17.32
C LYS D 316 20.89 2.18 18.32
N LYS D 317 21.91 3.04 18.46
CA LYS D 317 21.75 4.20 19.33
C LYS D 317 20.52 4.99 18.92
N ARG D 318 19.77 5.45 19.92
CA ARG D 318 18.62 6.34 19.77
C ARG D 318 17.42 5.64 19.17
N ALA D 319 17.46 4.33 19.10
CA ALA D 319 16.28 3.58 18.68
C ALA D 319 15.15 3.74 19.69
N VAL D 320 13.93 3.62 19.18
CA VAL D 320 12.71 3.68 19.95
C VAL D 320 12.29 2.26 20.31
N VAL D 321 11.96 2.06 21.58
CA VAL D 321 11.54 0.76 22.09
C VAL D 321 10.15 0.91 22.66
N CYS D 322 9.24 0.02 22.24
CA CYS D 322 7.91 0.08 22.85
C CYS D 322 7.24 -1.29 22.79
N ASN D 323 6.16 -1.40 23.56
CA ASN D 323 5.41 -2.63 23.72
C ASN D 323 3.92 -2.37 23.55
N ILE D 324 3.28 -3.14 22.69
CA ILE D 324 1.83 -3.05 22.52
C ILE D 324 1.12 -4.33 22.95
N GLY D 325 1.84 -5.31 23.50
CA GLY D 325 1.20 -6.39 24.22
C GLY D 325 0.63 -5.89 25.55
N HIS D 326 -0.04 -6.79 26.26
CA HIS D 326 -0.78 -6.38 27.45
C HIS D 326 0.12 -6.03 28.63
N PHE D 327 1.26 -6.68 28.79
CA PHE D 327 2.06 -6.51 29.99
C PHE D 327 3.47 -6.05 29.61
N ASP D 328 4.09 -5.27 30.51
CA ASP D 328 5.36 -4.65 30.20
C ASP D 328 6.55 -5.60 30.27
N ASN D 329 6.35 -6.82 30.75
CA ASN D 329 7.50 -7.71 30.79
C ASN D 329 7.91 -8.25 29.42
N GLU D 330 7.24 -7.83 28.34
CA GLU D 330 7.74 -8.16 27.01
C GLU D 330 9.12 -7.58 26.78
N ILE D 331 9.40 -6.42 27.38
CA ILE D 331 10.70 -5.76 27.34
C ILE D 331 11.34 -5.92 28.72
N ASP D 332 12.64 -6.17 28.74
CA ASP D 332 13.36 -6.23 30.01
C ASP D 332 13.63 -4.81 30.51
N THR D 333 12.56 -4.14 30.95
CA THR D 333 12.72 -2.83 31.55
C THR D 333 13.33 -2.92 32.94
N ALA D 334 13.20 -4.07 33.61
CA ALA D 334 13.86 -4.26 34.90
C ALA D 334 15.37 -4.16 34.75
N PHE D 335 15.92 -4.74 33.68
CA PHE D 335 17.36 -4.62 33.42
C PHE D 335 17.74 -3.16 33.21
N MET D 336 16.88 -2.40 32.52
CA MET D 336 17.23 -1.01 32.23
C MET D 336 17.10 -0.12 33.45
N ARG D 337 16.16 -0.42 34.36
CA ARG D 337 16.09 0.33 35.60
C ARG D 337 17.32 0.08 36.47
N LYS D 338 17.81 -1.17 36.49
CA LYS D 338 18.93 -1.52 37.36
C LYS D 338 20.23 -0.88 36.87
N ASN D 339 20.44 -0.82 35.56
CA ASN D 339 21.75 -0.56 34.97
C ASN D 339 21.90 0.79 34.27
N TRP D 340 20.81 1.41 33.80
CA TRP D 340 20.92 2.57 32.92
C TRP D 340 20.13 3.75 33.48
N ALA D 341 20.61 4.95 33.20
CA ALA D 341 20.00 6.15 33.74
C ALA D 341 18.83 6.56 32.87
N TRP D 342 17.70 6.81 33.50
CA TRP D 342 16.49 7.20 32.80
C TRP D 342 16.32 8.70 32.84
N GLU D 343 16.01 9.29 31.70
CA GLU D 343 15.76 10.72 31.59
C GLU D 343 14.36 10.91 31.05
N GLU D 344 13.46 11.45 31.86
CA GLU D 344 12.10 11.65 31.34
C GLU D 344 12.10 12.79 30.32
N VAL D 345 11.69 12.49 29.08
CA VAL D 345 11.52 13.55 28.10
C VAL D 345 10.26 14.34 28.40
N LYS D 346 9.17 13.65 28.64
CA LYS D 346 7.85 14.19 28.89
C LYS D 346 7.08 12.97 29.39
N PRO D 347 5.87 13.10 29.91
CA PRO D 347 5.19 11.92 30.45
C PRO D 347 5.12 10.78 29.45
N GLN D 348 5.42 9.57 29.93
CA GLN D 348 5.37 8.33 29.15
C GLN D 348 6.40 8.31 28.00
N VAL D 349 7.44 9.14 28.09
CA VAL D 349 8.59 9.10 27.18
C VAL D 349 9.86 9.26 28.00
N HIS D 350 10.72 8.25 27.98
CA HIS D 350 12.01 8.34 28.65
C HIS D 350 13.14 8.01 27.70
N LYS D 351 14.25 8.73 27.86
CA LYS D 351 15.52 8.36 27.28
C LYS D 351 16.26 7.50 28.27
N ILE D 352 16.77 6.36 27.81
CA ILE D 352 17.47 5.42 28.68
C ILE D 352 18.93 5.43 28.25
N HIS D 353 19.79 5.95 29.12
CA HIS D 353 21.19 6.23 28.80
C HIS D 353 22.04 5.03 29.15
N ARG D 354 22.58 4.37 28.13
CA ARG D 354 23.36 3.15 28.28
C ARG D 354 24.77 3.42 28.79
N THR D 355 25.05 4.66 29.14
CA THR D 355 26.37 5.02 29.67
C THR D 355 26.55 4.56 31.11
N GLY D 356 25.50 4.25 31.81
CA GLY D 356 25.62 3.85 33.21
C GLY D 356 24.40 4.26 34.00
N LYS D 357 24.45 3.90 35.29
CA LYS D 357 23.27 3.99 36.15
C LYS D 357 23.12 5.39 36.72
N ASP D 358 24.22 5.94 37.23
CA ASP D 358 24.16 7.12 38.07
C ASP D 358 24.38 8.34 37.20
N GLY D 359 23.27 9.00 36.86
CA GLY D 359 23.37 10.21 36.09
C GLY D 359 23.71 9.94 34.64
N PHE D 360 23.65 10.99 33.84
CA PHE D 360 23.88 10.94 32.41
C PHE D 360 24.30 12.33 31.95
N ASP D 361 25.05 12.36 30.86
CA ASP D 361 25.28 13.60 30.14
C ASP D 361 24.02 13.96 29.35
N ALA D 362 23.56 15.21 29.48
CA ALA D 362 22.37 15.65 28.75
C ALA D 362 22.52 15.51 27.25
N HIS D 363 23.75 15.48 26.74
CA HIS D 363 24.02 15.34 25.31
C HIS D 363 24.61 13.99 24.95
N ASN D 364 24.59 13.02 25.87
CA ASN D 364 24.94 11.65 25.51
C ASN D 364 24.16 11.22 24.27
N ASP D 365 24.86 10.62 23.31
CA ASP D 365 24.23 10.09 22.10
C ASP D 365 23.85 8.62 22.25
N ASP D 366 24.31 7.95 23.29
CA ASP D 366 24.09 6.53 23.48
C ASP D 366 22.89 6.34 24.42
N TYR D 367 21.70 6.39 23.84
CA TYR D 367 20.49 6.21 24.62
C TYR D 367 19.44 5.57 23.72
N LEU D 368 18.47 4.92 24.36
CA LEU D 368 17.27 4.44 23.71
C LEU D 368 16.09 5.26 24.20
N ILE D 369 15.04 5.32 23.40
CA ILE D 369 13.82 6.03 23.77
C ILE D 369 12.73 5.00 24.09
N LEU D 370 12.29 4.97 25.35
CA LEU D 370 11.27 4.03 25.81
C LEU D 370 9.93 4.73 25.94
N LEU D 371 8.89 4.14 25.36
CA LEU D 371 7.55 4.71 25.38
C LEU D 371 6.71 4.01 26.44
N ALA D 372 6.00 4.80 27.26
CA ALA D 372 5.06 4.29 28.26
C ALA D 372 5.72 3.37 29.26
N GLU D 373 7.02 3.51 29.47
CA GLU D 373 7.77 2.64 30.38
C GLU D 373 7.50 1.16 30.08
N GLY D 374 7.27 0.84 28.81
CA GLY D 374 7.03 -0.54 28.43
C GLY D 374 5.58 -0.97 28.46
N ARG D 375 4.68 -0.16 28.99
CA ARG D 375 3.27 -0.54 29.03
C ARG D 375 2.67 -0.35 27.65
N LEU D 376 1.44 -0.85 27.48
CA LEU D 376 0.75 -0.82 26.18
C LEU D 376 0.92 0.55 25.55
N VAL D 377 1.67 0.64 24.43
CA VAL D 377 2.09 1.97 23.99
C VAL D 377 0.92 2.73 23.36
N ASN D 378 -0.03 2.01 22.72
CA ASN D 378 -1.12 2.72 22.06
C ASN D 378 -1.99 3.45 23.09
N LEU D 379 -2.26 2.81 24.23
CA LEU D 379 -3.06 3.47 25.27
C LEU D 379 -2.21 4.40 26.12
N GLY D 380 -0.92 4.08 26.30
CA GLY D 380 -0.07 4.91 27.13
C GLY D 380 0.31 6.20 26.46
N ASN D 381 0.56 6.18 25.15
CA ASN D 381 1.07 7.35 24.47
C ASN D 381 0.06 7.97 23.51
N ALA D 382 -1.09 7.36 23.33
CA ALA D 382 -2.17 7.98 22.56
C ALA D 382 -3.47 7.61 23.25
N THR D 383 -4.51 7.25 22.50
CA THR D 383 -5.81 6.96 23.12
C THR D 383 -6.30 5.56 22.78
N GLY D 384 -5.38 4.64 22.55
CA GLY D 384 -5.88 3.34 22.22
C GLY D 384 -6.59 3.28 20.87
N HIS D 385 -7.42 2.26 20.75
CA HIS D 385 -8.13 2.01 19.51
C HIS D 385 -9.26 3.03 19.36
N PRO D 386 -9.66 3.34 18.13
CA PRO D 386 -10.75 4.29 17.92
C PRO D 386 -12.13 3.70 18.22
N SER D 387 -13.07 4.60 18.49
CA SER D 387 -14.43 4.23 18.85
C SER D 387 -15.03 3.23 17.86
N ARG D 388 -14.90 3.48 16.56
CA ARG D 388 -15.61 2.64 15.61
C ARG D 388 -15.11 1.20 15.65
N ILE D 389 -13.84 1.01 16.00
CA ILE D 389 -13.29 -0.31 16.22
C ILE D 389 -13.73 -0.87 17.57
N MET D 390 -13.57 -0.10 18.66
CA MET D 390 -13.98 -0.60 19.96
C MET D 390 -15.45 -0.94 20.00
N ASP D 391 -16.25 -0.31 19.13
CA ASP D 391 -17.67 -0.64 18.98
C ASP D 391 -17.87 -2.15 18.94
N GLY D 392 -17.07 -2.85 18.12
CA GLY D 392 -17.25 -4.29 17.95
C GLY D 392 -16.92 -5.06 19.22
N SER D 393 -15.75 -4.78 19.78
CA SER D 393 -15.37 -5.44 21.04
C SER D 393 -16.42 -5.21 22.12
N PHE D 394 -16.85 -3.98 22.30
CA PHE D 394 -17.74 -3.70 23.41
C PHE D 394 -19.17 -4.15 23.13
N ALA D 395 -19.58 -4.20 21.86
CA ALA D 395 -20.87 -4.82 21.57
C ALA D 395 -20.86 -6.30 22.00
N ASN D 396 -19.76 -7.00 21.73
CA ASN D 396 -19.61 -8.37 22.22
C ASN D 396 -19.60 -8.41 23.74
N GLN D 397 -18.89 -7.47 24.37
CA GLN D 397 -18.84 -7.43 25.83
C GLN D 397 -20.23 -7.34 26.42
N VAL D 398 -21.08 -6.51 25.82
CA VAL D 398 -22.44 -6.33 26.32
C VAL D 398 -23.26 -7.60 26.13
N LEU D 399 -23.18 -8.19 24.92
CA LEU D 399 -23.89 -9.44 24.68
C LEU D 399 -23.44 -10.53 25.64
N ALA D 400 -22.13 -10.65 25.84
CA ALA D 400 -21.64 -11.66 26.77
C ALA D 400 -22.11 -11.38 28.20
N GLN D 401 -22.10 -10.11 28.63
CA GLN D 401 -22.60 -9.80 29.97
C GLN D 401 -24.06 -10.16 30.11
N ILE D 402 -24.87 -9.78 29.13
CA ILE D 402 -26.28 -10.15 29.16
C ILE D 402 -26.42 -11.65 29.30
N HIS D 403 -25.60 -12.41 28.56
CA HIS D 403 -25.81 -13.85 28.48
C HIS D 403 -25.40 -14.56 29.76
N LEU D 404 -24.22 -14.23 30.30
CA LEU D 404 -23.80 -14.86 31.54
C LEU D 404 -24.71 -14.46 32.70
N PHE D 405 -25.14 -13.20 32.72
CA PHE D 405 -26.06 -12.78 33.78
C PHE D 405 -27.36 -13.58 33.72
N GLU D 406 -27.87 -13.84 32.51
CA GLU D 406 -29.10 -14.61 32.40
C GLU D 406 -28.91 -16.06 32.80
N GLN D 407 -27.70 -16.59 32.69
CA GLN D 407 -27.47 -18.01 33.00
C GLN D 407 -27.56 -18.28 34.50
N LYS D 408 -27.19 -17.31 35.35
CA LYS D 408 -27.33 -17.41 36.81
C LYS D 408 -26.48 -18.53 37.42
N TYR D 409 -25.24 -18.67 36.95
CA TYR D 409 -24.37 -19.73 37.48
C TYR D 409 -24.32 -19.70 39.00
N ALA D 410 -24.33 -18.50 39.60
CA ALA D 410 -24.22 -18.38 41.04
C ALA D 410 -25.38 -19.01 41.80
N ASP D 411 -26.47 -19.36 41.11
CA ASP D 411 -27.69 -19.86 41.74
C ASP D 411 -27.90 -21.36 41.52
N LEU D 412 -26.89 -22.09 41.04
CA LEU D 412 -27.13 -23.45 40.55
C LEU D 412 -26.55 -24.51 41.50
N PRO D 413 -27.10 -25.73 41.49
CA PRO D 413 -26.53 -26.80 42.32
C PRO D 413 -25.07 -27.09 41.97
N ALA D 414 -24.33 -27.58 42.97
CA ALA D 414 -22.87 -27.68 42.87
C ALA D 414 -22.43 -28.53 41.68
N ALA D 415 -23.14 -29.63 41.41
CA ALA D 415 -22.69 -30.56 40.38
C ALA D 415 -22.92 -30.03 38.97
N GLU D 416 -24.00 -29.28 38.74
CA GLU D 416 -24.14 -28.62 37.45
C GLU D 416 -23.18 -27.45 37.32
N LYS D 417 -22.62 -26.95 38.43
CA LYS D 417 -21.58 -25.94 38.31
C LYS D 417 -20.39 -26.49 37.54
N ALA D 418 -20.03 -27.75 37.78
CA ALA D 418 -18.98 -28.37 36.97
C ALA D 418 -19.36 -28.38 35.50
N LYS D 419 -20.64 -28.60 35.19
CA LYS D 419 -21.09 -28.60 33.80
C LYS D 419 -21.14 -27.19 33.21
N ARG D 420 -21.46 -26.19 34.05
CA ARG D 420 -21.42 -24.81 33.59
C ARG D 420 -20.02 -24.21 33.65
N LEU D 421 -19.12 -24.77 34.45
CA LEU D 421 -17.77 -24.24 34.57
C LEU D 421 -16.99 -24.35 33.26
N SER D 422 -17.07 -23.32 32.43
CA SER D 422 -16.48 -23.38 31.11
C SER D 422 -16.09 -21.99 30.66
N VAL D 423 -15.17 -21.95 29.70
CA VAL D 423 -14.82 -20.74 28.98
C VAL D 423 -15.39 -20.88 27.59
N GLU D 424 -16.38 -20.06 27.26
CA GLU D 424 -17.08 -20.18 25.99
C GLU D 424 -16.86 -18.93 25.15
N VAL D 425 -17.15 -19.06 23.86
CA VAL D 425 -17.20 -17.91 22.97
C VAL D 425 -18.66 -17.65 22.63
N LEU D 426 -18.95 -16.41 22.26
CA LEU D 426 -20.28 -16.08 21.76
C LEU D 426 -20.56 -16.82 20.46
N PRO D 427 -21.83 -17.15 20.20
CA PRO D 427 -22.16 -17.88 18.98
C PRO D 427 -21.91 -17.04 17.73
N LYS D 428 -21.61 -17.73 16.64
CA LYS D 428 -21.19 -17.02 15.44
C LYS D 428 -22.31 -16.11 14.94
N LYS D 429 -23.57 -16.55 15.12
CA LYS D 429 -24.68 -15.71 14.69
C LYS D 429 -24.61 -14.34 15.35
N LEU D 430 -24.22 -14.30 16.62
CA LEU D 430 -24.10 -13.01 17.31
C LEU D 430 -22.92 -12.23 16.76
N ASP D 431 -21.79 -12.92 16.53
CA ASP D 431 -20.64 -12.32 15.89
C ASP D 431 -21.04 -11.61 14.61
N GLU D 432 -21.86 -12.27 13.78
CA GLU D 432 -22.28 -11.72 12.49
C GLU D 432 -23.22 -10.53 12.67
N GLU D 433 -24.10 -10.58 13.67
CA GLU D 433 -25.00 -9.46 13.89
C GLU D 433 -24.24 -8.21 14.31
N VAL D 434 -23.18 -8.37 15.11
CA VAL D 434 -22.33 -7.23 15.42
C VAL D 434 -21.62 -6.74 14.16
N ALA D 435 -21.05 -7.68 13.40
CA ALA D 435 -20.44 -7.34 12.12
C ALA D 435 -21.36 -6.49 11.25
N LEU D 436 -22.63 -6.87 11.14
CA LEU D 436 -23.54 -6.18 10.25
C LEU D 436 -23.73 -4.73 10.66
N GLU D 437 -23.94 -4.48 11.96
CA GLU D 437 -24.04 -3.11 12.41
C GLU D 437 -22.76 -2.34 12.18
N MET D 438 -21.61 -2.98 12.33
CA MET D 438 -20.35 -2.32 12.01
C MET D 438 -20.31 -1.92 10.54
N VAL D 439 -20.59 -2.87 9.64
CA VAL D 439 -20.57 -2.58 8.21
C VAL D 439 -21.49 -1.41 7.90
N LYS D 440 -22.71 -1.44 8.44
CA LYS D 440 -23.66 -0.36 8.18
C LYS D 440 -23.15 0.97 8.72
N GLY D 441 -22.30 0.94 9.75
CA GLY D 441 -21.68 2.17 10.21
C GLY D 441 -20.79 2.79 9.14
N PHE D 442 -20.25 1.97 8.26
CA PHE D 442 -19.46 2.41 7.13
C PHE D 442 -20.28 2.78 5.91
N GLY D 443 -21.61 2.65 6.00
CA GLY D 443 -22.40 2.78 4.81
C GLY D 443 -22.36 1.56 3.92
N GLY D 444 -21.72 0.47 4.37
CA GLY D 444 -21.71 -0.73 3.58
C GLY D 444 -23.10 -1.32 3.41
N VAL D 445 -23.30 -2.02 2.30
CA VAL D 445 -24.53 -2.76 2.03
C VAL D 445 -24.16 -4.22 1.83
N VAL D 446 -24.65 -5.06 2.73
CA VAL D 446 -24.46 -6.50 2.64
C VAL D 446 -25.51 -7.08 1.71
N THR D 447 -25.10 -7.98 0.82
CA THR D 447 -26.04 -8.65 -0.08
C THR D 447 -26.73 -9.80 0.63
N GLN D 448 -28.01 -10.00 0.31
CA GLN D 448 -28.78 -11.12 0.84
C GLN D 448 -28.80 -12.25 -0.16
N LEU D 449 -28.48 -13.45 0.32
CA LEU D 449 -28.58 -14.64 -0.49
C LEU D 449 -30.01 -14.86 -0.95
N THR D 450 -30.16 -15.32 -2.18
CA THR D 450 -31.43 -15.91 -2.57
C THR D 450 -31.57 -17.27 -1.89
N PRO D 451 -32.79 -17.78 -1.77
CA PRO D 451 -32.94 -19.15 -1.26
C PRO D 451 -32.15 -20.18 -2.05
N LYS D 452 -32.14 -20.09 -3.39
CA LYS D 452 -31.36 -21.03 -4.20
C LYS D 452 -29.87 -20.90 -3.92
N GLN D 453 -29.39 -19.68 -3.73
CA GLN D 453 -27.98 -19.48 -3.40
C GLN D 453 -27.65 -20.06 -2.03
N ALA D 454 -28.45 -19.73 -1.03
CA ALA D 454 -28.27 -20.31 0.30
C ALA D 454 -28.27 -21.84 0.25
N GLU D 455 -29.24 -22.42 -0.46
CA GLU D 455 -29.24 -23.87 -0.64
C GLU D 455 -27.96 -24.36 -1.29
N TYR D 456 -27.42 -23.60 -2.24
CA TYR D 456 -26.26 -24.06 -2.99
C TYR D 456 -25.03 -24.17 -2.10
N ILE D 457 -24.81 -23.20 -1.19
CA ILE D 457 -23.64 -23.26 -0.34
C ILE D 457 -23.95 -23.85 1.04
N GLY D 458 -25.17 -24.28 1.27
CA GLY D 458 -25.49 -25.02 2.47
C GLY D 458 -25.67 -24.16 3.71
N VAL D 459 -26.16 -22.94 3.56
CA VAL D 459 -26.37 -22.06 4.71
C VAL D 459 -27.82 -21.59 4.72
N SER D 460 -28.25 -21.13 5.88
CA SER D 460 -29.51 -20.41 5.92
C SER D 460 -29.32 -19.01 5.33
N VAL D 461 -30.40 -18.46 4.76
CA VAL D 461 -30.31 -17.13 4.19
C VAL D 461 -29.85 -16.13 5.24
N GLU D 462 -30.23 -16.34 6.50
CA GLU D 462 -29.95 -15.45 7.62
C GLU D 462 -28.59 -15.72 8.27
N GLY D 463 -27.84 -16.70 7.77
CA GLY D 463 -26.62 -17.11 8.41
C GLY D 463 -26.89 -18.01 9.61
N PRO D 464 -25.83 -18.47 10.30
CA PRO D 464 -24.42 -18.14 10.07
C PRO D 464 -23.93 -18.66 8.71
N PHE D 465 -23.02 -17.91 8.09
CA PHE D 465 -22.62 -18.17 6.71
C PHE D 465 -21.39 -19.05 6.65
N LYS D 466 -20.78 -19.33 7.79
CA LYS D 466 -19.52 -20.04 7.88
C LYS D 466 -19.65 -21.04 9.01
N PRO D 467 -18.98 -22.19 8.93
CA PRO D 467 -18.88 -23.08 10.09
C PRO D 467 -17.97 -22.47 11.15
N ASP D 468 -18.06 -23.01 12.37
CA ASP D 468 -17.25 -22.48 13.47
C ASP D 468 -15.76 -22.65 13.21
N THR D 469 -15.37 -23.60 12.36
CA THR D 469 -13.97 -23.80 12.03
C THR D 469 -13.41 -22.77 11.04
N TYR D 470 -14.26 -21.93 10.47
CA TYR D 470 -13.81 -20.98 9.45
C TYR D 470 -12.92 -19.90 10.05
N ARG D 471 -11.79 -19.63 9.40
CA ARG D 471 -10.77 -18.78 9.99
C ARG D 471 -10.84 -17.33 9.53
N TYR D 472 -11.57 -17.04 8.46
CA TYR D 472 -11.66 -15.70 7.90
C TYR D 472 -10.28 -15.20 7.54
#